data_8Z0B
#
_entry.id   8Z0B
#
_cell.length_a   1.00
_cell.length_b   1.00
_cell.length_c   1.00
_cell.angle_alpha   90.00
_cell.angle_beta   90.00
_cell.angle_gamma   90.00
#
_symmetry.space_group_name_H-M   'P 1'
#
loop_
_entity.id
_entity.type
_entity.pdbx_description
1 polymer 'ABC transporter G family member 23-like Protein'
2 non-polymer 'ethyl ~{N}-[2-(4-phenoxyphenoxy)ethyl]carbamate'
3 non-polymer '[(2~{R})-1-[2-azanylethoxy(oxidanyl)phosphoryl]oxy-3-[(5~{Z},8~{Z},11~{E},14~{E},17~{Z})-icosa-5,8,11,14,17-pentaenoxy]propan-2-yl] octadecanoate'
#
_entity_poly.entity_id   1
_entity_poly.type   'polypeptide(L)'
_entity_poly.pdbx_seq_one_letter_code
;MGEDDKLKRMFSWSSNALSEGSAMGERVEPVVPGPDLVGVNVERPPAPLVHQQSTVWSKRQHAVCVRHAFKQYGSKKNPN
HVLSDLNMTVAKGTIYGLLGASGCGKTTLLSCIVGRRRLNTGEIWVLGGKPGTKGSGVPGKRVGYMPQEIALYGEFSIKE
TMMYFGWIFGMESSEINERLQFLLNFLDLPSQNRLVKNLSGGQQRRVSFAVALMHDPELLILDEPTVGVDPLLRQSIWNH
LVQITKDGNKTVIITTHYIEEARQAHTIGLMRSGKLLAEESPHVLLSMYGCQSLEEVFLKLSRKQGQANQNDINISNNIS
LATLNWGKKDSISVTEESGVVGLNFHQSKEILIADSTNGHIDLNGLGKPSSSKSSMADACDDCSCSDMTSWGKIKALLQK
NFLRMWRNVGVMLFIFALPVMQVILFCLAIGRDPTGLKLAIVNHEKNYTNQSYQECSFDYGCKFSYLSCRYLNNLRNSTI
LKEYYPDPESAVDAVKQGHAWGALYFTENFTDALVARMALGKDADPETLDQSEVRVWLDMSNQQIGIILQRDLQLSYQDF
AKDLLGACEQNPDLAEIPISFKEPIYGSNKPSFTDFVAPGVILTIVFFLAVALTSSALIIERMEGLLDRSWVAGVTPGEI
LFSHVVTQFVVMCGQTALVLIFMILVFGVQCKGDIGWVIVLTILQGLCGMCFGFVISAICELERNAIQLALGSFYPTLLL
SGVIWPIEGMPTVLRYVSTFLPLTLATTSLRAMLTRGWSIAEPAVYYGFLATIIWIVAFLTISMLVLRFKR
;
_entity_poly.pdbx_strand_id   A,B
#
loop_
_chem_comp.id
_chem_comp.type
_chem_comp.name
_chem_comp.formula
A1D7S non-polymer '[(2~{R})-1-[2-azanylethoxy(oxidanyl)phosphoryl]oxy-3-[(5~{Z},8~{Z},11~{E},14~{E},17~{Z})-icosa-5,8,11,14,17-pentaenoxy]propan-2-yl] octadecanoate' 'C43 H78 N O7 P'
A1D7U non-polymer 'ethyl ~{N}-[2-(4-phenoxyphenoxy)ethyl]carbamate' 'C17 H19 N O4'
#
# COMPACT_ATOMS: atom_id res chain seq x y z
N HIS A 62 -19.09 -46.74 -21.51
CA HIS A 62 -18.91 -46.06 -20.23
C HIS A 62 -18.10 -44.79 -20.39
N ALA A 63 -18.77 -43.64 -20.25
CA ALA A 63 -18.06 -42.36 -20.37
C ALA A 63 -17.13 -42.13 -19.19
N VAL A 64 -17.59 -42.42 -17.97
CA VAL A 64 -16.82 -42.17 -16.75
C VAL A 64 -16.87 -43.41 -15.88
N CYS A 65 -15.72 -43.83 -15.37
CA CYS A 65 -15.63 -44.91 -14.39
C CYS A 65 -14.73 -44.44 -13.25
N VAL A 66 -15.25 -44.46 -12.03
CA VAL A 66 -14.55 -43.91 -10.88
C VAL A 66 -14.44 -45.06 -9.86
N ARG A 67 -14.27 -46.28 -10.38
CA ARG A 67 -14.25 -47.46 -9.52
C ARG A 67 -13.11 -47.41 -8.51
N HIS A 68 -13.43 -47.76 -7.26
CA HIS A 68 -12.45 -47.86 -6.18
C HIS A 68 -11.64 -46.57 -6.01
N ALA A 69 -12.36 -45.47 -5.77
CA ALA A 69 -11.74 -44.15 -5.66
C ALA A 69 -11.49 -43.83 -4.20
N PHE A 70 -10.22 -43.73 -3.83
CA PHE A 70 -9.81 -43.28 -2.50
C PHE A 70 -9.22 -41.88 -2.59
N LYS A 71 -9.45 -41.08 -1.56
CA LYS A 71 -8.89 -39.73 -1.50
C LYS A 71 -8.88 -39.28 -0.05
N GLN A 72 -7.71 -38.87 0.43
CA GLN A 72 -7.55 -38.47 1.83
C GLN A 72 -7.02 -37.04 1.90
N TYR A 73 -7.60 -36.26 2.80
CA TYR A 73 -7.12 -34.92 3.13
C TYR A 73 -6.67 -34.86 4.59
N GLY A 74 -6.15 -35.97 5.10
CA GLY A 74 -5.86 -36.06 6.52
C GLY A 74 -4.60 -35.32 6.91
N SER A 75 -4.49 -35.07 8.22
CA SER A 75 -3.33 -34.45 8.83
C SER A 75 -2.79 -35.28 9.99
N LYS A 76 -3.19 -36.55 10.07
CA LYS A 76 -2.81 -37.48 11.14
C LYS A 76 -3.36 -37.02 12.49
N LYS A 77 -4.14 -35.97 12.49
CA LYS A 77 -4.89 -35.47 13.64
C LYS A 77 -6.38 -35.34 13.34
N ASN A 78 -6.73 -34.86 12.15
CA ASN A 78 -8.12 -34.77 11.70
C ASN A 78 -8.21 -35.38 10.31
N PRO A 79 -8.18 -36.72 10.22
CA PRO A 79 -8.20 -37.36 8.89
C PRO A 79 -9.53 -37.17 8.18
N ASN A 80 -9.52 -36.36 7.12
CA ASN A 80 -10.72 -36.04 6.36
C ASN A 80 -10.83 -37.02 5.20
N HIS A 81 -11.52 -38.13 5.44
CA HIS A 81 -11.76 -39.14 4.41
C HIS A 81 -12.90 -38.66 3.52
N VAL A 82 -12.57 -37.75 2.60
CA VAL A 82 -13.58 -37.14 1.75
C VAL A 82 -14.14 -38.16 0.77
N LEU A 83 -13.30 -39.05 0.26
CA LEU A 83 -13.71 -40.09 -0.68
C LEU A 83 -13.24 -41.43 -0.12
N SER A 84 -14.13 -42.15 0.55
CA SER A 84 -13.75 -43.42 1.17
C SER A 84 -13.58 -44.50 0.13
N ASP A 85 -14.66 -44.88 -0.56
CA ASP A 85 -14.60 -45.89 -1.61
C ASP A 85 -15.75 -45.62 -2.57
N LEU A 86 -15.43 -45.00 -3.71
CA LEU A 86 -16.44 -44.64 -4.70
C LEU A 86 -16.51 -45.66 -5.81
N ASN A 87 -17.72 -46.02 -6.20
CA ASN A 87 -17.98 -46.89 -7.36
C ASN A 87 -19.03 -46.20 -8.21
N MET A 88 -18.59 -45.34 -9.11
CA MET A 88 -19.47 -44.55 -9.97
C MET A 88 -19.26 -44.95 -11.42
N THR A 89 -20.36 -45.01 -12.17
CA THR A 89 -20.31 -45.39 -13.58
C THR A 89 -21.37 -44.60 -14.33
N VAL A 90 -20.96 -43.88 -15.37
CA VAL A 90 -21.85 -43.07 -16.19
C VAL A 90 -21.84 -43.63 -17.61
N ALA A 91 -23.03 -43.86 -18.16
CA ALA A 91 -23.18 -44.38 -19.50
C ALA A 91 -23.45 -43.25 -20.49
N LYS A 92 -22.93 -43.40 -21.71
CA LYS A 92 -23.10 -42.37 -22.72
C LYS A 92 -24.57 -42.23 -23.10
N GLY A 93 -24.98 -40.99 -23.37
CA GLY A 93 -26.35 -40.71 -23.77
C GLY A 93 -27.34 -40.64 -22.65
N THR A 94 -26.90 -40.57 -21.40
CA THR A 94 -27.78 -40.53 -20.24
C THR A 94 -27.44 -39.34 -19.37
N ILE A 95 -28.47 -38.65 -18.89
CA ILE A 95 -28.29 -37.57 -17.92
C ILE A 95 -28.10 -38.20 -16.55
N TYR A 96 -26.99 -37.89 -15.90
CA TYR A 96 -26.61 -38.53 -14.64
C TYR A 96 -26.60 -37.48 -13.54
N GLY A 97 -27.65 -37.46 -12.73
CA GLY A 97 -27.69 -36.58 -11.58
C GLY A 97 -26.77 -37.07 -10.47
N LEU A 98 -26.46 -36.17 -9.55
CA LEU A 98 -25.61 -36.48 -8.40
C LEU A 98 -26.09 -35.64 -7.22
N LEU A 99 -26.86 -36.26 -6.33
CA LEU A 99 -27.45 -35.59 -5.18
C LEU A 99 -26.68 -35.94 -3.91
N GLY A 100 -26.64 -34.99 -2.98
CA GLY A 100 -25.95 -35.21 -1.73
C GLY A 100 -26.01 -34.02 -0.78
N ALA A 101 -24.96 -33.86 0.02
CA ALA A 101 -24.86 -32.80 1.00
C ALA A 101 -24.19 -31.57 0.38
N SER A 102 -23.81 -30.60 1.20
CA SER A 102 -23.21 -29.35 0.73
C SER A 102 -21.74 -29.58 0.40
N GLY A 103 -21.48 -30.05 -0.81
CA GLY A 103 -20.12 -30.21 -1.30
C GLY A 103 -19.24 -31.08 -0.42
N CYS A 104 -19.84 -32.06 0.25
CA CYS A 104 -19.07 -32.95 1.10
C CYS A 104 -18.07 -33.76 0.28
N GLY A 105 -18.54 -34.38 -0.80
CA GLY A 105 -17.66 -35.10 -1.70
C GLY A 105 -18.01 -34.91 -3.16
N LYS A 106 -19.09 -34.18 -3.42
CA LYS A 106 -19.57 -33.98 -4.78
C LYS A 106 -18.94 -32.77 -5.47
N THR A 107 -18.12 -32.00 -4.75
CA THR A 107 -17.42 -30.87 -5.35
C THR A 107 -15.94 -31.13 -5.61
N THR A 108 -15.36 -32.15 -4.98
CA THR A 108 -13.99 -32.55 -5.28
C THR A 108 -13.94 -33.72 -6.27
N LEU A 109 -15.01 -34.53 -6.32
CA LEU A 109 -15.09 -35.58 -7.32
C LEU A 109 -15.14 -34.99 -8.72
N LEU A 110 -15.86 -33.89 -8.90
CA LEU A 110 -15.91 -33.22 -10.19
C LEU A 110 -14.53 -32.69 -10.58
N SER A 111 -13.81 -32.11 -9.63
CA SER A 111 -12.46 -31.62 -9.91
C SER A 111 -11.53 -32.78 -10.27
N CYS A 112 -11.66 -33.91 -9.58
CA CYS A 112 -10.85 -35.07 -9.89
C CYS A 112 -11.20 -35.66 -11.25
N ILE A 113 -12.46 -35.48 -11.69
CA ILE A 113 -12.85 -35.95 -13.01
C ILE A 113 -12.13 -35.17 -14.10
N VAL A 114 -12.11 -33.84 -13.97
CA VAL A 114 -11.48 -32.99 -14.99
C VAL A 114 -9.97 -32.88 -14.80
N GLY A 115 -9.40 -33.57 -13.82
CA GLY A 115 -7.97 -33.56 -13.62
C GLY A 115 -7.43 -32.38 -12.84
N ARG A 116 -8.30 -31.50 -12.32
CA ARG A 116 -7.81 -30.36 -11.55
C ARG A 116 -7.10 -30.82 -10.27
N ARG A 117 -7.66 -31.79 -9.58
CA ARG A 117 -7.08 -32.33 -8.35
C ARG A 117 -6.69 -33.78 -8.58
N ARG A 118 -5.45 -34.12 -8.25
CA ARG A 118 -4.99 -35.49 -8.41
C ARG A 118 -5.66 -36.41 -7.40
N LEU A 119 -5.99 -37.62 -7.84
CA LEU A 119 -6.62 -38.61 -6.98
C LEU A 119 -5.56 -39.42 -6.24
N ASN A 120 -5.98 -39.99 -5.11
CA ASN A 120 -5.12 -40.90 -4.35
C ASN A 120 -5.26 -42.30 -4.96
N THR A 121 -4.61 -43.28 -4.35
CA THR A 121 -4.67 -44.65 -4.85
C THR A 121 -6.07 -45.08 -5.26
N GLY A 122 -6.17 -45.65 -6.46
CA GLY A 122 -7.46 -46.04 -6.99
C GLY A 122 -7.49 -46.11 -8.51
N GLU A 123 -8.60 -45.72 -9.10
CA GLU A 123 -8.78 -45.77 -10.55
C GLU A 123 -9.60 -44.58 -11.00
N ILE A 124 -9.41 -44.20 -12.27
CA ILE A 124 -10.21 -43.16 -12.90
C ILE A 124 -10.17 -43.39 -14.41
N TRP A 125 -11.30 -43.18 -15.06
CA TRP A 125 -11.40 -43.42 -16.50
C TRP A 125 -12.51 -42.52 -17.05
N VAL A 126 -12.10 -41.42 -17.67
CA VAL A 126 -13.03 -40.45 -18.25
C VAL A 126 -12.80 -40.38 -19.76
N LEU A 127 -13.86 -40.63 -20.52
CA LEU A 127 -13.82 -40.64 -21.98
C LEU A 127 -12.69 -41.56 -22.43
N GLY A 128 -11.67 -40.99 -23.07
CA GLY A 128 -10.56 -41.77 -23.58
C GLY A 128 -9.82 -42.61 -22.56
N GLY A 129 -9.13 -41.95 -21.63
CA GLY A 129 -8.36 -42.64 -20.61
C GLY A 129 -8.23 -41.81 -19.36
N LYS A 130 -7.04 -41.83 -18.76
CA LYS A 130 -6.83 -41.07 -17.54
C LYS A 130 -6.92 -39.57 -17.85
N PRO A 131 -7.52 -38.78 -16.97
CA PRO A 131 -7.60 -37.34 -17.21
C PRO A 131 -6.24 -36.67 -17.16
N GLY A 132 -6.09 -35.61 -17.94
CA GLY A 132 -4.86 -34.84 -17.93
C GLY A 132 -3.68 -35.51 -18.58
N THR A 133 -3.90 -36.48 -19.45
CA THR A 133 -2.82 -37.20 -20.11
C THR A 133 -2.58 -36.63 -21.50
N LYS A 134 -1.70 -37.29 -22.26
CA LYS A 134 -1.33 -36.81 -23.59
C LYS A 134 -2.45 -36.93 -24.61
N GLY A 135 -3.53 -37.64 -24.29
CA GLY A 135 -4.65 -37.70 -25.20
C GLY A 135 -5.33 -36.36 -25.42
N SER A 136 -5.30 -35.52 -24.38
CA SER A 136 -6.11 -34.26 -24.45
C SER A 136 -7.57 -34.70 -24.39
N GLY A 137 -7.89 -35.65 -23.50
CA GLY A 137 -9.26 -36.16 -23.39
C GLY A 137 -10.17 -35.23 -22.63
N VAL A 138 -9.91 -35.04 -21.34
CA VAL A 138 -10.87 -34.26 -20.51
C VAL A 138 -10.45 -32.82 -20.29
N PRO A 139 -9.16 -32.41 -20.29
CA PRO A 139 -8.84 -30.99 -20.20
C PRO A 139 -8.77 -30.58 -21.66
N GLY A 140 -9.89 -30.16 -22.26
CA GLY A 140 -9.86 -29.85 -23.70
C GLY A 140 -11.15 -29.29 -24.25
N LYS A 141 -11.31 -29.28 -25.57
CA LYS A 141 -12.53 -28.82 -26.23
C LYS A 141 -13.62 -29.87 -26.26
N ARG A 142 -13.38 -31.04 -25.66
CA ARG A 142 -14.35 -32.12 -25.59
C ARG A 142 -14.98 -32.21 -24.19
N VAL A 143 -15.15 -31.06 -23.55
CA VAL A 143 -15.75 -31.01 -22.21
C VAL A 143 -16.38 -29.63 -22.02
N GLY A 144 -17.39 -29.58 -21.16
CA GLY A 144 -18.02 -28.33 -20.80
C GLY A 144 -18.14 -28.19 -19.30
N TYR A 145 -17.49 -27.18 -18.74
CA TYR A 145 -17.41 -27.00 -17.29
C TYR A 145 -18.19 -25.77 -16.87
N MET A 146 -19.05 -25.94 -15.87
CA MET A 146 -19.78 -24.83 -15.24
C MET A 146 -19.45 -24.82 -13.76
N PRO A 147 -18.61 -23.89 -13.29
CA PRO A 147 -18.19 -23.90 -11.89
C PRO A 147 -19.35 -23.54 -10.96
N GLN A 148 -19.12 -23.82 -9.68
CA GLN A 148 -20.14 -23.53 -8.66
C GLN A 148 -20.42 -22.03 -8.58
N GLU A 149 -19.37 -21.21 -8.65
CA GLU A 149 -19.49 -19.77 -8.60
C GLU A 149 -19.25 -19.18 -9.98
N ILE A 150 -19.63 -17.92 -10.14
CA ILE A 150 -19.44 -17.23 -11.41
C ILE A 150 -17.96 -17.00 -11.64
N ALA A 151 -17.47 -17.41 -12.81
CA ALA A 151 -16.06 -17.26 -13.14
C ALA A 151 -15.88 -16.46 -14.41
N LEU A 152 -16.62 -15.36 -14.55
CA LEU A 152 -16.58 -14.50 -15.72
C LEU A 152 -15.85 -13.21 -15.40
N TYR A 153 -15.51 -12.47 -16.46
CA TYR A 153 -14.84 -11.18 -16.34
C TYR A 153 -15.88 -10.08 -16.37
N GLY A 154 -15.85 -9.21 -15.36
CA GLY A 154 -16.85 -8.16 -15.25
C GLY A 154 -16.67 -7.05 -16.27
N GLU A 155 -15.45 -6.86 -16.76
CA GLU A 155 -15.14 -5.78 -17.69
C GLU A 155 -15.35 -6.17 -19.15
N PHE A 156 -16.03 -7.29 -19.41
CA PHE A 156 -16.22 -7.80 -20.75
C PHE A 156 -17.71 -7.78 -21.10
N SER A 157 -18.01 -7.47 -22.35
CA SER A 157 -19.37 -7.58 -22.84
C SER A 157 -19.74 -9.05 -22.99
N ILE A 158 -21.04 -9.32 -23.12
CA ILE A 158 -21.50 -10.69 -23.34
C ILE A 158 -20.92 -11.23 -24.64
N LYS A 159 -21.02 -10.45 -25.71
CA LYS A 159 -20.42 -10.85 -26.99
C LYS A 159 -18.91 -10.98 -26.87
N GLU A 160 -18.26 -10.06 -26.17
CA GLU A 160 -16.81 -10.14 -25.99
C GLU A 160 -16.43 -11.41 -25.26
N THR A 161 -17.17 -11.76 -24.21
CA THR A 161 -16.90 -13.00 -23.49
C THR A 161 -17.09 -14.22 -24.39
N MET A 162 -18.15 -14.21 -25.20
CA MET A 162 -18.40 -15.34 -26.09
C MET A 162 -17.27 -15.51 -27.10
N MET A 163 -16.82 -14.42 -27.72
CA MET A 163 -15.71 -14.53 -28.68
C MET A 163 -14.41 -14.93 -28.00
N TYR A 164 -14.14 -14.38 -26.80
CA TYR A 164 -12.90 -14.75 -26.11
C TYR A 164 -12.88 -16.23 -25.78
N PHE A 165 -14.00 -16.78 -25.31
CA PHE A 165 -14.02 -18.20 -24.98
C PHE A 165 -14.06 -19.07 -26.23
N GLY A 166 -14.65 -18.57 -27.32
CA GLY A 166 -14.64 -19.33 -28.56
C GLY A 166 -13.25 -19.43 -29.18
N TRP A 167 -12.46 -18.36 -29.07
CA TRP A 167 -11.12 -18.39 -29.63
C TRP A 167 -10.23 -19.41 -28.94
N ILE A 168 -10.46 -19.66 -27.66
CA ILE A 168 -9.67 -20.66 -26.94
C ILE A 168 -9.91 -22.05 -27.51
N PHE A 169 -11.15 -22.32 -27.94
CA PHE A 169 -11.51 -23.60 -28.52
C PHE A 169 -11.24 -23.67 -30.02
N GLY A 170 -10.66 -22.62 -30.61
CA GLY A 170 -10.36 -22.62 -32.02
C GLY A 170 -11.57 -22.62 -32.93
N MET A 171 -12.58 -21.83 -32.61
CA MET A 171 -13.78 -21.71 -33.42
C MET A 171 -13.71 -20.45 -34.26
N GLU A 172 -14.04 -20.57 -35.55
CA GLU A 172 -14.03 -19.42 -36.44
C GLU A 172 -15.13 -18.45 -36.05
N SER A 173 -14.89 -17.16 -36.32
CA SER A 173 -15.82 -16.11 -35.92
C SER A 173 -17.15 -16.20 -36.66
N SER A 174 -17.21 -16.94 -37.77
CA SER A 174 -18.47 -17.07 -38.50
C SER A 174 -19.51 -17.86 -37.71
N GLU A 175 -19.11 -19.03 -37.19
CA GLU A 175 -20.04 -19.86 -36.43
C GLU A 175 -20.22 -19.38 -34.99
N ILE A 176 -19.24 -18.65 -34.44
CA ILE A 176 -19.39 -18.13 -33.09
C ILE A 176 -20.55 -17.15 -33.01
N ASN A 177 -20.70 -16.30 -34.03
CA ASN A 177 -21.81 -15.36 -34.04
C ASN A 177 -23.16 -16.06 -34.11
N GLU A 178 -23.27 -17.10 -34.94
CA GLU A 178 -24.52 -17.84 -35.03
C GLU A 178 -24.86 -18.52 -33.71
N ARG A 179 -23.86 -19.17 -33.09
CA ARG A 179 -24.10 -19.82 -31.80
C ARG A 179 -24.48 -18.81 -30.74
N LEU A 180 -23.83 -17.64 -30.73
CA LEU A 180 -24.15 -16.59 -29.78
C LEU A 180 -25.57 -16.08 -29.98
N GLN A 181 -25.99 -15.89 -31.23
CA GLN A 181 -27.35 -15.40 -31.48
C GLN A 181 -28.38 -16.43 -31.03
N PHE A 182 -28.13 -17.71 -31.33
CA PHE A 182 -29.06 -18.75 -30.88
C PHE A 182 -29.13 -18.82 -29.36
N LEU A 183 -27.98 -18.75 -28.69
CA LEU A 183 -27.96 -18.83 -27.23
C LEU A 183 -28.63 -17.62 -26.60
N LEU A 184 -28.42 -16.43 -27.16
CA LEU A 184 -29.08 -15.23 -26.65
C LEU A 184 -30.59 -15.32 -26.83
N ASN A 185 -31.04 -15.83 -27.98
CA ASN A 185 -32.49 -15.98 -28.18
C ASN A 185 -33.07 -17.02 -27.23
N PHE A 186 -32.32 -18.10 -26.96
CA PHE A 186 -32.86 -19.19 -26.15
C PHE A 186 -32.96 -18.81 -24.68
N LEU A 187 -31.97 -18.08 -24.16
CA LEU A 187 -31.89 -17.79 -22.73
C LEU A 187 -32.38 -16.39 -22.39
N ASP A 188 -33.18 -15.76 -23.26
CA ASP A 188 -33.80 -14.45 -23.07
C ASP A 188 -32.88 -13.46 -22.35
N LEU A 189 -31.64 -13.42 -22.79
CA LEU A 189 -30.66 -12.48 -22.27
C LEU A 189 -30.77 -11.14 -22.99
N PRO A 190 -30.27 -10.06 -22.38
CA PRO A 190 -30.31 -8.76 -23.05
C PRO A 190 -29.39 -8.69 -24.26
N SER A 191 -29.31 -7.52 -24.89
CA SER A 191 -28.50 -7.37 -26.10
C SER A 191 -27.03 -7.64 -25.79
N GLN A 192 -26.29 -7.99 -26.84
CA GLN A 192 -24.89 -8.37 -26.68
C GLN A 192 -23.98 -7.15 -26.60
N ASN A 193 -24.37 -6.19 -25.76
CA ASN A 193 -23.55 -5.01 -25.52
C ASN A 193 -23.53 -4.57 -24.07
N ARG A 194 -24.17 -5.32 -23.17
CA ARG A 194 -24.19 -4.99 -21.76
C ARG A 194 -23.08 -5.72 -21.04
N LEU A 195 -22.27 -4.99 -20.28
CA LEU A 195 -21.16 -5.60 -19.57
C LEU A 195 -21.67 -6.56 -18.50
N VAL A 196 -20.88 -7.60 -18.24
CA VAL A 196 -21.27 -8.62 -17.27
C VAL A 196 -21.38 -8.02 -15.88
N LYS A 197 -20.51 -7.06 -15.55
CA LYS A 197 -20.59 -6.40 -14.25
C LYS A 197 -21.87 -5.59 -14.09
N ASN A 198 -22.53 -5.22 -15.18
CA ASN A 198 -23.77 -4.46 -15.12
C ASN A 198 -25.01 -5.34 -15.08
N LEU A 199 -24.85 -6.66 -15.20
CA LEU A 199 -25.97 -7.58 -15.11
C LEU A 199 -26.18 -7.99 -13.65
N SER A 200 -27.43 -8.30 -13.33
CA SER A 200 -27.75 -8.74 -11.98
C SER A 200 -27.16 -10.13 -11.72
N GLY A 201 -27.00 -10.43 -10.43
CA GLY A 201 -26.38 -11.69 -10.03
C GLY A 201 -27.15 -12.93 -10.44
N GLY A 202 -28.41 -12.78 -10.83
CA GLY A 202 -29.21 -13.93 -11.22
C GLY A 202 -29.21 -14.22 -12.70
N GLN A 203 -28.72 -13.27 -13.51
CA GLN A 203 -28.71 -13.45 -14.95
C GLN A 203 -27.31 -13.54 -15.57
N GLN A 204 -26.25 -13.41 -14.77
CA GLN A 204 -24.93 -13.78 -15.24
C GLN A 204 -24.66 -15.26 -15.05
N ARG A 205 -25.44 -15.93 -14.20
CA ARG A 205 -25.40 -17.39 -14.13
C ARG A 205 -25.84 -17.99 -15.46
N ARG A 206 -26.88 -17.40 -16.09
CA ARG A 206 -27.29 -17.84 -17.42
C ARG A 206 -26.20 -17.58 -18.45
N VAL A 207 -25.45 -16.48 -18.29
CA VAL A 207 -24.33 -16.21 -19.20
C VAL A 207 -23.26 -17.28 -19.06
N SER A 208 -22.95 -17.67 -17.82
CA SER A 208 -21.98 -18.74 -17.61
C SER A 208 -22.48 -20.06 -18.19
N PHE A 209 -23.77 -20.35 -18.01
CA PHE A 209 -24.34 -21.58 -18.55
C PHE A 209 -24.27 -21.60 -20.07
N ALA A 210 -24.55 -20.46 -20.71
CA ALA A 210 -24.40 -20.38 -22.16
C ALA A 210 -22.95 -20.51 -22.58
N VAL A 211 -22.01 -19.99 -21.79
CA VAL A 211 -20.59 -20.16 -22.07
C VAL A 211 -20.22 -21.64 -22.07
N ALA A 212 -20.76 -22.39 -21.10
CA ALA A 212 -20.49 -23.82 -21.04
C ALA A 212 -21.11 -24.58 -22.20
N LEU A 213 -22.12 -24.03 -22.86
CA LEU A 213 -22.83 -24.70 -23.94
C LEU A 213 -22.44 -24.21 -25.33
N MET A 214 -21.45 -23.33 -25.44
CA MET A 214 -21.16 -22.70 -26.73
C MET A 214 -20.58 -23.69 -27.73
N HIS A 215 -19.63 -24.52 -27.31
CA HIS A 215 -18.91 -25.39 -28.22
C HIS A 215 -19.51 -26.79 -28.33
N ASP A 216 -20.67 -27.04 -27.69
CA ASP A 216 -21.40 -28.30 -27.67
C ASP A 216 -20.47 -29.51 -27.54
N PRO A 217 -19.86 -29.71 -26.39
CA PRO A 217 -18.94 -30.85 -26.21
C PRO A 217 -19.72 -32.13 -25.97
N GLU A 218 -18.98 -33.23 -25.87
CA GLU A 218 -19.58 -34.55 -25.69
C GLU A 218 -19.66 -34.96 -24.22
N LEU A 219 -19.34 -34.06 -23.29
CA LEU A 219 -19.44 -34.37 -21.87
C LEU A 219 -19.60 -33.05 -21.13
N LEU A 220 -20.76 -32.85 -20.51
CA LEU A 220 -21.07 -31.63 -19.79
C LEU A 220 -20.98 -31.87 -18.29
N ILE A 221 -20.20 -31.03 -17.61
CA ILE A 221 -20.12 -31.08 -16.16
C ILE A 221 -20.82 -29.85 -15.59
N LEU A 222 -22.10 -29.96 -15.30
CA LEU A 222 -22.89 -28.86 -14.78
C LEU A 222 -22.97 -28.95 -13.26
N ASP A 223 -22.67 -27.84 -12.59
CA ASP A 223 -22.73 -27.75 -11.13
C ASP A 223 -23.79 -26.71 -10.80
N GLU A 224 -24.96 -27.18 -10.37
CA GLU A 224 -26.12 -26.35 -10.07
C GLU A 224 -26.49 -25.49 -11.28
N PRO A 225 -26.99 -26.10 -12.35
CA PRO A 225 -27.33 -25.30 -13.55
C PRO A 225 -28.56 -24.43 -13.36
N THR A 226 -29.45 -24.77 -12.44
CA THR A 226 -30.64 -23.98 -12.17
C THR A 226 -30.85 -23.92 -10.66
N VAL A 227 -30.41 -22.82 -10.05
CA VAL A 227 -30.56 -22.59 -8.61
C VAL A 227 -31.39 -21.35 -8.33
N GLY A 228 -31.12 -20.25 -9.04
CA GLY A 228 -31.88 -19.03 -8.89
C GLY A 228 -32.61 -18.66 -10.16
N VAL A 229 -33.12 -19.66 -10.87
CA VAL A 229 -33.72 -19.47 -12.19
C VAL A 229 -35.22 -19.65 -12.08
N ASP A 230 -35.96 -18.78 -12.78
CA ASP A 230 -37.41 -18.89 -12.82
C ASP A 230 -37.81 -20.24 -13.42
N PRO A 231 -38.70 -21.00 -12.77
CA PRO A 231 -39.05 -22.33 -13.28
C PRO A 231 -39.63 -22.32 -14.69
N LEU A 232 -40.29 -21.23 -15.09
CA LEU A 232 -40.77 -21.14 -16.46
C LEU A 232 -39.63 -21.26 -17.46
N LEU A 233 -38.53 -20.55 -17.21
CA LEU A 233 -37.30 -20.80 -17.97
C LEU A 233 -36.39 -21.78 -17.22
N ARG A 234 -36.97 -22.87 -16.75
CA ARG A 234 -36.23 -24.01 -16.25
C ARG A 234 -36.78 -25.26 -16.92
N GLN A 235 -38.08 -25.22 -17.20
CA GLN A 235 -38.69 -26.27 -18.03
C GLN A 235 -38.04 -26.29 -19.41
N SER A 236 -37.80 -25.12 -20.00
CA SER A 236 -37.13 -25.05 -21.29
C SER A 236 -35.70 -25.56 -21.20
N ILE A 237 -35.00 -25.23 -20.11
CA ILE A 237 -33.62 -25.69 -19.95
C ILE A 237 -33.57 -27.21 -19.87
N TRP A 238 -34.45 -27.80 -19.07
CA TRP A 238 -34.50 -29.26 -18.98
C TRP A 238 -34.96 -29.90 -20.29
N ASN A 239 -35.87 -29.28 -21.02
CA ASN A 239 -36.25 -29.79 -22.33
C ASN A 239 -35.06 -29.81 -23.28
N HIS A 240 -34.28 -28.73 -23.29
CA HIS A 240 -33.09 -28.69 -24.13
C HIS A 240 -32.08 -29.75 -23.71
N LEU A 241 -31.88 -29.92 -22.40
CA LEU A 241 -30.92 -30.91 -21.92
C LEU A 241 -31.35 -32.32 -22.29
N VAL A 242 -32.65 -32.62 -22.20
CA VAL A 242 -33.12 -33.95 -22.57
C VAL A 242 -33.19 -34.12 -24.07
N GLN A 243 -33.22 -33.02 -24.84
CA GLN A 243 -33.22 -33.14 -26.29
C GLN A 243 -31.82 -33.38 -26.84
N ILE A 244 -30.82 -32.67 -26.32
CA ILE A 244 -29.46 -32.84 -26.83
C ILE A 244 -28.90 -34.22 -26.53
N THR A 245 -29.42 -34.91 -25.51
CA THR A 245 -28.96 -36.23 -25.14
C THR A 245 -29.85 -37.34 -25.68
N LYS A 246 -30.78 -37.02 -26.59
CA LYS A 246 -31.66 -38.04 -27.14
C LYS A 246 -30.86 -39.11 -27.88
N ASP A 247 -29.89 -38.69 -28.69
CA ASP A 247 -28.99 -39.62 -29.36
C ASP A 247 -27.83 -39.98 -28.44
N GLY A 248 -27.15 -41.06 -28.78
CA GLY A 248 -26.01 -41.52 -28.00
C GLY A 248 -24.73 -40.77 -28.30
N ASN A 249 -24.82 -39.44 -28.38
CA ASN A 249 -23.67 -38.60 -28.70
C ASN A 249 -23.09 -37.94 -27.45
N LYS A 250 -23.90 -37.20 -26.71
CA LYS A 250 -23.43 -36.40 -25.58
C LYS A 250 -23.93 -37.00 -24.27
N THR A 251 -23.43 -36.44 -23.17
CA THR A 251 -23.84 -36.86 -21.84
C THR A 251 -23.73 -35.66 -20.91
N VAL A 252 -24.63 -35.60 -19.93
CA VAL A 252 -24.72 -34.49 -18.99
C VAL A 252 -24.64 -35.03 -17.57
N ILE A 253 -23.83 -34.40 -16.75
CA ILE A 253 -23.69 -34.75 -15.34
C ILE A 253 -24.09 -33.53 -14.52
N ILE A 254 -25.27 -33.58 -13.92
CA ILE A 254 -25.82 -32.47 -13.15
C ILE A 254 -25.68 -32.81 -11.67
N THR A 255 -24.77 -32.14 -10.98
CA THR A 255 -24.56 -32.31 -9.55
C THR A 255 -25.25 -31.16 -8.83
N THR A 256 -26.57 -31.26 -8.73
CA THR A 256 -27.38 -30.21 -8.11
C THR A 256 -27.40 -30.37 -6.60
N HIS A 257 -28.28 -29.60 -5.95
CA HIS A 257 -28.38 -29.60 -4.50
C HIS A 257 -29.73 -30.03 -3.97
N TYR A 258 -30.82 -29.71 -4.67
CA TYR A 258 -32.16 -30.06 -4.23
C TYR A 258 -32.73 -31.14 -5.14
N ILE A 259 -33.30 -32.18 -4.52
CA ILE A 259 -33.64 -33.40 -5.23
C ILE A 259 -34.81 -33.19 -6.18
N GLU A 260 -35.80 -32.39 -5.77
CA GLU A 260 -37.11 -32.42 -6.42
C GLU A 260 -37.05 -32.05 -7.89
N GLU A 261 -36.01 -31.33 -8.32
CA GLU A 261 -35.93 -30.97 -9.73
C GLU A 261 -35.16 -32.02 -10.54
N ALA A 262 -34.24 -32.74 -9.90
CA ALA A 262 -33.44 -33.75 -10.59
C ALA A 262 -34.19 -35.08 -10.60
N ARG A 263 -35.32 -35.08 -11.30
CA ARG A 263 -36.15 -36.29 -11.38
C ARG A 263 -36.36 -36.68 -12.84
N GLN A 264 -36.19 -35.74 -13.76
CA GLN A 264 -36.29 -36.05 -15.18
C GLN A 264 -34.99 -36.65 -15.73
N ALA A 265 -33.96 -36.79 -14.91
CA ALA A 265 -32.73 -37.41 -15.35
C ALA A 265 -32.91 -38.92 -15.54
N HIS A 266 -32.11 -39.48 -16.43
CA HIS A 266 -32.21 -40.91 -16.72
C HIS A 266 -31.61 -41.75 -15.59
N THR A 267 -30.61 -41.23 -14.89
CA THR A 267 -29.99 -41.92 -13.78
C THR A 267 -29.61 -40.91 -12.70
N ILE A 268 -29.77 -41.31 -11.45
CA ILE A 268 -29.42 -40.47 -10.32
C ILE A 268 -28.53 -41.26 -9.37
N GLY A 269 -27.77 -40.55 -8.54
CA GLY A 269 -26.91 -41.18 -7.57
C GLY A 269 -26.90 -40.43 -6.25
N LEU A 270 -27.19 -41.12 -5.15
CA LEU A 270 -27.21 -40.51 -3.84
C LEU A 270 -25.84 -40.67 -3.18
N MET A 271 -25.28 -39.57 -2.71
CA MET A 271 -23.95 -39.55 -2.12
C MET A 271 -24.06 -39.13 -0.66
N ARG A 272 -23.37 -39.86 0.22
CA ARG A 272 -23.39 -39.55 1.64
C ARG A 272 -22.13 -40.14 2.28
N SER A 273 -21.44 -39.33 3.10
CA SER A 273 -20.25 -39.76 3.81
C SER A 273 -19.19 -40.32 2.86
N GLY A 274 -19.06 -39.69 1.70
CA GLY A 274 -18.05 -40.11 0.73
C GLY A 274 -18.28 -41.48 0.16
N LYS A 275 -19.53 -41.82 -0.17
CA LYS A 275 -19.84 -43.12 -0.75
C LYS A 275 -21.22 -43.02 -1.38
N LEU A 276 -21.31 -43.45 -2.64
CA LEU A 276 -22.59 -43.54 -3.33
C LEU A 276 -23.34 -44.78 -2.84
N LEU A 277 -24.46 -44.56 -2.16
CA LEU A 277 -25.27 -45.65 -1.63
C LEU A 277 -26.48 -45.95 -2.50
N ALA A 278 -26.58 -45.33 -3.67
CA ALA A 278 -27.65 -45.63 -4.61
C ALA A 278 -27.17 -45.25 -6.01
N GLU A 279 -27.48 -46.11 -6.98
CA GLU A 279 -27.02 -45.92 -8.35
C GLU A 279 -28.12 -46.06 -9.40
N GLU A 280 -29.20 -46.76 -9.10
CA GLU A 280 -30.17 -47.15 -10.11
C GLU A 280 -31.02 -45.96 -10.56
N SER A 281 -31.87 -46.24 -11.55
CA SER A 281 -32.76 -45.24 -12.13
C SER A 281 -33.83 -44.83 -11.11
N PRO A 282 -34.37 -43.61 -11.21
CA PRO A 282 -35.33 -43.15 -10.20
C PRO A 282 -36.59 -44.01 -10.08
N HIS A 283 -37.08 -44.59 -11.18
CA HIS A 283 -38.31 -45.38 -11.06
C HIS A 283 -38.06 -46.70 -10.36
N VAL A 284 -36.90 -47.31 -10.58
CA VAL A 284 -36.54 -48.56 -9.91
C VAL A 284 -35.88 -48.23 -8.59
N LEU A 285 -35.95 -46.96 -8.18
CA LEU A 285 -35.70 -46.55 -6.81
C LEU A 285 -37.00 -46.45 -6.00
N LEU A 286 -37.98 -45.68 -6.51
CA LEU A 286 -39.26 -45.57 -5.84
C LEU A 286 -39.98 -46.93 -5.79
N SER A 287 -39.96 -47.66 -6.91
CA SER A 287 -40.60 -48.98 -6.92
C SER A 287 -39.88 -49.96 -6.01
N MET A 288 -38.54 -49.94 -6.02
CA MET A 288 -37.78 -50.85 -5.19
C MET A 288 -38.00 -50.59 -3.71
N TYR A 289 -38.00 -49.32 -3.30
CA TYR A 289 -38.13 -48.97 -1.89
C TYR A 289 -39.55 -48.60 -1.48
N GLY A 290 -40.52 -48.72 -2.41
CA GLY A 290 -41.91 -48.46 -2.07
C GLY A 290 -42.17 -47.06 -1.58
N CYS A 291 -41.65 -46.07 -2.30
CA CYS A 291 -41.68 -44.68 -1.87
C CYS A 291 -42.58 -43.86 -2.78
N GLN A 292 -43.24 -42.86 -2.21
CA GLN A 292 -44.05 -41.93 -2.96
C GLN A 292 -43.29 -40.70 -3.42
N SER A 293 -42.04 -40.53 -2.98
CA SER A 293 -41.23 -39.39 -3.37
C SER A 293 -39.76 -39.74 -3.22
N LEU A 294 -38.92 -39.00 -3.95
CA LEU A 294 -37.48 -39.23 -3.89
C LEU A 294 -36.89 -38.81 -2.55
N GLU A 295 -37.49 -37.81 -1.91
CA GLU A 295 -37.01 -37.37 -0.61
C GLU A 295 -37.13 -38.48 0.43
N GLU A 296 -38.24 -39.22 0.40
CA GLU A 296 -38.39 -40.33 1.33
C GLU A 296 -37.47 -41.49 0.98
N VAL A 297 -37.07 -41.60 -0.29
CA VAL A 297 -36.00 -42.54 -0.66
C VAL A 297 -34.69 -42.13 -0.01
N PHE A 298 -34.37 -40.84 -0.06
CA PHE A 298 -33.09 -40.36 0.46
C PHE A 298 -32.97 -40.52 1.97
N LEU A 299 -34.08 -40.77 2.67
CA LEU A 299 -34.02 -41.00 4.11
C LEU A 299 -33.46 -42.39 4.40
N LYS A 300 -32.18 -42.60 4.07
CA LYS A 300 -31.52 -43.89 4.27
C LYS A 300 -30.68 -43.82 5.54
N LEU A 301 -31.34 -44.08 6.66
CA LEU A 301 -30.67 -44.06 7.96
C LEU A 301 -29.76 -45.26 8.16
N SER A 302 -29.87 -46.29 7.33
CA SER A 302 -29.03 -47.47 7.45
C SER A 302 -27.61 -47.18 7.00
N SER A 390 -0.91 -23.34 -30.98
CA SER A 390 -0.69 -22.76 -29.67
C SER A 390 -0.58 -21.24 -29.71
N TRP A 391 -0.41 -20.64 -30.88
CA TRP A 391 -0.36 -19.19 -31.00
C TRP A 391 -1.75 -18.55 -30.99
N GLY A 392 -2.81 -19.35 -31.12
CA GLY A 392 -4.15 -18.83 -30.96
C GLY A 392 -4.59 -18.65 -29.53
N LYS A 393 -3.95 -19.36 -28.60
CA LYS A 393 -4.23 -19.22 -27.18
C LYS A 393 -3.37 -18.15 -26.52
N ILE A 394 -2.48 -17.51 -27.27
CA ILE A 394 -1.71 -16.40 -26.77
C ILE A 394 -2.11 -15.08 -27.41
N LYS A 395 -2.57 -15.09 -28.67
CA LYS A 395 -3.13 -13.88 -29.26
C LYS A 395 -4.47 -13.55 -28.65
N ALA A 396 -5.30 -14.57 -28.39
CA ALA A 396 -6.62 -14.36 -27.81
C ALA A 396 -6.59 -14.17 -26.31
N LEU A 397 -5.44 -14.37 -25.66
CA LEU A 397 -5.33 -14.17 -24.23
C LEU A 397 -4.55 -12.93 -23.87
N LEU A 398 -3.66 -12.45 -24.76
CA LEU A 398 -3.04 -11.14 -24.56
C LEU A 398 -4.06 -10.02 -24.73
N GLN A 399 -5.03 -10.19 -25.64
CA GLN A 399 -6.06 -9.18 -25.84
C GLN A 399 -6.89 -8.98 -24.58
N LYS A 400 -7.20 -10.08 -23.88
CA LYS A 400 -7.93 -9.98 -22.62
C LYS A 400 -7.12 -9.21 -21.58
N ASN A 401 -5.82 -9.48 -21.49
CA ASN A 401 -4.97 -8.77 -20.53
C ASN A 401 -4.92 -7.28 -20.82
N PHE A 402 -4.78 -6.92 -22.10
CA PHE A 402 -4.71 -5.51 -22.47
C PHE A 402 -6.05 -4.80 -22.44
N LEU A 403 -7.15 -5.54 -22.23
CA LEU A 403 -8.47 -4.93 -22.15
C LEU A 403 -8.95 -4.76 -20.71
N ARG A 404 -8.50 -5.62 -19.79
CA ARG A 404 -8.89 -5.47 -18.39
C ARG A 404 -8.22 -4.28 -17.72
N MET A 405 -7.16 -3.73 -18.32
CA MET A 405 -6.52 -2.53 -17.80
C MET A 405 -7.07 -1.27 -18.42
N TRP A 406 -7.44 -1.32 -19.70
CA TRP A 406 -8.00 -0.14 -20.36
C TRP A 406 -9.38 0.20 -19.84
N ARG A 407 -10.18 -0.81 -19.48
CA ARG A 407 -11.54 -0.56 -19.01
C ARG A 407 -11.55 0.01 -17.60
N ASN A 408 -10.52 -0.29 -16.80
CA ASN A 408 -10.43 0.22 -15.43
C ASN A 408 -9.64 1.52 -15.45
N VAL A 409 -10.34 2.64 -15.32
CA VAL A 409 -9.67 3.94 -15.31
C VAL A 409 -8.81 4.09 -14.05
N GLY A 410 -9.26 3.55 -12.92
CA GLY A 410 -8.48 3.68 -11.70
C GLY A 410 -7.12 3.01 -11.78
N VAL A 411 -7.07 1.82 -12.40
CA VAL A 411 -5.78 1.14 -12.56
C VAL A 411 -4.90 1.90 -13.55
N MET A 412 -5.49 2.44 -14.62
CA MET A 412 -4.70 3.16 -15.62
C MET A 412 -4.04 4.39 -15.02
N LEU A 413 -4.76 5.13 -14.18
CA LEU A 413 -4.17 6.33 -13.58
C LEU A 413 -3.11 5.99 -12.55
N PHE A 414 -3.22 4.83 -11.90
CA PHE A 414 -2.29 4.49 -10.81
C PHE A 414 -0.92 4.11 -11.36
N ILE A 415 -0.87 3.37 -12.47
CA ILE A 415 0.38 2.83 -12.97
C ILE A 415 0.94 3.61 -14.15
N PHE A 416 0.24 4.64 -14.61
CA PHE A 416 0.72 5.44 -15.74
C PHE A 416 0.81 6.92 -15.43
N ALA A 417 -0.17 7.48 -14.72
CA ALA A 417 -0.18 8.90 -14.44
C ALA A 417 0.43 9.28 -13.10
N LEU A 418 0.55 8.35 -12.17
CA LEU A 418 1.25 8.65 -10.90
C LEU A 418 2.74 8.78 -11.20
N PRO A 419 3.45 7.81 -11.81
CA PRO A 419 4.88 8.04 -12.06
C PRO A 419 5.18 9.38 -12.73
N VAL A 420 4.33 9.80 -13.66
CA VAL A 420 4.58 11.04 -14.39
C VAL A 420 4.50 12.24 -13.45
N MET A 421 3.48 12.29 -12.59
CA MET A 421 3.31 13.41 -11.69
C MET A 421 4.28 13.36 -10.52
N GLN A 422 4.66 12.17 -10.06
CA GLN A 422 5.57 12.06 -8.92
C GLN A 422 6.96 12.61 -9.27
N VAL A 423 7.44 12.34 -10.49
CA VAL A 423 8.75 12.84 -10.89
C VAL A 423 8.74 14.31 -11.24
N ILE A 424 7.55 14.91 -11.38
CA ILE A 424 7.48 16.35 -11.61
C ILE A 424 7.62 17.12 -10.30
N LEU A 425 6.91 16.67 -9.26
CA LEU A 425 7.03 17.31 -7.95
C LEU A 425 8.42 17.11 -7.37
N PHE A 426 9.02 15.93 -7.58
CA PHE A 426 10.35 15.66 -7.04
C PHE A 426 11.39 16.57 -7.68
N CYS A 427 11.29 16.79 -8.99
CA CYS A 427 12.26 17.64 -9.68
C CYS A 427 12.03 19.12 -9.41
N LEU A 428 10.93 19.49 -8.75
CA LEU A 428 10.62 20.88 -8.47
C LEU A 428 10.76 21.25 -7.00
N ALA A 429 10.73 20.28 -6.08
CA ALA A 429 10.69 20.58 -4.65
C ALA A 429 11.86 20.03 -3.85
N ILE A 430 12.59 19.05 -4.37
CA ILE A 430 13.66 18.39 -3.63
C ILE A 430 14.97 18.60 -4.38
N GLY A 431 15.99 19.08 -3.67
CA GLY A 431 17.31 19.23 -4.25
C GLY A 431 17.75 20.68 -4.41
N ARG A 432 16.83 21.55 -4.79
CA ARG A 432 17.17 22.95 -5.02
C ARG A 432 17.59 23.61 -3.72
N ASP A 433 18.61 24.48 -3.81
CA ASP A 433 19.10 25.17 -2.64
C ASP A 433 18.09 26.21 -2.16
N PRO A 434 18.03 26.46 -0.85
CA PRO A 434 17.10 27.46 -0.33
C PRO A 434 17.40 28.85 -0.88
N THR A 435 16.33 29.60 -1.14
CA THR A 435 16.44 30.96 -1.66
C THR A 435 15.59 31.90 -0.82
N GLY A 436 15.94 33.18 -0.85
CA GLY A 436 15.18 34.19 -0.15
C GLY A 436 15.39 34.22 1.35
N LEU A 437 16.56 33.79 1.83
CA LEU A 437 16.84 33.82 3.26
C LEU A 437 17.12 35.26 3.69
N LYS A 438 16.36 35.75 4.66
CA LYS A 438 16.51 37.12 5.11
C LYS A 438 17.74 37.25 6.01
N LEU A 439 18.20 38.49 6.17
CA LEU A 439 19.35 38.80 7.01
C LEU A 439 19.16 40.18 7.61
N ALA A 440 19.44 40.30 8.91
CA ALA A 440 19.31 41.56 9.63
C ALA A 440 20.69 42.20 9.73
N ILE A 441 20.90 43.27 8.97
CA ILE A 441 22.21 43.91 8.85
C ILE A 441 22.21 45.18 9.68
N VAL A 442 23.23 45.34 10.51
CA VAL A 442 23.42 46.54 11.33
C VAL A 442 24.63 47.29 10.79
N ASN A 443 24.39 48.52 10.31
CA ASN A 443 25.45 49.38 9.78
C ASN A 443 25.52 50.64 10.62
N HIS A 444 26.65 50.83 11.32
CA HIS A 444 26.84 51.97 12.20
C HIS A 444 27.59 53.11 11.53
N GLU A 445 27.90 52.99 10.25
CA GLU A 445 28.55 54.08 9.51
C GLU A 445 27.56 54.92 8.72
N LYS A 446 26.46 54.33 8.28
CA LYS A 446 25.45 55.05 7.52
C LYS A 446 24.40 55.61 8.46
N ASN A 447 23.30 56.12 7.90
CA ASN A 447 22.22 56.72 8.67
C ASN A 447 21.00 55.82 8.60
N TYR A 448 20.42 55.50 9.76
CA TYR A 448 19.24 54.66 9.82
C TYR A 448 18.01 55.49 9.41
N THR A 449 17.39 55.11 8.30
CA THR A 449 16.23 55.81 7.77
C THR A 449 14.97 54.97 7.75
N ASN A 450 15.08 53.69 7.38
CA ASN A 450 13.91 52.83 7.24
C ASN A 450 14.33 51.40 7.56
N GLN A 451 13.46 50.44 7.22
CA GLN A 451 13.76 49.03 7.43
C GLN A 451 14.44 48.40 6.22
N SER A 452 14.06 48.80 5.02
CA SER A 452 14.60 48.23 3.78
C SER A 452 15.29 49.30 2.94
N TYR A 453 16.01 50.19 3.58
CA TYR A 453 16.78 51.21 2.87
C TYR A 453 17.89 51.72 3.78
N GLN A 454 19.09 51.88 3.21
CA GLN A 454 20.24 52.35 3.97
C GLN A 454 21.07 53.40 3.25
N GLU A 455 20.84 53.65 1.96
CA GLU A 455 21.65 54.57 1.16
C GLU A 455 23.12 54.15 1.16
N CYS A 456 23.36 52.97 0.59
CA CYS A 456 24.70 52.42 0.49
C CYS A 456 25.38 52.99 -0.75
N SER A 457 26.30 53.93 -0.55
CA SER A 457 26.98 54.60 -1.65
C SER A 457 28.45 54.77 -1.26
N PHE A 458 29.34 54.09 -1.97
CA PHE A 458 30.77 54.15 -1.75
C PHE A 458 31.46 54.62 -3.03
N ASP A 459 32.80 54.61 -2.98
CA ASP A 459 33.62 54.94 -4.13
C ASP A 459 34.39 53.71 -4.58
N TYR A 460 34.71 53.65 -5.88
CA TYR A 460 35.17 52.42 -6.51
C TYR A 460 36.69 52.36 -6.68
N GLY A 461 37.28 53.37 -7.33
CA GLY A 461 38.66 53.32 -7.73
C GLY A 461 39.67 53.06 -6.63
N CYS A 462 39.84 54.01 -5.73
CA CYS A 462 40.78 53.90 -4.62
C CYS A 462 40.30 54.82 -3.51
N LYS A 463 41.15 55.03 -2.50
CA LYS A 463 40.82 55.85 -1.34
C LYS A 463 39.54 55.34 -0.67
N PHE A 464 39.66 54.13 -0.12
CA PHE A 464 38.54 53.42 0.48
C PHE A 464 37.74 54.32 1.41
N SER A 465 36.45 54.49 1.10
CA SER A 465 35.60 55.43 1.82
C SER A 465 34.93 54.80 3.04
N TYR A 466 34.18 53.71 2.82
CA TYR A 466 33.37 53.15 3.89
C TYR A 466 33.67 51.68 4.14
N LEU A 467 33.96 50.93 3.08
CA LEU A 467 34.39 49.54 3.16
C LEU A 467 33.40 48.64 3.88
N SER A 468 32.19 49.12 4.15
CA SER A 468 31.12 48.32 4.73
C SER A 468 29.94 48.17 3.80
N CYS A 469 29.50 49.27 3.18
CA CYS A 469 28.53 49.17 2.09
C CYS A 469 29.16 48.57 0.84
N ARG A 470 30.49 48.61 0.74
CA ARG A 470 31.17 47.99 -0.39
C ARG A 470 31.15 46.46 -0.28
N TYR A 471 31.36 45.93 0.92
CA TYR A 471 31.30 44.47 1.09
C TYR A 471 29.90 43.95 0.82
N LEU A 472 28.87 44.67 1.29
CA LEU A 472 27.50 44.25 1.05
C LEU A 472 27.16 44.27 -0.44
N ASN A 473 27.87 45.04 -1.24
CA ASN A 473 27.65 45.03 -2.67
C ASN A 473 28.10 43.71 -3.29
N ASN A 474 29.12 43.07 -2.71
CA ASN A 474 29.60 41.79 -3.20
C ASN A 474 28.78 40.61 -2.68
N LEU A 475 27.82 40.86 -1.79
CA LEU A 475 26.95 39.80 -1.32
C LEU A 475 26.06 39.27 -2.45
N ARG A 476 25.76 37.98 -2.40
CA ARG A 476 24.96 37.36 -3.44
C ARG A 476 23.53 37.88 -3.38
N ASN A 477 23.00 38.29 -4.53
CA ASN A 477 21.66 38.85 -4.63
C ASN A 477 20.59 37.79 -4.83
N SER A 478 20.96 36.52 -4.87
CA SER A 478 20.01 35.46 -5.18
C SER A 478 19.34 34.90 -3.92
N THR A 479 20.14 34.40 -2.98
CA THR A 479 19.62 33.68 -1.83
C THR A 479 19.76 34.46 -0.52
N ILE A 480 19.92 35.78 -0.59
CA ILE A 480 20.04 36.61 0.60
C ILE A 480 19.21 37.88 0.40
N LEU A 481 18.28 38.12 1.31
CA LEU A 481 17.50 39.36 1.34
C LEU A 481 17.93 40.18 2.54
N LYS A 482 18.21 41.46 2.33
CA LYS A 482 18.79 42.32 3.34
C LYS A 482 17.76 43.26 3.92
N GLU A 483 17.64 43.26 5.25
CA GLU A 483 16.86 44.23 5.98
C GLU A 483 17.72 44.81 7.10
N TYR A 484 17.50 46.08 7.40
CA TYR A 484 18.39 46.83 8.28
C TYR A 484 17.72 47.14 9.61
N TYR A 485 18.52 47.14 10.67
CA TYR A 485 18.07 47.36 12.04
C TYR A 485 18.95 48.43 12.69
N PRO A 486 18.42 49.12 13.71
CA PRO A 486 19.18 50.25 14.29
C PRO A 486 20.14 49.85 15.41
N ASP A 487 19.95 48.69 16.01
CA ASP A 487 20.75 48.33 17.18
C ASP A 487 21.29 46.91 17.06
N PRO A 488 22.47 46.65 17.62
CA PRO A 488 22.97 45.26 17.68
C PRO A 488 22.07 44.35 18.51
N GLU A 489 21.44 44.86 19.57
CA GLU A 489 20.53 44.05 20.35
C GLU A 489 19.20 43.84 19.64
N SER A 490 18.73 44.83 18.89
CA SER A 490 17.48 44.68 18.15
C SER A 490 17.61 43.63 17.06
N ALA A 491 18.75 43.60 16.37
CA ALA A 491 18.95 42.61 15.31
C ALA A 491 18.96 41.19 15.85
N VAL A 492 19.61 40.98 17.01
CA VAL A 492 19.65 39.65 17.61
C VAL A 492 18.26 39.23 18.06
N ASP A 493 17.48 40.19 18.60
CA ASP A 493 16.12 39.88 19.02
C ASP A 493 15.26 39.46 17.85
N ALA A 494 15.49 40.03 16.67
CA ALA A 494 14.73 39.62 15.49
C ALA A 494 15.01 38.17 15.11
N VAL A 495 16.27 37.74 15.26
CA VAL A 495 16.61 36.35 14.95
C VAL A 495 15.95 35.39 15.94
N LYS A 496 15.90 35.77 17.22
CA LYS A 496 15.30 34.91 18.23
C LYS A 496 13.80 34.74 18.04
N GLN A 497 13.15 35.65 17.30
CA GLN A 497 11.72 35.57 17.06
C GLN A 497 11.39 35.02 15.68
N GLY A 498 12.38 34.54 14.95
CA GLY A 498 12.14 33.94 13.65
C GLY A 498 11.91 34.92 12.51
N HIS A 499 12.23 36.19 12.70
CA HIS A 499 12.04 37.19 11.65
C HIS A 499 13.25 37.33 10.73
N ALA A 500 14.33 36.62 11.02
CA ALA A 500 15.55 36.67 10.20
C ALA A 500 16.38 35.44 10.51
N TRP A 501 17.52 35.32 9.82
CA TRP A 501 18.40 34.17 9.98
C TRP A 501 19.78 34.55 10.51
N GLY A 502 20.07 35.83 10.74
CA GLY A 502 21.38 36.18 11.24
C GLY A 502 21.54 37.68 11.38
N ALA A 503 22.76 38.07 11.74
CA ALA A 503 23.12 39.48 11.91
C ALA A 503 24.55 39.69 11.43
N LEU A 504 24.87 40.93 11.10
CA LEU A 504 26.20 41.28 10.60
C LEU A 504 26.95 42.25 11.52
N TYR A 505 26.33 43.39 11.86
CA TYR A 505 26.86 44.32 12.87
C TYR A 505 28.25 44.83 12.48
N PHE A 506 28.30 45.59 11.40
CA PHE A 506 29.49 46.38 11.11
C PHE A 506 29.61 47.51 12.13
N THR A 507 30.80 47.65 12.72
CA THR A 507 30.98 48.60 13.80
C THR A 507 31.06 50.03 13.26
N GLU A 508 31.27 50.98 14.17
CA GLU A 508 31.23 52.39 13.79
C GLU A 508 32.48 52.82 13.04
N ASN A 509 33.63 52.19 13.32
CA ASN A 509 34.89 52.55 12.70
C ASN A 509 35.49 51.36 11.95
N PHE A 510 34.65 50.64 11.20
CA PHE A 510 35.12 49.48 10.46
C PHE A 510 36.09 49.89 9.35
N THR A 511 35.79 50.98 8.64
CA THR A 511 36.65 51.40 7.53
C THR A 511 38.03 51.81 8.02
N ASP A 512 38.10 52.54 9.12
CA ASP A 512 39.39 53.00 9.63
C ASP A 512 40.23 51.85 10.16
N ALA A 513 39.60 50.89 10.83
CA ALA A 513 40.32 49.77 11.42
C ALA A 513 40.65 48.68 10.40
N LEU A 514 39.99 48.68 9.24
CA LEU A 514 40.28 47.66 8.24
C LEU A 514 41.48 48.04 7.39
N VAL A 515 41.53 49.28 6.91
CA VAL A 515 42.65 49.74 6.11
C VAL A 515 43.94 49.78 6.92
N ALA A 516 43.84 49.92 8.24
CA ALA A 516 45.01 49.91 9.10
C ALA A 516 45.40 48.51 9.56
N ARG A 517 44.56 47.50 9.30
CA ARG A 517 44.88 46.12 9.64
C ARG A 517 45.62 45.42 8.51
N MET A 518 45.18 45.63 7.27
CA MET A 518 45.86 45.05 6.12
C MET A 518 47.11 45.80 5.72
N ALA A 519 47.36 46.98 6.32
CA ALA A 519 48.56 47.75 6.03
C ALA A 519 49.72 47.33 6.94
N LEU A 520 49.48 47.27 8.25
CA LEU A 520 50.53 46.82 9.17
C LEU A 520 50.92 45.38 8.90
N GLY A 521 49.94 44.51 8.71
CA GLY A 521 50.21 43.12 8.33
C GLY A 521 50.31 42.21 9.55
N LYS A 522 51.47 41.59 9.73
CA LYS A 522 51.67 40.58 10.76
C LYS A 522 52.13 41.15 12.10
N ASP A 523 52.27 42.46 12.21
CA ASP A 523 52.67 43.10 13.46
C ASP A 523 51.56 44.03 13.98
N ALA A 524 50.32 43.56 13.91
CA ALA A 524 49.18 44.35 14.32
C ALA A 524 49.05 44.35 15.84
N ASP A 525 47.96 44.92 16.34
CA ASP A 525 47.69 45.02 17.76
C ASP A 525 46.28 44.49 18.02
N PRO A 526 45.99 44.05 19.24
CA PRO A 526 44.66 43.50 19.53
C PRO A 526 43.52 44.48 19.32
N GLU A 527 43.78 45.78 19.40
CA GLU A 527 42.69 46.75 19.27
C GLU A 527 42.10 46.74 17.86
N THR A 528 42.95 46.84 16.84
CA THR A 528 42.46 46.85 15.47
C THR A 528 41.93 45.49 15.04
N LEU A 529 42.52 44.41 15.55
CA LEU A 529 42.03 43.07 15.21
C LEU A 529 40.62 42.85 15.74
N ASP A 530 40.31 43.36 16.92
CA ASP A 530 38.99 43.22 17.53
C ASP A 530 38.03 44.34 17.13
N GLN A 531 38.41 45.24 16.21
CA GLN A 531 37.43 46.28 15.81
C GLN A 531 37.32 46.36 14.29
N SER A 532 37.94 45.42 13.59
CA SER A 532 37.83 45.37 12.13
C SER A 532 37.33 44.01 11.69
N GLU A 533 36.29 43.52 12.36
CA GLU A 533 35.71 42.22 12.05
C GLU A 533 34.19 42.34 12.00
N VAL A 534 33.57 41.46 11.22
CA VAL A 534 32.12 41.40 11.10
C VAL A 534 31.62 40.28 12.01
N ARG A 535 30.86 40.66 13.03
CA ARG A 535 30.38 39.71 14.03
C ARG A 535 29.05 39.13 13.57
N VAL A 536 29.07 37.85 13.18
CA VAL A 536 27.90 37.19 12.61
C VAL A 536 27.35 36.20 13.63
N TRP A 537 26.10 36.43 14.04
CA TRP A 537 25.36 35.46 14.84
C TRP A 537 24.40 34.73 13.91
N LEU A 538 24.47 33.41 13.89
CA LEU A 538 23.72 32.61 12.92
C LEU A 538 22.73 31.71 13.63
N ASP A 539 21.59 31.48 12.98
CA ASP A 539 20.59 30.51 13.41
C ASP A 539 20.90 29.19 12.72
N MET A 540 21.73 28.37 13.38
CA MET A 540 22.24 27.13 12.78
C MET A 540 21.41 25.91 13.15
N SER A 541 20.10 26.10 13.38
CA SER A 541 19.24 24.97 13.71
C SER A 541 18.99 24.05 12.52
N ASN A 542 19.16 24.59 11.29
CA ASN A 542 18.92 23.83 10.03
C ASN A 542 20.25 23.61 9.32
N GLN A 543 20.64 22.36 9.08
CA GLN A 543 21.95 22.08 8.48
C GLN A 543 22.07 22.64 7.07
N GLN A 544 21.01 22.49 6.26
CA GLN A 544 21.09 22.87 4.86
C GLN A 544 20.98 24.37 4.63
N ILE A 545 20.44 25.12 5.59
CA ILE A 545 20.34 26.57 5.46
C ILE A 545 21.50 27.20 6.23
N GLY A 546 21.96 26.52 7.28
CA GLY A 546 23.13 26.98 7.99
C GLY A 546 24.43 26.78 7.25
N ILE A 547 24.40 26.02 6.15
CA ILE A 547 25.58 25.84 5.31
C ILE A 547 25.61 26.87 4.18
N ILE A 548 24.44 27.16 3.59
CA ILE A 548 24.37 28.16 2.53
C ILE A 548 24.78 29.53 3.05
N LEU A 549 24.28 29.90 4.23
CA LEU A 549 24.65 31.19 4.81
C LEU A 549 26.13 31.23 5.20
N GLN A 550 26.63 30.13 5.76
CA GLN A 550 28.03 30.10 6.17
C GLN A 550 28.98 30.09 4.98
N ARG A 551 28.50 29.74 3.78
CA ARG A 551 29.31 29.71 2.58
C ARG A 551 29.20 30.99 1.76
N ASP A 552 27.99 31.51 1.58
CA ASP A 552 27.82 32.75 0.81
C ASP A 552 28.44 33.94 1.54
N LEU A 553 28.51 33.89 2.87
CA LEU A 553 29.11 34.98 3.62
C LEU A 553 30.63 35.00 3.51
N GLN A 554 31.25 33.83 3.29
CA GLN A 554 32.70 33.75 3.14
C GLN A 554 33.12 33.89 1.68
N LEU A 555 32.32 33.37 0.74
CA LEU A 555 32.63 33.55 -0.67
C LEU A 555 32.54 35.01 -1.07
N SER A 556 31.55 35.73 -0.53
CA SER A 556 31.41 37.15 -0.82
C SER A 556 32.59 37.96 -0.32
N TYR A 557 33.30 37.48 0.70
CA TYR A 557 34.50 38.18 1.15
C TYR A 557 35.67 37.97 0.21
N GLN A 558 35.78 36.78 -0.40
CA GLN A 558 36.88 36.53 -1.34
C GLN A 558 36.79 37.47 -2.54
N ASP A 559 35.58 37.66 -3.08
CA ASP A 559 35.40 38.63 -4.16
C ASP A 559 35.69 40.04 -3.67
N PHE A 560 35.30 40.36 -2.44
CA PHE A 560 35.60 41.67 -1.88
C PHE A 560 37.10 41.88 -1.74
N ALA A 561 37.82 40.87 -1.27
CA ALA A 561 39.27 40.98 -1.16
C ALA A 561 39.92 41.08 -2.53
N LYS A 562 39.45 40.30 -3.49
CA LYS A 562 39.97 40.36 -4.85
C LYS A 562 39.55 41.63 -5.58
N ASP A 563 38.61 42.41 -5.03
CA ASP A 563 38.23 43.68 -5.61
C ASP A 563 38.99 44.85 -5.00
N LEU A 564 39.12 44.87 -3.68
CA LEU A 564 39.91 45.95 -3.04
C LEU A 564 41.34 46.08 -3.55
N LEU A 565 42.11 45.00 -3.52
CA LEU A 565 43.35 44.94 -4.34
C LEU A 565 42.91 44.58 -5.74
N GLY A 566 43.75 44.87 -6.73
CA GLY A 566 43.39 44.61 -8.11
C GLY A 566 42.86 45.88 -8.75
N ALA A 567 42.06 46.62 -7.98
CA ALA A 567 41.74 48.00 -8.31
C ALA A 567 42.76 48.96 -7.72
N CYS A 568 43.67 48.47 -6.89
CA CYS A 568 44.79 49.25 -6.35
C CYS A 568 46.12 48.80 -6.95
N GLU A 569 46.09 48.16 -8.13
CA GLU A 569 47.29 47.72 -8.84
C GLU A 569 48.11 46.74 -8.01
N GLN A 570 47.51 45.58 -7.73
CA GLN A 570 48.19 44.50 -7.03
C GLN A 570 47.83 43.18 -7.72
N ASN A 571 48.36 42.08 -7.18
CA ASN A 571 48.17 40.77 -7.78
C ASN A 571 47.00 40.05 -7.11
N PRO A 572 45.93 39.75 -7.85
CA PRO A 572 44.76 39.11 -7.22
C PRO A 572 45.07 37.79 -6.54
N ASP A 573 46.08 37.06 -7.02
CA ASP A 573 46.42 35.77 -6.42
C ASP A 573 46.98 35.91 -5.01
N LEU A 574 47.36 37.12 -4.61
CA LEU A 574 47.90 37.31 -3.26
C LEU A 574 46.85 37.01 -2.19
N ALA A 575 45.61 37.46 -2.41
CA ALA A 575 44.53 37.25 -1.45
C ALA A 575 43.93 35.87 -1.67
N GLU A 576 44.66 34.84 -1.23
CA GLU A 576 44.24 33.47 -1.39
C GLU A 576 44.80 32.62 -0.27
N ILE A 577 44.18 31.47 -0.06
CA ILE A 577 44.65 30.47 0.90
C ILE A 577 45.57 29.51 0.16
N PRO A 578 46.63 29.00 0.81
CA PRO A 578 47.49 28.03 0.11
C PRO A 578 46.77 26.78 -0.36
N ILE A 579 45.67 26.40 0.27
CA ILE A 579 44.87 25.28 -0.21
C ILE A 579 44.09 25.74 -1.43
N SER A 580 44.60 25.43 -2.61
CA SER A 580 44.00 25.85 -3.88
C SER A 580 43.30 24.67 -4.51
N PHE A 581 42.02 24.81 -4.79
CA PHE A 581 41.22 23.74 -5.39
C PHE A 581 41.22 23.90 -6.90
N LYS A 582 41.79 22.93 -7.60
CA LYS A 582 41.87 22.97 -9.05
C LYS A 582 40.53 22.54 -9.65
N GLU A 583 40.49 22.37 -10.96
CA GLU A 583 39.25 21.96 -11.63
C GLU A 583 38.90 20.54 -11.22
N PRO A 584 37.66 20.28 -10.81
CA PRO A 584 37.30 18.93 -10.34
C PRO A 584 37.44 17.89 -11.44
N ILE A 585 37.82 16.68 -11.04
CA ILE A 585 37.93 15.57 -11.98
C ILE A 585 36.56 15.22 -12.55
N TYR A 586 35.55 15.14 -11.69
CA TYR A 586 34.19 14.79 -12.10
C TYR A 586 33.22 15.82 -11.56
N GLY A 587 32.17 16.08 -12.34
CA GLY A 587 31.16 17.04 -11.92
C GLY A 587 31.62 18.48 -12.05
N SER A 588 30.95 19.35 -11.30
CA SER A 588 31.22 20.77 -11.31
C SER A 588 31.43 21.26 -9.88
N ASN A 589 31.92 22.50 -9.77
CA ASN A 589 32.18 23.10 -8.46
C ASN A 589 30.92 23.45 -7.69
N LYS A 590 29.75 23.37 -8.32
CA LYS A 590 28.48 23.69 -7.67
C LYS A 590 27.53 22.51 -7.90
N PRO A 591 27.71 21.43 -7.14
CA PRO A 591 26.85 20.26 -7.33
C PRO A 591 25.45 20.48 -6.78
N SER A 592 24.54 19.60 -7.20
CA SER A 592 23.15 19.65 -6.80
C SER A 592 22.73 18.34 -6.16
N PHE A 593 21.82 18.43 -5.19
CA PHE A 593 21.32 17.24 -4.52
C PHE A 593 20.33 16.46 -5.37
N THR A 594 19.69 17.11 -6.34
CA THR A 594 18.75 16.40 -7.21
C THR A 594 19.45 15.32 -8.03
N ASP A 595 20.65 15.63 -8.54
CA ASP A 595 21.38 14.67 -9.35
C ASP A 595 21.83 13.45 -8.55
N PHE A 596 21.88 13.55 -7.23
CA PHE A 596 22.26 12.43 -6.39
C PHE A 596 21.08 11.53 -6.05
N VAL A 597 19.87 12.07 -6.02
CA VAL A 597 18.68 11.29 -5.70
C VAL A 597 17.91 10.86 -6.94
N ALA A 598 18.10 11.54 -8.08
CA ALA A 598 17.38 11.17 -9.29
C ALA A 598 17.64 9.73 -9.73
N PRO A 599 18.87 9.22 -9.74
CA PRO A 599 19.04 7.78 -10.01
C PRO A 599 18.41 6.89 -8.95
N GLY A 600 18.17 7.40 -7.74
CA GLY A 600 17.58 6.58 -6.69
C GLY A 600 16.09 6.40 -6.79
N VAL A 601 15.40 7.26 -7.54
CA VAL A 601 13.96 7.14 -7.70
C VAL A 601 13.56 6.54 -9.04
N ILE A 602 14.47 6.48 -10.01
CA ILE A 602 14.19 5.79 -11.26
C ILE A 602 13.98 4.30 -11.02
N LEU A 603 14.85 3.69 -10.21
CA LEU A 603 14.75 2.27 -9.93
C LEU A 603 13.75 1.94 -8.83
N THR A 604 13.24 2.94 -8.12
CA THR A 604 12.26 2.71 -7.07
C THR A 604 10.83 2.73 -7.61
N ILE A 605 10.52 3.69 -8.48
CA ILE A 605 9.19 3.74 -9.09
C ILE A 605 8.95 2.52 -9.96
N VAL A 606 9.95 2.13 -10.76
CA VAL A 606 9.78 0.99 -11.65
C VAL A 606 9.66 -0.31 -10.86
N PHE A 607 10.48 -0.49 -9.83
CA PHE A 607 10.48 -1.74 -9.07
C PHE A 607 9.17 -1.94 -8.32
N PHE A 608 8.70 -0.91 -7.62
CA PHE A 608 7.53 -1.06 -6.78
C PHE A 608 6.26 -1.25 -7.61
N LEU A 609 6.12 -0.50 -8.70
CA LEU A 609 4.91 -0.58 -9.51
C LEU A 609 4.78 -1.90 -10.23
N ALA A 610 5.89 -2.62 -10.45
CA ALA A 610 5.80 -3.96 -11.02
C ALA A 610 5.33 -4.97 -10.00
N VAL A 611 5.74 -4.80 -8.74
CA VAL A 611 5.29 -5.71 -7.68
C VAL A 611 3.79 -5.57 -7.46
N ALA A 612 3.29 -4.33 -7.42
CA ALA A 612 1.87 -4.12 -7.15
C ALA A 612 1.00 -4.67 -8.27
N LEU A 613 1.41 -4.47 -9.53
CA LEU A 613 0.59 -4.92 -10.65
C LEU A 613 0.58 -6.45 -10.76
N THR A 614 1.74 -7.09 -10.55
CA THR A 614 1.82 -8.53 -10.69
C THR A 614 1.11 -9.25 -9.54
N SER A 615 1.30 -8.75 -8.31
CA SER A 615 0.71 -9.42 -7.15
C SER A 615 -0.81 -9.39 -7.21
N SER A 616 -1.40 -8.24 -7.57
CA SER A 616 -2.85 -8.13 -7.60
C SER A 616 -3.44 -8.93 -8.76
N ALA A 617 -2.76 -8.96 -9.90
CA ALA A 617 -3.29 -9.65 -11.07
C ALA A 617 -3.40 -11.15 -10.83
N LEU A 618 -2.41 -11.75 -10.18
CA LEU A 618 -2.40 -13.19 -9.96
C LEU A 618 -3.11 -13.62 -8.69
N ILE A 619 -3.55 -12.68 -7.86
CA ILE A 619 -4.27 -13.04 -6.64
C ILE A 619 -5.77 -12.87 -6.82
N ILE A 620 -6.20 -11.75 -7.40
CA ILE A 620 -7.62 -11.54 -7.66
C ILE A 620 -8.15 -12.58 -8.65
N GLU A 621 -7.40 -12.81 -9.72
CA GLU A 621 -7.89 -13.68 -10.79
C GLU A 621 -7.82 -15.16 -10.39
N ARG A 622 -6.87 -15.53 -9.51
CA ARG A 622 -6.85 -16.89 -9.01
C ARG A 622 -7.99 -17.15 -8.03
N MET A 623 -8.23 -16.20 -7.12
CA MET A 623 -9.23 -16.39 -6.07
C MET A 623 -10.65 -16.36 -6.61
N GLU A 624 -10.87 -15.80 -7.81
CA GLU A 624 -12.19 -15.76 -8.42
C GLU A 624 -12.48 -16.97 -9.30
N GLY A 625 -11.55 -17.93 -9.38
CA GLY A 625 -11.75 -19.11 -10.20
C GLY A 625 -11.45 -18.93 -11.66
N LEU A 626 -10.78 -17.84 -12.04
CA LEU A 626 -10.51 -17.60 -13.46
C LEU A 626 -9.38 -18.50 -13.98
N LEU A 627 -8.38 -18.76 -13.15
CA LEU A 627 -7.34 -19.72 -13.52
C LEU A 627 -7.92 -21.13 -13.70
N ASP A 628 -8.75 -21.56 -12.74
CA ASP A 628 -9.23 -22.94 -12.76
C ASP A 628 -10.15 -23.19 -13.95
N ARG A 629 -11.03 -22.23 -14.27
CA ARG A 629 -11.96 -22.43 -15.37
C ARG A 629 -11.25 -22.42 -16.72
N SER A 630 -10.33 -21.46 -16.92
CA SER A 630 -9.62 -21.37 -18.18
C SER A 630 -8.67 -22.54 -18.39
N TRP A 631 -8.19 -23.17 -17.32
CA TRP A 631 -7.32 -24.33 -17.46
C TRP A 631 -8.06 -25.50 -18.11
N VAL A 632 -9.32 -25.71 -17.72
CA VAL A 632 -10.12 -26.79 -18.29
C VAL A 632 -10.34 -26.59 -19.78
N ALA A 633 -10.30 -25.34 -20.26
CA ALA A 633 -10.45 -25.06 -21.67
C ALA A 633 -9.21 -25.40 -22.49
N GLY A 634 -8.16 -25.91 -21.87
CA GLY A 634 -6.95 -26.29 -22.57
C GLY A 634 -5.80 -25.33 -22.46
N VAL A 635 -5.91 -24.28 -21.66
CA VAL A 635 -4.84 -23.29 -21.51
C VAL A 635 -3.91 -23.83 -20.42
N THR A 636 -2.87 -24.55 -20.86
CA THR A 636 -1.89 -25.08 -19.94
C THR A 636 -1.14 -23.93 -19.26
N PRO A 637 -0.68 -24.10 -18.01
CA PRO A 637 0.03 -23.03 -17.30
C PRO A 637 1.43 -22.77 -17.85
N GLY A 638 1.53 -22.61 -19.17
CA GLY A 638 2.76 -22.25 -19.83
C GLY A 638 2.62 -21.00 -20.66
N GLU A 639 1.40 -20.72 -21.12
CA GLU A 639 1.10 -19.46 -21.79
C GLU A 639 0.36 -18.48 -20.90
N ILE A 640 -0.24 -18.94 -19.80
CA ILE A 640 -0.77 -18.03 -18.80
C ILE A 640 0.36 -17.22 -18.19
N LEU A 641 1.47 -17.88 -17.85
CA LEU A 641 2.62 -17.18 -17.30
C LEU A 641 3.38 -16.41 -18.38
N PHE A 642 3.51 -17.00 -19.57
CA PHE A 642 4.24 -16.34 -20.65
C PHE A 642 3.55 -15.04 -21.07
N SER A 643 2.22 -15.06 -21.19
CA SER A 643 1.50 -13.85 -21.57
C SER A 643 1.64 -12.77 -20.52
N HIS A 644 1.59 -13.13 -19.23
CA HIS A 644 1.70 -12.15 -18.17
C HIS A 644 3.04 -11.42 -18.23
N VAL A 645 4.11 -12.16 -18.55
CA VAL A 645 5.42 -11.53 -18.71
C VAL A 645 5.39 -10.55 -19.88
N VAL A 646 4.76 -10.93 -20.99
CA VAL A 646 4.67 -10.04 -22.14
C VAL A 646 3.84 -8.81 -21.79
N THR A 647 2.70 -9.02 -21.12
CA THR A 647 1.87 -7.89 -20.72
C THR A 647 2.60 -7.01 -19.71
N GLN A 648 3.29 -7.63 -18.74
CA GLN A 648 4.06 -6.85 -17.78
C GLN A 648 5.21 -6.11 -18.46
N PHE A 649 5.86 -6.76 -19.43
CA PHE A 649 6.98 -6.11 -20.11
C PHE A 649 6.53 -4.91 -20.94
N VAL A 650 5.38 -5.02 -21.61
CA VAL A 650 4.92 -3.94 -22.48
C VAL A 650 4.47 -2.73 -21.66
N VAL A 651 3.71 -2.96 -20.59
CA VAL A 651 3.29 -1.87 -19.71
C VAL A 651 4.48 -1.23 -19.02
N MET A 652 5.65 -1.87 -19.13
CA MET A 652 6.86 -1.53 -18.39
C MET A 652 7.80 -0.66 -19.22
N CYS A 653 7.90 -0.94 -20.51
CA CYS A 653 8.63 -0.07 -21.44
C CYS A 653 7.92 1.26 -21.66
N GLY A 654 6.66 1.38 -21.23
CA GLY A 654 5.95 2.64 -21.30
C GLY A 654 6.15 3.48 -20.07
N GLN A 655 6.41 2.83 -18.93
CA GLN A 655 6.74 3.57 -17.71
C GLN A 655 8.15 4.13 -17.78
N THR A 656 9.10 3.36 -18.32
CA THR A 656 10.46 3.85 -18.47
C THR A 656 10.54 4.98 -19.47
N ALA A 657 9.76 4.90 -20.56
CA ALA A 657 9.78 5.96 -21.57
C ALA A 657 9.20 7.27 -21.05
N LEU A 658 8.44 7.24 -19.96
CA LEU A 658 7.88 8.46 -19.38
C LEU A 658 8.73 9.01 -18.25
N VAL A 659 9.30 8.15 -17.40
CA VAL A 659 10.18 8.62 -16.33
C VAL A 659 11.45 9.24 -16.91
N LEU A 660 12.05 8.59 -17.89
CA LEU A 660 13.30 9.08 -18.46
C LEU A 660 13.08 10.36 -19.26
N ILE A 661 12.00 10.42 -20.05
CA ILE A 661 11.75 11.60 -20.86
C ILE A 661 11.47 12.81 -19.99
N PHE A 662 10.67 12.65 -18.94
CA PHE A 662 10.25 13.78 -18.12
C PHE A 662 11.31 14.22 -17.13
N MET A 663 12.42 13.49 -16.99
CA MET A 663 13.48 13.87 -16.08
C MET A 663 14.79 14.24 -16.76
N ILE A 664 15.05 13.70 -17.96
CA ILE A 664 16.27 14.01 -18.69
C ILE A 664 16.04 15.09 -19.73
N LEU A 665 15.02 14.91 -20.60
CA LEU A 665 14.71 15.94 -21.59
C LEU A 665 14.19 17.20 -20.92
N VAL A 666 13.23 17.05 -20.01
CA VAL A 666 12.70 18.16 -19.23
C VAL A 666 13.34 18.12 -17.85
N PHE A 667 13.50 19.29 -17.25
CA PHE A 667 14.14 19.53 -15.95
C PHE A 667 15.65 19.33 -16.00
N GLY A 668 16.19 18.88 -17.13
CA GLY A 668 17.63 18.89 -17.37
C GLY A 668 18.52 18.15 -16.39
N VAL A 669 18.16 16.91 -16.03
CA VAL A 669 19.03 16.08 -15.22
C VAL A 669 20.14 15.54 -16.12
N GLN A 670 21.39 15.75 -15.72
CA GLN A 670 22.52 15.43 -16.58
C GLN A 670 22.64 13.92 -16.78
N CYS A 671 22.93 13.52 -18.01
CA CYS A 671 23.17 12.12 -18.38
C CYS A 671 24.47 12.10 -19.18
N LYS A 672 25.61 12.00 -18.47
CA LYS A 672 26.90 12.03 -19.12
C LYS A 672 27.29 10.69 -19.74
N GLY A 673 26.62 9.60 -19.34
CA GLY A 673 26.92 8.28 -19.85
C GLY A 673 26.11 7.92 -21.08
N ASP A 674 26.15 6.64 -21.41
CA ASP A 674 25.39 6.13 -22.55
C ASP A 674 23.95 5.89 -22.15
N ILE A 675 23.01 6.39 -22.96
CA ILE A 675 21.60 6.20 -22.68
C ILE A 675 21.15 4.78 -23.00
N GLY A 676 21.93 4.05 -23.79
CA GLY A 676 21.55 2.68 -24.12
C GLY A 676 21.58 1.76 -22.92
N TRP A 677 22.63 1.85 -22.11
CA TRP A 677 22.75 0.99 -20.93
C TRP A 677 21.84 1.42 -19.79
N VAL A 678 21.43 2.69 -19.75
CA VAL A 678 20.52 3.13 -18.70
C VAL A 678 19.16 2.47 -18.86
N ILE A 679 18.67 2.38 -20.09
CA ILE A 679 17.36 1.75 -20.33
C ILE A 679 17.40 0.28 -19.96
N VAL A 680 18.47 -0.42 -20.33
CA VAL A 680 18.58 -1.85 -20.06
C VAL A 680 18.59 -2.11 -18.56
N LEU A 681 19.35 -1.31 -17.80
CA LEU A 681 19.41 -1.50 -16.36
C LEU A 681 18.06 -1.24 -15.71
N THR A 682 17.34 -0.20 -16.16
CA THR A 682 16.03 0.08 -15.60
C THR A 682 15.05 -1.05 -15.89
N ILE A 683 15.09 -1.59 -17.11
CA ILE A 683 14.20 -2.69 -17.47
C ILE A 683 14.55 -3.93 -16.67
N LEU A 684 15.85 -4.22 -16.51
CA LEU A 684 16.26 -5.41 -15.78
C LEU A 684 15.86 -5.33 -14.31
N GLN A 685 15.98 -4.15 -13.69
CA GLN A 685 15.54 -4.00 -12.31
C GLN A 685 14.06 -4.34 -12.15
N GLY A 686 13.24 -3.90 -13.09
CA GLY A 686 11.82 -4.20 -13.02
C GLY A 686 11.52 -5.69 -13.13
N LEU A 687 12.21 -6.39 -14.03
CA LEU A 687 12.01 -7.82 -14.17
C LEU A 687 12.33 -8.55 -12.87
N CYS A 688 13.28 -8.00 -12.10
CA CYS A 688 13.47 -8.45 -10.73
C CYS A 688 12.25 -8.12 -9.88
N GLY A 689 11.64 -6.96 -10.11
CA GLY A 689 10.44 -6.60 -9.37
C GLY A 689 9.26 -7.48 -9.70
N MET A 690 9.07 -7.81 -10.98
CA MET A 690 7.98 -8.69 -11.37
C MET A 690 8.15 -10.07 -10.76
N CYS A 691 9.39 -10.59 -10.75
CA CYS A 691 9.64 -11.88 -10.14
C CYS A 691 9.34 -11.89 -8.65
N PHE A 692 9.48 -10.74 -7.99
CA PHE A 692 9.09 -10.64 -6.59
C PHE A 692 7.58 -10.74 -6.43
N GLY A 693 6.81 -10.28 -7.42
CA GLY A 693 5.37 -10.44 -7.36
C GLY A 693 4.92 -11.88 -7.36
N PHE A 694 5.65 -12.75 -8.06
CA PHE A 694 5.34 -14.18 -8.05
C PHE A 694 5.51 -14.76 -6.65
N VAL A 695 6.57 -14.35 -5.95
CA VAL A 695 6.79 -14.84 -4.58
C VAL A 695 5.68 -14.37 -3.66
N ILE A 696 5.27 -13.10 -3.78
CA ILE A 696 4.20 -12.58 -2.93
C ILE A 696 2.89 -13.28 -3.24
N SER A 697 2.57 -13.45 -4.52
CA SER A 697 1.34 -14.15 -4.90
C SER A 697 1.58 -15.65 -5.04
N ALA A 698 2.26 -16.22 -4.07
CA ALA A 698 2.37 -17.67 -3.92
C ALA A 698 2.23 -18.14 -2.48
N ILE A 699 2.33 -17.25 -1.50
CA ILE A 699 2.15 -17.61 -0.09
C ILE A 699 0.97 -16.88 0.53
N CYS A 700 0.43 -15.84 -0.12
CA CYS A 700 -0.68 -15.07 0.39
C CYS A 700 -1.90 -15.30 -0.49
N GLU A 701 -3.01 -15.71 0.12
CA GLU A 701 -4.26 -15.94 -0.59
C GLU A 701 -5.20 -14.73 -0.52
N LEU A 702 -5.32 -14.11 0.66
CA LEU A 702 -6.17 -12.95 0.82
C LEU A 702 -5.52 -11.71 0.18
N GLU A 703 -6.37 -10.83 -0.33
CA GLU A 703 -5.89 -9.60 -0.95
C GLU A 703 -5.17 -8.71 0.06
N ARG A 704 -5.74 -8.59 1.26
CA ARG A 704 -5.16 -7.70 2.27
C ARG A 704 -3.84 -8.22 2.82
N ASN A 705 -3.58 -9.52 2.73
CA ASN A 705 -2.33 -10.07 3.25
C ASN A 705 -1.14 -9.73 2.37
N ALA A 706 -1.33 -9.68 1.05
CA ALA A 706 -0.23 -9.35 0.16
C ALA A 706 0.20 -7.89 0.32
N ILE A 707 -0.73 -7.00 0.65
CA ILE A 707 -0.40 -5.59 0.79
C ILE A 707 0.57 -5.38 1.96
N GLN A 708 0.30 -6.02 3.10
CA GLN A 708 1.19 -5.88 4.24
C GLN A 708 2.56 -6.48 3.95
N LEU A 709 2.61 -7.62 3.26
CA LEU A 709 3.90 -8.23 2.93
C LEU A 709 4.68 -7.36 1.95
N ALA A 710 4.01 -6.78 0.96
CA ALA A 710 4.70 -5.91 0.01
C ALA A 710 5.19 -4.63 0.68
N LEU A 711 4.35 -4.01 1.49
CA LEU A 711 4.76 -2.78 2.17
C LEU A 711 5.71 -3.06 3.32
N GLY A 712 5.55 -4.19 4.00
CA GLY A 712 6.40 -4.52 5.14
C GLY A 712 7.80 -4.95 4.77
N SER A 713 8.07 -5.20 3.50
CA SER A 713 9.41 -5.55 3.02
C SER A 713 10.05 -4.48 2.17
N PHE A 714 9.25 -3.64 1.51
CA PHE A 714 9.81 -2.58 0.67
C PHE A 714 10.39 -1.44 1.51
N TYR A 715 9.56 -0.89 2.38
CA TYR A 715 9.98 0.28 3.19
C TYR A 715 11.36 0.04 3.80
N PRO A 716 11.57 -1.05 4.59
CA PRO A 716 12.86 -1.31 5.21
C PRO A 716 14.09 -1.29 4.31
N THR A 717 14.02 -1.96 3.16
CA THR A 717 15.05 -1.74 2.12
C THR A 717 14.67 -0.33 1.65
N LEU A 718 15.54 0.48 1.06
CA LEU A 718 15.23 1.90 0.73
C LEU A 718 15.51 2.80 1.94
N LEU A 719 15.78 2.26 3.10
CA LEU A 719 16.51 2.96 4.20
C LEU A 719 17.86 2.29 4.36
N LEU A 720 18.19 1.35 3.47
CA LEU A 720 19.45 0.62 3.45
C LEU A 720 20.09 0.59 2.07
N SER A 721 19.40 1.06 1.04
CA SER A 721 19.92 1.05 -0.32
C SER A 721 20.64 2.33 -0.70
N GLY A 722 20.71 3.30 0.20
CA GLY A 722 21.40 4.55 -0.08
C GLY A 722 20.77 5.37 -1.18
N VAL A 723 19.45 5.50 -1.15
CA VAL A 723 18.75 6.30 -2.17
C VAL A 723 18.75 7.77 -1.77
N ILE A 724 18.49 8.08 -0.51
CA ILE A 724 18.36 9.45 -0.04
C ILE A 724 19.62 9.94 0.65
N TRP A 725 20.55 9.05 0.99
CA TRP A 725 21.76 9.43 1.70
C TRP A 725 22.91 8.58 1.20
N PRO A 726 24.14 9.09 1.22
CA PRO A 726 25.28 8.27 0.80
C PRO A 726 25.42 7.00 1.64
N ILE A 727 25.86 5.92 0.98
CA ILE A 727 26.05 4.65 1.65
C ILE A 727 27.18 4.70 2.67
N GLU A 728 28.11 5.64 2.54
CA GLU A 728 29.27 5.70 3.43
C GLU A 728 28.89 6.04 4.87
N GLY A 729 27.74 6.68 5.09
CA GLY A 729 27.37 7.09 6.43
C GLY A 729 26.97 5.95 7.35
N MET A 730 26.53 4.82 6.78
CA MET A 730 26.09 3.71 7.60
C MET A 730 27.29 3.07 8.32
N PRO A 731 27.07 2.54 9.54
CA PRO A 731 28.16 1.86 10.23
C PRO A 731 28.63 0.64 9.47
N THR A 732 29.93 0.37 9.54
CA THR A 732 30.51 -0.71 8.75
C THR A 732 30.35 -2.07 9.43
N VAL A 733 29.14 -2.37 9.89
CA VAL A 733 28.76 -3.72 10.27
C VAL A 733 27.43 -4.00 9.58
N LEU A 734 26.69 -2.93 9.28
CA LEU A 734 25.43 -3.02 8.56
C LEU A 734 25.57 -2.61 7.10
N ARG A 735 26.65 -1.93 6.75
CA ARG A 735 26.93 -1.64 5.35
C ARG A 735 27.18 -2.93 4.58
N TYR A 736 27.88 -3.89 5.19
CA TYR A 736 28.10 -5.18 4.55
C TYR A 736 26.79 -5.91 4.31
N VAL A 737 25.90 -5.90 5.31
CA VAL A 737 24.59 -6.53 5.15
C VAL A 737 23.77 -5.80 4.10
N SER A 738 23.84 -4.48 4.09
CA SER A 738 23.04 -3.69 3.15
C SER A 738 23.52 -3.82 1.72
N THR A 739 24.67 -4.45 1.48
CA THR A 739 25.18 -4.58 0.12
C THR A 739 24.41 -5.64 -0.67
N PHE A 740 23.91 -6.68 0.00
CA PHE A 740 23.24 -7.79 -0.67
C PHE A 740 21.76 -7.52 -0.93
N LEU A 741 21.29 -6.31 -0.67
CA LEU A 741 19.90 -5.96 -0.90
C LEU A 741 19.64 -5.79 -2.40
N PRO A 742 18.38 -5.84 -2.85
CA PRO A 742 18.10 -5.76 -4.29
C PRO A 742 18.52 -4.45 -4.95
N LEU A 743 18.04 -3.32 -4.43
CA LEU A 743 18.21 -2.04 -5.08
C LEU A 743 19.50 -1.32 -4.74
N THR A 744 20.27 -1.82 -3.76
CA THR A 744 21.43 -1.07 -3.28
C THR A 744 22.56 -1.05 -4.32
N LEU A 745 22.80 -2.19 -4.98
CA LEU A 745 23.92 -2.28 -5.91
C LEU A 745 23.56 -1.83 -7.32
N ALA A 746 22.27 -1.74 -7.64
CA ALA A 746 21.85 -1.20 -8.93
C ALA A 746 21.71 0.32 -8.90
N THR A 747 21.35 0.89 -7.75
CA THR A 747 21.31 2.34 -7.63
C THR A 747 22.71 2.95 -7.76
N THR A 748 23.71 2.32 -7.13
CA THR A 748 25.08 2.81 -7.22
C THR A 748 25.59 2.75 -8.66
N SER A 749 25.31 1.65 -9.36
CA SER A 749 25.75 1.53 -10.75
C SER A 749 25.09 2.57 -11.64
N LEU A 750 23.79 2.81 -11.43
CA LEU A 750 23.10 3.83 -12.22
C LEU A 750 23.58 5.23 -11.89
N ARG A 751 23.94 5.47 -10.62
CA ARG A 751 24.48 6.78 -10.24
C ARG A 751 25.82 7.04 -10.92
N ALA A 752 26.66 6.02 -11.03
CA ALA A 752 27.96 6.20 -11.66
C ALA A 752 27.86 6.32 -13.18
N MET A 753 26.76 5.87 -13.78
CA MET A 753 26.56 5.97 -15.21
C MET A 753 25.95 7.28 -15.65
N LEU A 754 25.50 8.11 -14.71
CA LEU A 754 24.87 9.39 -15.02
C LEU A 754 25.72 10.58 -14.59
N THR A 755 26.26 10.55 -13.37
CA THR A 755 27.00 11.67 -12.84
C THR A 755 28.50 11.61 -13.13
N ARG A 756 28.99 10.53 -13.72
CA ARG A 756 30.41 10.40 -14.02
C ARG A 756 30.64 10.04 -15.47
N GLY A 757 29.70 9.32 -16.08
CA GLY A 757 29.86 8.89 -17.46
C GLY A 757 30.66 7.62 -17.66
N TRP A 758 30.73 6.76 -16.64
CA TRP A 758 31.49 5.52 -16.76
C TRP A 758 30.81 4.57 -17.74
N SER A 759 31.59 3.63 -18.26
CA SER A 759 31.11 2.65 -19.22
C SER A 759 30.75 1.35 -18.51
N ILE A 760 30.34 0.35 -19.29
CA ILE A 760 29.96 -0.94 -18.72
C ILE A 760 31.19 -1.66 -18.16
N ALA A 761 32.33 -1.55 -18.83
CA ALA A 761 33.52 -2.29 -18.38
C ALA A 761 34.09 -1.43 -17.27
N GLU A 762 33.37 -1.24 -16.17
CA GLU A 762 34.00 -0.67 -14.95
C GLU A 762 33.44 -1.42 -13.75
N PRO A 763 34.27 -2.05 -12.91
CA PRO A 763 33.78 -2.88 -11.82
C PRO A 763 32.73 -2.27 -10.90
N ALA A 764 32.25 -1.08 -11.17
CA ALA A 764 31.16 -0.57 -10.31
C ALA A 764 29.91 -0.45 -11.16
N VAL A 765 30.07 -0.53 -12.47
CA VAL A 765 28.91 -0.42 -13.39
C VAL A 765 28.46 -1.81 -13.78
N TYR A 766 29.34 -2.83 -13.87
CA TYR A 766 28.76 -4.13 -14.20
C TYR A 766 28.37 -4.93 -12.98
N TYR A 767 28.82 -4.54 -11.79
CA TYR A 767 28.33 -5.17 -10.56
C TYR A 767 26.85 -4.90 -10.34
N GLY A 768 26.31 -3.83 -10.92
CA GLY A 768 24.88 -3.56 -10.82
C GLY A 768 24.03 -4.39 -11.75
N PHE A 769 24.63 -5.02 -12.75
CA PHE A 769 23.92 -5.94 -13.64
C PHE A 769 23.93 -7.37 -13.10
N LEU A 770 25.06 -7.83 -12.56
CA LEU A 770 25.12 -9.15 -11.98
C LEU A 770 24.26 -9.24 -10.72
N ALA A 771 24.24 -8.19 -9.90
CA ALA A 771 23.46 -8.21 -8.67
C ALA A 771 21.96 -8.26 -8.96
N THR A 772 21.51 -7.56 -9.99
CA THR A 772 20.09 -7.54 -10.34
C THR A 772 19.67 -8.74 -11.18
N ILE A 773 20.62 -9.54 -11.68
CA ILE A 773 20.28 -10.76 -12.41
C ILE A 773 20.23 -11.96 -11.48
N ILE A 774 21.12 -11.99 -10.47
CA ILE A 774 21.09 -13.07 -9.50
C ILE A 774 19.78 -13.07 -8.73
N TRP A 775 19.27 -11.88 -8.40
CA TRP A 775 18.00 -11.79 -7.67
C TRP A 775 16.84 -12.31 -8.50
N ILE A 776 16.91 -12.19 -9.83
CA ILE A 776 15.88 -12.75 -10.69
C ILE A 776 15.83 -14.27 -10.54
N VAL A 777 17.01 -14.91 -10.54
CA VAL A 777 17.07 -16.36 -10.35
C VAL A 777 16.59 -16.74 -8.95
N ALA A 778 17.03 -15.99 -7.94
CA ALA A 778 16.64 -16.29 -6.56
C ALA A 778 15.14 -16.16 -6.37
N PHE A 779 14.54 -15.12 -6.95
CA PHE A 779 13.10 -14.93 -6.83
C PHE A 779 12.30 -15.95 -7.65
N LEU A 780 12.89 -16.49 -8.72
CA LEU A 780 12.24 -17.53 -9.50
C LEU A 780 12.46 -18.92 -8.94
N THR A 781 13.39 -19.09 -8.00
CA THR A 781 13.61 -20.37 -7.34
C THR A 781 12.76 -20.52 -6.10
N ILE A 782 12.63 -19.45 -5.30
CA ILE A 782 11.80 -19.50 -4.10
C ILE A 782 10.34 -19.73 -4.49
N SER A 783 9.87 -19.07 -5.54
CA SER A 783 8.48 -19.22 -5.96
C SER A 783 8.18 -20.66 -6.38
N MET A 784 9.08 -21.29 -7.13
CA MET A 784 8.90 -22.69 -7.49
C MET A 784 8.96 -23.59 -6.26
N LEU A 785 9.86 -23.29 -5.33
CA LEU A 785 9.96 -24.08 -4.11
C LEU A 785 8.70 -23.94 -3.26
N VAL A 786 8.13 -22.74 -3.20
CA VAL A 786 6.92 -22.52 -2.42
C VAL A 786 5.76 -23.35 -2.98
N LEU A 787 5.60 -23.35 -4.30
CA LEU A 787 4.52 -24.12 -4.92
C LEU A 787 4.71 -25.61 -4.71
N ARG A 788 5.95 -26.09 -4.68
CA ARG A 788 6.21 -27.50 -4.42
C ARG A 788 5.74 -27.90 -3.03
N PHE A 789 5.98 -27.05 -2.03
CA PHE A 789 5.61 -27.33 -0.65
C PHE A 789 4.17 -26.92 -0.33
N LYS A 790 3.33 -26.73 -1.35
CA LYS A 790 1.96 -26.30 -1.14
C LYS A 790 1.03 -26.85 -2.22
N HIS B 62 -52.03 -10.13 13.53
CA HIS B 62 -51.32 -9.60 12.36
C HIS B 62 -49.93 -9.11 12.75
N ALA B 63 -48.94 -10.00 12.65
CA ALA B 63 -47.57 -9.62 13.00
C ALA B 63 -46.97 -8.68 11.96
N VAL B 64 -47.22 -8.94 10.68
CA VAL B 64 -46.65 -8.16 9.59
C VAL B 64 -47.78 -7.77 8.63
N CYS B 65 -47.81 -6.49 8.25
CA CYS B 65 -48.75 -5.98 7.27
C CYS B 65 -48.01 -4.98 6.39
N VAL B 66 -47.90 -5.29 5.10
CA VAL B 66 -47.14 -4.48 4.15
C VAL B 66 -48.03 -4.04 3.00
N ARG B 67 -49.32 -3.89 3.27
CA ARG B 67 -50.30 -3.62 2.23
C ARG B 67 -49.96 -2.37 1.43
N HIS B 68 -50.16 -2.46 0.12
CA HIS B 68 -49.92 -1.35 -0.81
C HIS B 68 -48.47 -0.88 -0.77
N ALA B 69 -47.54 -1.83 -0.74
CA ALA B 69 -46.13 -1.49 -0.76
C ALA B 69 -45.71 -0.98 -2.13
N PHE B 70 -44.69 -0.13 -2.14
CA PHE B 70 -44.18 0.45 -3.37
C PHE B 70 -42.70 0.77 -3.18
N LYS B 71 -41.87 0.36 -4.14
CA LYS B 71 -40.44 0.63 -4.06
C LYS B 71 -39.87 0.71 -5.47
N GLN B 72 -39.02 1.71 -5.69
CA GLN B 72 -38.40 1.92 -6.99
C GLN B 72 -37.13 2.73 -6.82
N TYR B 73 -36.14 2.46 -7.67
CA TYR B 73 -34.88 3.18 -7.68
C TYR B 73 -34.17 2.84 -8.99
N GLY B 74 -33.02 3.49 -9.21
CA GLY B 74 -32.23 3.22 -10.39
C GLY B 74 -32.19 4.38 -11.37
N SER B 75 -32.11 4.06 -12.66
CA SER B 75 -32.03 5.08 -13.69
C SER B 75 -33.35 5.85 -13.79
N LYS B 76 -33.24 7.13 -14.12
CA LYS B 76 -34.44 7.97 -14.24
C LYS B 76 -35.34 7.50 -15.39
N LYS B 77 -34.74 7.11 -16.52
CA LYS B 77 -35.52 6.72 -17.68
C LYS B 77 -36.28 5.42 -17.43
N ASN B 78 -35.59 4.41 -16.89
CA ASN B 78 -36.17 3.09 -16.66
C ASN B 78 -35.91 2.67 -15.22
N PRO B 79 -36.68 3.19 -14.27
CA PRO B 79 -36.51 2.76 -12.87
C PRO B 79 -36.87 1.30 -12.70
N ASN B 80 -36.20 0.65 -11.75
CA ASN B 80 -36.40 -0.77 -11.47
C ASN B 80 -37.52 -0.90 -10.42
N HIS B 81 -38.73 -1.14 -10.89
CA HIS B 81 -39.86 -1.40 -9.99
C HIS B 81 -39.72 -2.79 -9.41
N VAL B 82 -39.52 -2.88 -8.09
CA VAL B 82 -39.23 -4.14 -7.44
C VAL B 82 -40.32 -4.57 -6.45
N LEU B 83 -41.11 -3.63 -5.94
CA LEU B 83 -42.19 -3.91 -4.98
C LEU B 83 -43.46 -3.19 -5.40
N SER B 84 -43.83 -3.35 -6.68
CA SER B 84 -44.88 -2.54 -7.29
C SER B 84 -46.16 -2.53 -6.46
N ASP B 85 -46.79 -3.69 -6.29
CA ASP B 85 -48.07 -3.78 -5.59
C ASP B 85 -48.07 -4.95 -4.61
N LEU B 86 -47.02 -5.03 -3.80
CA LEU B 86 -46.89 -6.13 -2.85
C LEU B 86 -47.93 -5.99 -1.74
N ASN B 87 -48.72 -7.03 -1.54
CA ASN B 87 -49.74 -7.10 -0.49
C ASN B 87 -49.53 -8.40 0.27
N MET B 88 -48.84 -8.32 1.41
CA MET B 88 -48.48 -9.49 2.21
C MET B 88 -48.94 -9.30 3.64
N THR B 89 -49.51 -10.37 4.22
CA THR B 89 -50.04 -10.32 5.57
C THR B 89 -49.70 -11.63 6.27
N VAL B 90 -49.11 -11.53 7.46
CA VAL B 90 -48.71 -12.68 8.26
C VAL B 90 -49.43 -12.61 9.60
N ALA B 91 -50.04 -13.73 9.99
CA ALA B 91 -50.71 -13.85 11.29
C ALA B 91 -49.78 -14.54 12.28
N LYS B 92 -49.93 -14.18 13.55
CA LYS B 92 -49.08 -14.74 14.60
C LYS B 92 -49.32 -16.24 14.74
N GLY B 93 -48.26 -16.98 15.05
CA GLY B 93 -48.35 -18.41 15.25
C GLY B 93 -48.30 -19.25 14.00
N THR B 94 -48.07 -18.65 12.84
CA THR B 94 -48.03 -19.38 11.58
C THR B 94 -46.66 -19.25 10.94
N ILE B 95 -46.19 -20.32 10.31
CA ILE B 95 -44.91 -20.33 9.63
C ILE B 95 -45.10 -19.85 8.20
N TYR B 96 -45.07 -18.54 8.00
CA TYR B 96 -45.16 -17.99 6.65
C TYR B 96 -43.95 -18.38 5.82
N GLY B 97 -44.18 -18.78 4.58
CA GLY B 97 -43.11 -19.16 3.70
C GLY B 97 -43.15 -18.44 2.36
N LEU B 98 -42.12 -17.64 2.09
CA LEU B 98 -42.05 -16.86 0.86
C LEU B 98 -41.19 -17.61 -0.15
N LEU B 99 -41.76 -17.87 -1.33
CA LEU B 99 -41.06 -18.56 -2.40
C LEU B 99 -40.88 -17.61 -3.58
N GLY B 100 -39.63 -17.41 -4.00
CA GLY B 100 -39.32 -16.53 -5.10
C GLY B 100 -38.37 -17.21 -6.08
N ALA B 101 -38.04 -16.47 -7.13
CA ALA B 101 -37.16 -16.99 -8.18
C ALA B 101 -35.85 -16.21 -8.27
N SER B 102 -35.90 -14.88 -8.42
CA SER B 102 -34.69 -14.11 -8.62
C SER B 102 -33.79 -14.14 -7.38
N GLY B 103 -34.38 -14.01 -6.19
CA GLY B 103 -33.63 -13.95 -4.96
C GLY B 103 -33.18 -12.56 -4.56
N CYS B 104 -33.35 -11.56 -5.42
CA CYS B 104 -33.01 -10.18 -5.10
C CYS B 104 -34.23 -9.29 -4.91
N GLY B 105 -35.34 -9.59 -5.58
CA GLY B 105 -36.56 -8.85 -5.35
C GLY B 105 -37.29 -9.20 -4.07
N LYS B 106 -36.92 -10.32 -3.45
CA LYS B 106 -37.50 -10.73 -2.17
C LYS B 106 -36.64 -10.35 -0.98
N THR B 107 -35.32 -10.34 -1.13
CA THR B 107 -34.43 -9.95 -0.03
C THR B 107 -34.66 -8.49 0.36
N THR B 108 -34.94 -7.63 -0.62
CA THR B 108 -35.24 -6.24 -0.30
C THR B 108 -36.52 -6.12 0.52
N LEU B 109 -37.49 -7.00 0.30
CA LEU B 109 -38.68 -7.02 1.14
C LEU B 109 -38.32 -7.38 2.58
N LEU B 110 -37.42 -8.35 2.77
CA LEU B 110 -36.98 -8.68 4.12
C LEU B 110 -36.25 -7.51 4.77
N SER B 111 -35.41 -6.82 4.01
CA SER B 111 -34.70 -5.67 4.54
C SER B 111 -35.67 -4.57 4.95
N CYS B 112 -36.71 -4.34 4.14
CA CYS B 112 -37.72 -3.35 4.50
C CYS B 112 -38.50 -3.79 5.74
N ILE B 113 -38.77 -5.09 5.87
CA ILE B 113 -39.49 -5.59 7.04
C ILE B 113 -38.66 -5.37 8.30
N VAL B 114 -37.37 -5.72 8.25
CA VAL B 114 -36.51 -5.52 9.41
C VAL B 114 -36.33 -4.03 9.71
N GLY B 115 -36.08 -3.23 8.67
CA GLY B 115 -35.96 -1.80 8.86
C GLY B 115 -34.70 -1.20 8.26
N ARG B 116 -33.86 -2.04 7.66
CA ARG B 116 -32.62 -1.54 7.06
C ARG B 116 -32.91 -0.59 5.90
N ARG B 117 -33.87 -0.92 5.06
CA ARG B 117 -34.24 -0.10 3.91
C ARG B 117 -35.46 0.74 4.25
N ARG B 118 -35.85 1.61 3.31
CA ARG B 118 -37.01 2.47 3.46
C ARG B 118 -37.88 2.36 2.22
N LEU B 119 -39.19 2.27 2.43
CA LEU B 119 -40.12 2.12 1.32
C LEU B 119 -40.32 3.46 0.60
N ASN B 120 -40.97 3.39 -0.55
CA ASN B 120 -41.24 4.54 -1.40
C ASN B 120 -42.75 4.63 -1.58
N THR B 121 -43.40 5.39 -0.69
CA THR B 121 -44.86 5.59 -0.72
C THR B 121 -45.59 4.24 -0.59
N GLY B 122 -45.38 3.62 0.57
CA GLY B 122 -46.02 2.35 0.86
C GLY B 122 -46.22 2.11 2.34
N GLU B 123 -47.40 1.61 2.71
CA GLU B 123 -47.70 1.33 4.11
C GLU B 123 -46.96 0.08 4.56
N ILE B 124 -46.52 0.09 5.82
CA ILE B 124 -45.88 -1.07 6.43
C ILE B 124 -46.26 -1.10 7.91
N TRP B 125 -46.38 -2.30 8.46
CA TRP B 125 -46.74 -2.48 9.86
C TRP B 125 -46.22 -3.84 10.30
N VAL B 126 -45.09 -3.85 11.00
CA VAL B 126 -44.47 -5.08 11.49
C VAL B 126 -44.37 -4.99 13.00
N LEU B 127 -44.80 -6.05 13.68
CA LEU B 127 -44.85 -6.11 15.13
C LEU B 127 -45.68 -4.95 15.69
N GLY B 128 -45.05 -4.04 16.44
CA GLY B 128 -45.82 -3.02 17.11
C GLY B 128 -46.41 -1.95 16.22
N GLY B 129 -45.59 -1.03 15.71
CA GLY B 129 -46.11 -0.01 14.82
C GLY B 129 -45.40 0.21 13.51
N LYS B 130 -44.08 -0.02 13.47
CA LYS B 130 -43.26 0.36 12.32
C LYS B 130 -41.82 -0.08 12.55
N PRO B 131 -41.03 -0.29 11.49
CA PRO B 131 -39.60 -0.55 11.69
C PRO B 131 -38.79 0.73 11.74
N GLY B 132 -37.93 0.87 12.76
CA GLY B 132 -37.03 2.00 12.86
C GLY B 132 -37.45 3.07 13.85
N THR B 133 -38.70 3.06 14.31
CA THR B 133 -39.15 4.06 15.27
C THR B 133 -38.80 3.64 16.69
N LYS B 134 -38.80 4.61 17.60
CA LYS B 134 -38.48 4.36 19.00
C LYS B 134 -39.70 3.92 19.81
N GLY B 135 -40.91 4.06 19.27
CA GLY B 135 -42.10 3.68 20.00
C GLY B 135 -42.28 2.18 20.11
N SER B 136 -42.41 1.50 18.98
CA SER B 136 -42.57 0.05 18.91
C SER B 136 -41.65 -0.53 17.84
N GLY B 137 -40.39 -0.13 17.88
CA GLY B 137 -39.45 -0.54 16.84
C GLY B 137 -39.15 -2.02 16.88
N VAL B 138 -38.90 -2.56 15.69
CA VAL B 138 -38.53 -3.97 15.52
C VAL B 138 -37.08 -4.23 15.89
N PRO B 139 -36.08 -3.47 15.34
CA PRO B 139 -34.68 -3.79 15.64
C PRO B 139 -34.37 -3.82 17.12
N GLY B 140 -34.01 -5.01 17.61
CA GLY B 140 -33.74 -5.20 19.02
C GLY B 140 -33.75 -6.67 19.41
N LYS B 141 -34.26 -6.97 20.59
CA LYS B 141 -34.34 -8.34 21.08
C LYS B 141 -35.63 -9.05 20.70
N ARG B 142 -36.51 -8.39 19.95
CA ARG B 142 -37.80 -8.96 19.56
C ARG B 142 -37.81 -9.37 18.08
N VAL B 143 -36.64 -9.71 17.53
CA VAL B 143 -36.57 -10.14 16.14
C VAL B 143 -35.32 -10.99 15.99
N GLY B 144 -35.41 -12.00 15.13
CA GLY B 144 -34.26 -12.83 14.81
C GLY B 144 -33.94 -12.81 13.33
N TYR B 145 -32.71 -12.49 12.98
CA TYR B 145 -32.31 -12.33 11.60
C TYR B 145 -31.24 -13.35 11.25
N MET B 146 -31.43 -14.03 10.12
CA MET B 146 -30.40 -14.90 9.55
C MET B 146 -30.09 -14.43 8.14
N PRO B 147 -28.93 -13.84 7.90
CA PRO B 147 -28.66 -13.27 6.58
C PRO B 147 -28.48 -14.35 5.52
N GLN B 148 -28.55 -13.91 4.26
CA GLN B 148 -28.36 -14.82 3.14
C GLN B 148 -26.96 -15.43 3.16
N GLU B 149 -25.96 -14.62 3.47
CA GLU B 149 -24.57 -15.05 3.55
C GLU B 149 -24.17 -15.23 5.00
N ILE B 150 -23.06 -15.94 5.21
CA ILE B 150 -22.52 -16.14 6.55
C ILE B 150 -21.96 -14.80 7.04
N ALA B 151 -22.65 -14.18 7.99
CA ALA B 151 -22.23 -12.91 8.56
C ALA B 151 -21.54 -13.08 9.91
N LEU B 152 -20.83 -14.19 10.09
CA LEU B 152 -20.16 -14.47 11.36
C LEU B 152 -18.78 -13.85 11.37
N TYR B 153 -18.14 -13.91 12.54
CA TYR B 153 -16.80 -13.38 12.75
C TYR B 153 -15.78 -14.51 12.70
N GLY B 154 -14.71 -14.30 11.94
CA GLY B 154 -13.58 -15.21 11.97
C GLY B 154 -12.80 -15.06 13.26
N GLU B 155 -11.81 -15.94 13.42
CA GLU B 155 -10.91 -15.97 14.58
C GLU B 155 -11.69 -15.84 15.90
N PHE B 156 -12.92 -16.32 15.91
CA PHE B 156 -13.78 -16.31 17.08
C PHE B 156 -14.27 -17.72 17.33
N SER B 157 -14.12 -18.20 18.56
CA SER B 157 -14.64 -19.51 18.90
C SER B 157 -16.17 -19.49 18.88
N ILE B 158 -16.76 -20.68 18.78
CA ILE B 158 -18.21 -20.78 18.81
C ILE B 158 -18.74 -20.21 20.11
N LYS B 159 -18.16 -20.64 21.23
CA LYS B 159 -18.59 -20.15 22.54
C LYS B 159 -18.42 -18.64 22.64
N GLU B 160 -17.29 -18.12 22.16
CA GLU B 160 -17.04 -16.69 22.27
C GLU B 160 -18.04 -15.87 21.47
N THR B 161 -18.39 -16.32 20.27
CA THR B 161 -19.38 -15.58 19.48
C THR B 161 -20.76 -15.68 20.11
N MET B 162 -21.08 -16.84 20.71
CA MET B 162 -22.35 -16.95 21.42
C MET B 162 -22.42 -15.98 22.59
N MET B 163 -21.34 -15.90 23.38
CA MET B 163 -21.31 -14.96 24.51
C MET B 163 -21.39 -13.52 24.03
N TYR B 164 -20.70 -13.19 22.95
CA TYR B 164 -20.72 -11.82 22.45
C TYR B 164 -22.13 -11.42 22.01
N PHE B 165 -22.77 -12.28 21.20
CA PHE B 165 -24.11 -11.94 20.74
C PHE B 165 -25.13 -11.96 21.87
N GLY B 166 -24.90 -12.77 22.90
CA GLY B 166 -25.74 -12.71 24.08
C GLY B 166 -25.57 -11.40 24.85
N TRP B 167 -24.32 -10.94 24.99
CA TRP B 167 -24.06 -9.68 25.68
C TRP B 167 -24.66 -8.51 24.93
N ILE B 168 -24.71 -8.59 23.59
CA ILE B 168 -25.39 -7.55 22.82
C ILE B 168 -26.86 -7.46 23.22
N PHE B 169 -27.48 -8.61 23.51
CA PHE B 169 -28.88 -8.66 23.92
C PHE B 169 -29.06 -8.57 25.43
N GLY B 170 -27.99 -8.39 26.19
CA GLY B 170 -28.10 -8.21 27.63
C GLY B 170 -28.61 -9.42 28.38
N MET B 171 -28.08 -10.60 28.07
CA MET B 171 -28.46 -11.83 28.74
C MET B 171 -27.34 -12.28 29.67
N GLU B 172 -27.72 -12.81 30.83
CA GLU B 172 -26.74 -13.24 31.81
C GLU B 172 -25.99 -14.48 31.33
N SER B 173 -24.81 -14.71 31.91
CA SER B 173 -23.94 -15.77 31.43
C SER B 173 -24.52 -17.15 31.66
N SER B 174 -25.32 -17.32 32.71
CA SER B 174 -25.87 -18.64 33.02
C SER B 174 -26.84 -19.11 31.94
N GLU B 175 -27.81 -18.25 31.58
CA GLU B 175 -28.75 -18.62 30.52
C GLU B 175 -28.06 -18.72 29.17
N ILE B 176 -27.04 -17.89 28.93
CA ILE B 176 -26.28 -17.98 27.69
C ILE B 176 -25.62 -19.35 27.59
N ASN B 177 -24.99 -19.81 28.68
CA ASN B 177 -24.33 -21.11 28.67
C ASN B 177 -25.34 -22.24 28.51
N GLU B 178 -26.49 -22.14 29.19
CA GLU B 178 -27.50 -23.19 29.07
C GLU B 178 -28.01 -23.29 27.64
N ARG B 179 -28.34 -22.16 27.02
CA ARG B 179 -28.81 -22.17 25.64
C ARG B 179 -27.73 -22.63 24.69
N LEU B 180 -26.47 -22.27 24.95
CA LEU B 180 -25.36 -22.75 24.13
C LEU B 180 -25.25 -24.26 24.18
N GLN B 181 -25.36 -24.84 25.38
CA GLN B 181 -25.29 -26.29 25.51
C GLN B 181 -26.45 -26.95 24.77
N PHE B 182 -27.66 -26.41 24.94
CA PHE B 182 -28.81 -27.01 24.28
C PHE B 182 -28.68 -26.94 22.77
N LEU B 183 -28.29 -25.78 22.23
CA LEU B 183 -28.14 -25.63 20.79
C LEU B 183 -27.00 -26.50 20.25
N LEU B 184 -25.91 -26.62 21.01
CA LEU B 184 -24.79 -27.44 20.56
C LEU B 184 -25.18 -28.91 20.49
N ASN B 185 -25.95 -29.38 21.49
CA ASN B 185 -26.38 -30.77 21.48
C ASN B 185 -27.43 -31.01 20.39
N PHE B 186 -28.32 -30.05 20.17
CA PHE B 186 -29.42 -30.24 19.24
C PHE B 186 -28.98 -30.15 17.79
N LEU B 187 -28.05 -29.25 17.47
CA LEU B 187 -27.68 -28.99 16.08
C LEU B 187 -26.46 -29.81 15.62
N ASP B 188 -25.92 -30.68 16.47
CA ASP B 188 -24.83 -31.58 16.10
C ASP B 188 -23.61 -30.81 15.60
N LEU B 189 -23.04 -30.01 16.49
CA LEU B 189 -21.87 -29.20 16.23
C LEU B 189 -20.72 -29.62 17.13
N PRO B 190 -19.47 -29.32 16.75
CA PRO B 190 -18.33 -29.72 17.58
C PRO B 190 -18.26 -28.99 18.91
N SER B 191 -17.21 -29.26 19.68
CA SER B 191 -17.06 -28.67 21.01
C SER B 191 -16.93 -27.15 20.92
N GLN B 192 -17.21 -26.48 22.04
CA GLN B 192 -17.23 -25.03 22.06
C GLN B 192 -15.82 -24.45 22.21
N ASN B 193 -14.89 -24.94 21.41
CA ASN B 193 -13.53 -24.39 21.40
C ASN B 193 -12.92 -24.32 20.01
N ARG B 194 -13.67 -24.69 18.97
CA ARG B 194 -13.15 -24.65 17.60
C ARG B 194 -13.45 -23.29 16.99
N LEU B 195 -12.41 -22.67 16.42
CA LEU B 195 -12.59 -21.37 15.79
C LEU B 195 -13.53 -21.48 14.59
N VAL B 196 -14.36 -20.46 14.39
CA VAL B 196 -15.35 -20.50 13.32
C VAL B 196 -14.67 -20.55 11.96
N LYS B 197 -13.53 -19.87 11.81
CA LYS B 197 -12.83 -19.86 10.54
C LYS B 197 -12.26 -21.23 10.18
N ASN B 198 -12.13 -22.13 11.16
CA ASN B 198 -11.66 -23.48 10.90
C ASN B 198 -12.77 -24.46 10.57
N LEU B 199 -14.03 -24.05 10.68
CA LEU B 199 -15.14 -24.92 10.41
C LEU B 199 -15.39 -25.03 8.90
N SER B 200 -16.17 -26.04 8.52
CA SER B 200 -16.49 -26.26 7.12
C SER B 200 -17.57 -25.26 6.67
N GLY B 201 -17.88 -25.29 5.37
CA GLY B 201 -18.89 -24.39 4.85
C GLY B 201 -20.27 -24.69 5.38
N GLY B 202 -20.59 -25.97 5.57
CA GLY B 202 -21.90 -26.35 6.06
C GLY B 202 -22.11 -26.24 7.55
N GLN B 203 -21.06 -26.00 8.31
CA GLN B 203 -21.17 -25.83 9.75
C GLN B 203 -21.26 -24.38 10.19
N GLN B 204 -20.66 -23.47 9.42
CA GLN B 204 -20.79 -22.04 9.73
C GLN B 204 -22.24 -21.59 9.60
N ARG B 205 -22.96 -22.11 8.60
CA ARG B 205 -24.37 -21.79 8.46
C ARG B 205 -25.18 -22.31 9.65
N ARG B 206 -24.86 -23.52 10.13
CA ARG B 206 -25.54 -24.05 11.30
C ARG B 206 -25.24 -23.19 12.53
N VAL B 207 -24.00 -22.73 12.68
CA VAL B 207 -23.65 -21.85 13.79
C VAL B 207 -24.42 -20.55 13.72
N SER B 208 -24.55 -19.98 12.52
CA SER B 208 -25.32 -18.75 12.34
C SER B 208 -26.79 -18.97 12.70
N PHE B 209 -27.35 -20.11 12.28
CA PHE B 209 -28.74 -20.43 12.62
C PHE B 209 -28.91 -20.57 14.13
N ALA B 210 -27.95 -21.21 14.79
CA ALA B 210 -27.99 -21.32 16.25
C ALA B 210 -27.91 -19.95 16.90
N VAL B 211 -27.09 -19.05 16.35
CA VAL B 211 -27.01 -17.68 16.87
C VAL B 211 -28.36 -17.00 16.75
N ALA B 212 -29.04 -17.19 15.61
CA ALA B 212 -30.35 -16.56 15.42
C ALA B 212 -31.42 -17.14 16.33
N LEU B 213 -31.15 -18.27 17.00
CA LEU B 213 -32.11 -18.95 17.85
C LEU B 213 -31.86 -18.74 19.34
N MET B 214 -30.91 -17.89 19.71
CA MET B 214 -30.55 -17.74 21.11
C MET B 214 -31.67 -17.07 21.92
N HIS B 215 -31.99 -15.82 21.57
CA HIS B 215 -32.88 -14.99 22.37
C HIS B 215 -34.35 -15.28 22.14
N ASP B 216 -34.68 -16.39 21.46
CA ASP B 216 -36.02 -16.91 21.17
C ASP B 216 -37.05 -15.80 21.04
N PRO B 217 -36.93 -14.94 20.03
CA PRO B 217 -37.81 -13.77 19.92
C PRO B 217 -39.18 -14.17 19.38
N GLU B 218 -40.02 -13.16 19.17
CA GLU B 218 -41.39 -13.37 18.70
C GLU B 218 -41.51 -13.24 17.18
N LEU B 219 -40.38 -13.13 16.47
CA LEU B 219 -40.42 -13.06 15.01
C LEU B 219 -39.06 -13.49 14.48
N LEU B 220 -39.04 -14.56 13.69
CA LEU B 220 -37.82 -15.10 13.11
C LEU B 220 -37.84 -14.83 11.61
N ILE B 221 -36.90 -14.01 11.15
CA ILE B 221 -36.75 -13.71 9.72
C ILE B 221 -35.60 -14.57 9.22
N LEU B 222 -35.92 -15.77 8.77
CA LEU B 222 -34.93 -16.70 8.26
C LEU B 222 -34.77 -16.52 6.75
N ASP B 223 -33.57 -16.83 6.26
CA ASP B 223 -33.25 -16.71 4.83
C ASP B 223 -32.44 -17.94 4.43
N GLU B 224 -33.12 -18.94 3.88
CA GLU B 224 -32.50 -20.18 3.44
C GLU B 224 -31.68 -20.86 4.55
N PRO B 225 -32.33 -21.27 5.64
CA PRO B 225 -31.56 -21.90 6.73
C PRO B 225 -31.23 -23.36 6.47
N THR B 226 -32.01 -24.06 5.65
CA THR B 226 -31.78 -25.47 5.34
C THR B 226 -31.52 -25.57 3.84
N VAL B 227 -30.26 -25.38 3.45
CA VAL B 227 -29.84 -25.48 2.06
C VAL B 227 -28.76 -26.55 1.86
N GLY B 228 -27.79 -26.62 2.77
CA GLY B 228 -26.70 -27.55 2.62
C GLY B 228 -26.51 -28.49 3.79
N VAL B 229 -27.61 -28.96 4.36
CA VAL B 229 -27.58 -29.92 5.45
C VAL B 229 -28.27 -31.20 5.00
N ASP B 230 -27.87 -32.32 5.60
CA ASP B 230 -28.40 -33.62 5.20
C ASP B 230 -29.87 -33.76 5.60
N PRO B 231 -30.62 -34.63 4.91
CA PRO B 231 -32.03 -34.81 5.24
C PRO B 231 -32.29 -35.25 6.67
N LEU B 232 -31.35 -35.97 7.29
CA LEU B 232 -31.53 -36.38 8.68
C LEU B 232 -31.56 -35.20 9.63
N LEU B 233 -31.06 -34.03 9.22
CA LEU B 233 -31.08 -32.83 10.04
C LEU B 233 -32.23 -31.90 9.70
N ARG B 234 -32.66 -31.86 8.43
CA ARG B 234 -33.79 -31.03 8.06
C ARG B 234 -35.05 -31.45 8.79
N GLN B 235 -35.23 -32.76 8.99
CA GLN B 235 -36.41 -33.24 9.70
C GLN B 235 -36.45 -32.71 11.13
N SER B 236 -35.32 -32.79 11.84
CA SER B 236 -35.27 -32.28 13.20
C SER B 236 -35.43 -30.76 13.24
N ILE B 237 -34.82 -30.07 12.29
CA ILE B 237 -34.92 -28.61 12.26
C ILE B 237 -36.37 -28.18 12.05
N TRP B 238 -37.06 -28.82 11.11
CA TRP B 238 -38.45 -28.46 10.85
C TRP B 238 -39.37 -28.89 12.00
N ASN B 239 -39.06 -30.02 12.66
CA ASN B 239 -39.82 -30.41 13.83
C ASN B 239 -39.70 -29.37 14.93
N HIS B 240 -38.47 -28.88 15.18
CA HIS B 240 -38.29 -27.83 16.18
C HIS B 240 -38.99 -26.55 15.77
N LEU B 241 -38.92 -26.20 14.48
CA LEU B 241 -39.55 -24.98 13.99
C LEU B 241 -41.06 -25.04 14.16
N VAL B 242 -41.67 -26.19 13.88
CA VAL B 242 -43.11 -26.31 14.06
C VAL B 242 -43.48 -26.45 15.52
N GLN B 243 -42.56 -26.91 16.38
CA GLN B 243 -42.85 -27.05 17.79
C GLN B 243 -42.82 -25.69 18.51
N ILE B 244 -41.88 -24.82 18.13
CA ILE B 244 -41.76 -23.56 18.86
C ILE B 244 -42.99 -22.68 18.64
N THR B 245 -43.50 -22.63 17.42
CA THR B 245 -44.75 -21.92 17.15
C THR B 245 -45.95 -22.85 17.23
N LYS B 246 -46.05 -23.60 18.32
CA LYS B 246 -47.24 -24.43 18.56
C LYS B 246 -48.40 -23.57 19.06
N ASP B 247 -48.18 -22.85 20.15
CA ASP B 247 -49.13 -21.86 20.60
C ASP B 247 -48.85 -20.52 19.92
N GLY B 248 -49.81 -19.60 20.01
CA GLY B 248 -49.68 -18.31 19.37
C GLY B 248 -48.69 -17.37 20.02
N ASN B 249 -47.43 -17.81 20.13
CA ASN B 249 -46.39 -17.00 20.77
C ASN B 249 -45.41 -16.42 19.75
N LYS B 250 -44.82 -17.26 18.92
CA LYS B 250 -43.77 -16.85 17.99
C LYS B 250 -44.30 -16.87 16.56
N THR B 251 -43.42 -16.46 15.63
CA THR B 251 -43.74 -16.46 14.21
C THR B 251 -42.44 -16.65 13.43
N VAL B 252 -42.53 -17.38 12.32
CA VAL B 252 -41.37 -17.67 11.48
C VAL B 252 -41.70 -17.26 10.05
N ILE B 253 -40.78 -16.53 9.42
CA ILE B 253 -40.90 -16.17 8.01
C ILE B 253 -39.70 -16.80 7.31
N ILE B 254 -39.92 -17.94 6.68
CA ILE B 254 -38.87 -18.72 6.03
C ILE B 254 -38.91 -18.38 4.55
N THR B 255 -37.90 -17.66 4.08
CA THR B 255 -37.80 -17.30 2.67
C THR B 255 -36.76 -18.21 2.00
N THR B 256 -37.20 -19.43 1.70
CA THR B 256 -36.34 -20.40 1.03
C THR B 256 -36.36 -20.16 -0.48
N HIS B 257 -35.69 -21.05 -1.20
CA HIS B 257 -35.59 -20.93 -2.66
C HIS B 257 -36.01 -22.19 -3.41
N TYR B 258 -35.89 -23.37 -2.81
CA TYR B 258 -36.30 -24.61 -3.43
C TYR B 258 -37.65 -25.01 -2.85
N ILE B 259 -38.64 -25.22 -3.71
CA ILE B 259 -40.01 -25.48 -3.24
C ILE B 259 -40.12 -26.98 -3.04
N GLU B 260 -39.60 -27.44 -1.90
CA GLU B 260 -39.91 -28.75 -1.36
C GLU B 260 -40.10 -28.76 0.15
N GLU B 261 -39.51 -27.82 0.89
CA GLU B 261 -39.69 -27.73 2.33
C GLU B 261 -40.87 -26.85 2.72
N ALA B 262 -41.53 -26.21 1.75
CA ALA B 262 -42.73 -25.44 2.01
C ALA B 262 -43.95 -26.37 2.02
N ARG B 263 -43.86 -27.41 2.84
CA ARG B 263 -44.95 -28.34 3.05
C ARG B 263 -45.38 -28.42 4.51
N GLN B 264 -44.47 -28.20 5.45
CA GLN B 264 -44.82 -28.09 6.86
C GLN B 264 -45.25 -26.68 7.25
N ALA B 265 -45.21 -25.74 6.31
CA ALA B 265 -45.60 -24.36 6.59
C ALA B 265 -47.12 -24.27 6.73
N HIS B 266 -47.59 -23.08 7.08
CA HIS B 266 -49.01 -22.84 7.29
C HIS B 266 -49.63 -21.89 6.28
N THR B 267 -48.84 -21.03 5.64
CA THR B 267 -49.39 -20.07 4.67
C THR B 267 -48.27 -19.74 3.68
N ILE B 268 -48.40 -20.26 2.46
CA ILE B 268 -47.38 -20.05 1.43
C ILE B 268 -47.70 -18.80 0.63
N GLY B 269 -46.69 -17.98 0.39
CA GLY B 269 -46.83 -16.84 -0.48
C GLY B 269 -45.88 -16.91 -1.67
N LEU B 270 -46.43 -16.95 -2.88
CA LEU B 270 -45.63 -17.02 -4.10
C LEU B 270 -45.36 -15.61 -4.61
N MET B 271 -44.09 -15.33 -4.89
CA MET B 271 -43.65 -14.02 -5.31
C MET B 271 -43.08 -14.08 -6.71
N ARG B 272 -43.52 -13.15 -7.57
CA ARG B 272 -43.03 -13.07 -8.94
C ARG B 272 -43.21 -11.65 -9.44
N SER B 273 -42.17 -11.08 -10.04
CA SER B 273 -42.18 -9.72 -10.59
C SER B 273 -42.54 -8.70 -9.52
N GLY B 274 -42.12 -8.95 -8.28
CA GLY B 274 -42.39 -8.00 -7.20
C GLY B 274 -43.82 -7.96 -6.73
N LYS B 275 -44.60 -9.01 -6.97
CA LYS B 275 -45.98 -9.07 -6.54
C LYS B 275 -46.24 -10.42 -5.87
N LEU B 276 -47.36 -10.50 -5.17
CA LEU B 276 -47.81 -11.72 -4.50
C LEU B 276 -49.05 -12.21 -5.23
N LEU B 277 -48.86 -13.12 -6.18
CA LEU B 277 -49.97 -13.65 -6.96
C LEU B 277 -50.71 -14.77 -6.24
N ALA B 278 -50.19 -15.26 -5.12
CA ALA B 278 -50.85 -16.33 -4.37
C ALA B 278 -50.40 -16.26 -2.92
N GLU B 279 -51.36 -16.22 -2.01
CA GLU B 279 -51.10 -16.23 -0.56
C GLU B 279 -52.18 -17.11 0.07
N GLU B 280 -51.87 -18.38 0.28
CA GLU B 280 -52.89 -19.35 0.62
C GLU B 280 -52.20 -20.64 1.05
N SER B 281 -52.89 -21.40 1.90
CA SER B 281 -52.28 -22.57 2.54
C SER B 281 -51.92 -23.63 1.50
N PRO B 282 -50.89 -24.44 1.76
CA PRO B 282 -50.40 -25.40 0.75
C PRO B 282 -51.45 -26.38 0.24
N HIS B 283 -52.06 -27.16 1.13
CA HIS B 283 -52.98 -28.21 0.70
C HIS B 283 -54.17 -27.62 -0.04
N VAL B 284 -54.78 -26.58 0.51
CA VAL B 284 -55.92 -25.95 -0.14
C VAL B 284 -55.51 -25.27 -1.44
N LEU B 285 -54.24 -24.87 -1.58
CA LEU B 285 -53.75 -24.39 -2.87
C LEU B 285 -53.85 -25.49 -3.93
N LEU B 286 -53.36 -26.70 -3.59
CA LEU B 286 -53.45 -27.81 -4.53
C LEU B 286 -54.89 -28.17 -4.82
N SER B 287 -55.75 -28.14 -3.80
CA SER B 287 -57.17 -28.44 -4.01
C SER B 287 -57.81 -27.42 -4.95
N MET B 288 -57.47 -26.13 -4.77
CA MET B 288 -58.04 -25.10 -5.63
C MET B 288 -57.56 -25.22 -7.07
N TYR B 289 -56.27 -25.48 -7.26
CA TYR B 289 -55.71 -25.55 -8.61
C TYR B 289 -55.62 -26.96 -9.15
N GLY B 290 -56.09 -27.96 -8.42
CA GLY B 290 -56.30 -29.29 -8.97
C GLY B 290 -55.09 -30.02 -9.50
N CYS B 291 -54.00 -30.04 -8.74
CA CYS B 291 -52.82 -30.82 -9.11
C CYS B 291 -52.29 -31.50 -7.86
N GLN B 292 -51.09 -32.09 -7.96
CA GLN B 292 -50.54 -32.89 -6.88
C GLN B 292 -49.14 -32.47 -6.45
N SER B 293 -48.64 -31.33 -6.93
CA SER B 293 -47.29 -30.91 -6.58
C SER B 293 -47.21 -29.38 -6.60
N LEU B 294 -46.53 -28.81 -5.61
CA LEU B 294 -46.38 -27.36 -5.54
C LEU B 294 -45.61 -26.82 -6.73
N GLU B 295 -44.72 -27.63 -7.31
CA GLU B 295 -44.01 -27.20 -8.51
C GLU B 295 -44.97 -26.96 -9.67
N GLU B 296 -45.97 -27.83 -9.82
CA GLU B 296 -46.98 -27.62 -10.85
C GLU B 296 -47.86 -26.41 -10.54
N VAL B 297 -48.14 -26.15 -9.26
CA VAL B 297 -48.89 -24.95 -8.89
C VAL B 297 -48.12 -23.70 -9.27
N PHE B 298 -46.81 -23.68 -9.02
CA PHE B 298 -46.01 -22.52 -9.34
C PHE B 298 -46.00 -22.21 -10.83
N LEU B 299 -46.32 -23.19 -11.67
CA LEU B 299 -46.47 -22.97 -13.11
C LEU B 299 -47.86 -22.40 -13.42
N LYS B 300 -48.10 -21.20 -12.87
CA LYS B 300 -49.37 -20.51 -13.06
C LYS B 300 -49.15 -19.17 -13.74
N LEU B 301 -48.36 -19.19 -14.81
CA LEU B 301 -48.05 -17.96 -15.53
C LEU B 301 -49.32 -17.29 -16.04
N SER B 302 -49.35 -15.96 -15.93
CA SER B 302 -50.50 -15.18 -16.35
C SER B 302 -50.09 -13.74 -16.65
N SER B 390 -27.05 1.34 27.81
CA SER B 390 -26.28 1.37 26.58
C SER B 390 -24.80 1.08 26.80
N TRP B 391 -24.35 1.02 28.05
CA TRP B 391 -22.95 0.71 28.32
C TRP B 391 -22.64 -0.77 28.15
N GLY B 392 -23.65 -1.63 28.12
CA GLY B 392 -23.43 -3.04 27.86
C GLY B 392 -23.11 -3.35 26.41
N LYS B 393 -23.52 -2.49 25.49
CA LYS B 393 -23.23 -2.67 24.07
C LYS B 393 -21.88 -2.08 23.67
N ILE B 394 -21.22 -1.32 24.54
CA ILE B 394 -19.92 -0.75 24.23
C ILE B 394 -18.84 -1.63 24.83
N LYS B 395 -19.13 -2.24 25.98
CA LYS B 395 -18.18 -3.19 26.56
C LYS B 395 -18.01 -4.40 25.67
N ALA B 396 -19.11 -4.93 25.12
CA ALA B 396 -19.01 -6.06 24.21
C ALA B 396 -18.36 -5.66 22.88
N LEU B 397 -18.66 -4.44 22.41
CA LEU B 397 -18.08 -3.99 21.15
C LEU B 397 -16.60 -3.68 21.27
N LEU B 398 -16.11 -3.37 22.47
CA LEU B 398 -14.69 -3.12 22.67
C LEU B 398 -13.88 -4.39 22.85
N GLN B 399 -14.46 -5.41 23.50
CA GLN B 399 -13.78 -6.68 23.65
C GLN B 399 -13.59 -7.36 22.29
N LYS B 400 -14.58 -7.22 21.41
CA LYS B 400 -14.45 -7.79 20.06
C LYS B 400 -13.34 -7.12 19.28
N ASN B 401 -13.22 -5.79 19.38
CA ASN B 401 -12.21 -5.08 18.61
C ASN B 401 -10.80 -5.46 19.04
N PHE B 402 -10.57 -5.57 20.35
CA PHE B 402 -9.24 -5.93 20.85
C PHE B 402 -8.93 -7.40 20.67
N LEU B 403 -9.90 -8.23 20.28
CA LEU B 403 -9.66 -9.64 20.01
C LEU B 403 -9.40 -9.94 18.55
N ARG B 404 -10.02 -9.17 17.64
CA ARG B 404 -9.76 -9.35 16.21
C ARG B 404 -8.37 -8.90 15.81
N MET B 405 -7.69 -8.12 16.65
CA MET B 405 -6.31 -7.72 16.40
C MET B 405 -5.30 -8.60 17.11
N TRP B 406 -5.64 -9.12 18.29
CA TRP B 406 -4.71 -9.97 19.03
C TRP B 406 -4.60 -11.36 18.41
N ARG B 407 -5.67 -11.85 17.78
CA ARG B 407 -5.65 -13.17 17.16
C ARG B 407 -4.98 -13.19 15.80
N ASN B 408 -4.74 -12.03 15.20
CA ASN B 408 -4.08 -11.93 13.90
C ASN B 408 -2.66 -11.46 14.11
N VAL B 409 -1.71 -12.39 13.96
CA VAL B 409 -0.29 -12.05 14.14
C VAL B 409 0.18 -11.10 13.06
N GLY B 410 -0.32 -11.27 11.83
CA GLY B 410 0.10 -10.42 10.73
C GLY B 410 -0.27 -8.97 10.94
N VAL B 411 -1.47 -8.70 11.45
CA VAL B 411 -1.90 -7.34 11.68
C VAL B 411 -1.10 -6.71 12.82
N MET B 412 -0.83 -7.48 13.87
CA MET B 412 -0.11 -6.95 15.03
C MET B 412 1.30 -6.51 14.65
N LEU B 413 1.98 -7.30 13.82
CA LEU B 413 3.35 -6.95 13.42
C LEU B 413 3.39 -5.72 12.53
N PHE B 414 2.33 -5.48 11.76
CA PHE B 414 2.35 -4.37 10.80
C PHE B 414 2.14 -3.02 11.48
N ILE B 415 1.37 -2.97 12.57
CA ILE B 415 1.06 -1.69 13.21
C ILE B 415 1.86 -1.46 14.49
N PHE B 416 2.55 -2.48 15.00
CA PHE B 416 3.33 -2.33 16.23
C PHE B 416 4.81 -2.59 16.02
N ALA B 417 5.17 -3.68 15.35
CA ALA B 417 6.57 -4.04 15.16
C ALA B 417 7.20 -3.40 13.93
N LEU B 418 6.41 -2.77 13.07
CA LEU B 418 6.96 -2.07 11.91
C LEU B 418 7.57 -0.73 12.28
N PRO B 419 6.85 0.18 12.95
CA PRO B 419 7.47 1.49 13.26
C PRO B 419 8.59 1.40 14.27
N VAL B 420 8.60 0.38 15.14
CA VAL B 420 9.72 0.20 16.07
C VAL B 420 11.00 -0.08 15.30
N MET B 421 10.93 -0.98 14.31
CA MET B 421 12.10 -1.30 13.50
C MET B 421 12.37 -0.22 12.45
N GLN B 422 11.33 0.48 11.99
CA GLN B 422 11.52 1.53 11.00
C GLN B 422 12.36 2.68 11.56
N VAL B 423 12.07 3.10 12.79
CA VAL B 423 12.82 4.21 13.39
C VAL B 423 14.21 3.79 13.87
N ILE B 424 14.50 2.49 13.89
CA ILE B 424 15.84 2.04 14.25
C ILE B 424 16.77 2.14 13.04
N LEU B 425 16.30 1.68 11.88
CA LEU B 425 17.11 1.80 10.66
C LEU B 425 17.33 3.25 10.27
N PHE B 426 16.31 4.10 10.42
CA PHE B 426 16.44 5.49 10.04
C PHE B 426 17.48 6.21 10.90
N CYS B 427 17.49 5.94 12.21
CA CYS B 427 18.46 6.58 13.09
C CYS B 427 19.87 6.04 12.92
N LEU B 428 20.04 4.94 12.19
CA LEU B 428 21.36 4.34 12.00
C LEU B 428 21.92 4.52 10.60
N ALA B 429 21.09 4.88 9.63
CA ALA B 429 21.52 4.92 8.24
C ALA B 429 21.42 6.29 7.59
N ILE B 430 20.52 7.15 8.05
CA ILE B 430 20.25 8.44 7.41
C ILE B 430 20.62 9.56 8.36
N GLY B 431 21.42 10.50 7.89
CA GLY B 431 21.77 11.66 8.68
C GLY B 431 23.23 11.75 9.04
N ARG B 432 23.84 10.61 9.36
CA ARG B 432 25.23 10.60 9.76
C ARG B 432 26.14 11.01 8.62
N ASP B 433 27.17 11.80 8.93
CA ASP B 433 28.11 12.23 7.91
C ASP B 433 28.95 11.05 7.43
N PRO B 434 29.25 10.98 6.14
CA PRO B 434 30.08 9.87 5.64
C PRO B 434 31.46 9.85 6.29
N THR B 435 31.94 8.64 6.56
CA THR B 435 33.23 8.40 7.18
C THR B 435 34.00 7.37 6.36
N GLY B 436 35.32 7.39 6.51
CA GLY B 436 36.16 6.44 5.82
C GLY B 436 36.59 6.84 4.43
N LEU B 437 36.44 8.10 4.05
CA LEU B 437 36.88 8.55 2.73
C LEU B 437 38.39 8.44 2.62
N LYS B 438 38.86 8.15 1.41
CA LYS B 438 40.28 7.91 1.15
C LYS B 438 40.85 9.07 0.33
N LEU B 439 42.12 9.37 0.59
CA LEU B 439 42.83 10.43 -0.10
C LEU B 439 44.15 9.90 -0.64
N ALA B 440 44.54 10.37 -1.82
CA ALA B 440 45.78 9.96 -2.48
C ALA B 440 46.77 11.11 -2.36
N ILE B 441 47.56 11.10 -1.28
CA ILE B 441 48.47 12.18 -0.97
C ILE B 441 49.81 11.92 -1.63
N VAL B 442 50.33 12.94 -2.33
CA VAL B 442 51.64 12.89 -2.95
C VAL B 442 52.56 13.83 -2.19
N ASN B 443 53.63 13.30 -1.62
CA ASN B 443 54.60 14.07 -0.86
C ASN B 443 55.96 13.95 -1.52
N HIS B 444 56.58 15.10 -1.82
CA HIS B 444 57.87 15.13 -2.49
C HIS B 444 58.99 15.60 -1.58
N GLU B 445 58.76 15.61 -0.27
CA GLU B 445 59.82 15.85 0.70
C GLU B 445 60.30 14.59 1.40
N LYS B 446 59.48 13.55 1.45
CA LYS B 446 59.83 12.29 2.07
C LYS B 446 60.20 11.27 0.99
N ASN B 447 60.44 10.04 1.40
CA ASN B 447 60.82 8.95 0.50
C ASN B 447 59.65 8.00 0.32
N TYR B 448 59.33 7.68 -0.92
CA TYR B 448 58.23 6.77 -1.23
C TYR B 448 58.67 5.34 -0.97
N THR B 449 57.96 4.67 -0.04
CA THR B 449 58.30 3.30 0.33
C THR B 449 57.16 2.33 0.07
N ASN B 450 55.95 2.66 0.47
CA ASN B 450 54.81 1.75 0.37
C ASN B 450 53.57 2.57 0.01
N GLN B 451 52.41 1.94 0.13
CA GLN B 451 51.14 2.65 -0.08
C GLN B 451 50.58 3.21 1.22
N SER B 452 50.94 2.62 2.36
CA SER B 452 50.42 3.03 3.66
C SER B 452 51.55 3.34 4.63
N TYR B 453 52.60 3.98 4.15
CA TYR B 453 53.69 4.40 5.02
C TYR B 453 54.48 5.51 4.33
N GLN B 454 54.80 6.56 5.08
CA GLN B 454 55.57 7.68 4.55
C GLN B 454 56.68 8.17 5.50
N GLU B 455 56.69 7.76 6.76
CA GLU B 455 57.69 8.19 7.75
C GLU B 455 57.64 9.71 7.92
N CYS B 456 56.49 10.17 8.42
CA CYS B 456 56.23 11.59 8.62
C CYS B 456 56.75 12.02 9.99
N SER B 457 57.89 12.69 10.00
CA SER B 457 58.49 13.24 11.21
C SER B 457 58.98 14.65 10.92
N PHE B 458 58.79 15.54 11.89
CA PHE B 458 59.12 16.95 11.69
C PHE B 458 59.55 17.55 13.03
N ASP B 459 59.70 18.87 13.06
CA ASP B 459 60.10 19.60 14.25
C ASP B 459 58.87 20.28 14.85
N TYR B 460 58.83 20.32 16.18
CA TYR B 460 57.63 20.76 16.89
C TYR B 460 57.67 22.25 17.24
N GLY B 461 58.67 22.67 18.02
CA GLY B 461 58.67 24.02 18.56
C GLY B 461 58.87 25.12 17.55
N CYS B 462 60.07 25.20 16.98
CA CYS B 462 60.40 26.20 15.98
C CYS B 462 61.33 25.56 14.96
N LYS B 463 61.95 26.40 14.11
CA LYS B 463 62.81 25.93 13.02
C LYS B 463 62.04 24.93 12.15
N PHE B 464 61.05 25.49 11.45
CA PHE B 464 60.14 24.70 10.63
C PHE B 464 60.90 23.73 9.75
N SER B 465 60.68 22.44 9.98
CA SER B 465 61.48 21.40 9.34
C SER B 465 60.91 21.03 7.96
N TYR B 466 59.66 20.61 7.90
CA TYR B 466 59.06 20.16 6.66
C TYR B 466 57.77 20.89 6.31
N LEU B 467 56.92 21.20 7.28
CA LEU B 467 55.68 21.94 7.11
C LEU B 467 54.72 21.29 6.13
N SER B 468 54.98 20.04 5.74
CA SER B 468 54.06 19.24 4.94
C SER B 468 53.61 17.98 5.65
N CYS B 469 54.54 17.28 6.32
CA CYS B 469 54.16 16.22 7.24
C CYS B 469 53.56 16.78 8.52
N ARG B 470 53.71 18.08 8.77
CA ARG B 470 53.09 18.74 9.92
C ARG B 470 51.65 19.14 9.63
N TYR B 471 51.36 19.64 8.43
CA TYR B 471 49.98 19.95 8.06
C TYR B 471 49.13 18.68 8.03
N LEU B 472 49.69 17.59 7.51
CA LEU B 472 48.96 16.32 7.51
C LEU B 472 48.67 15.82 8.91
N ASN B 473 49.51 16.21 9.88
CA ASN B 473 49.25 15.84 11.27
C ASN B 473 47.99 16.51 11.80
N ASN B 474 47.64 17.69 11.27
CA ASN B 474 46.44 18.39 11.69
C ASN B 474 45.19 17.91 10.97
N LEU B 475 45.33 17.03 9.98
CA LEU B 475 44.17 16.50 9.27
C LEU B 475 43.32 15.63 10.20
N ARG B 476 42.01 15.66 9.97
CA ARG B 476 41.09 14.89 10.79
C ARG B 476 41.30 13.39 10.57
N ASN B 477 41.43 12.65 11.66
CA ASN B 477 41.71 11.22 11.60
C ASN B 477 40.46 10.37 11.54
N SER B 478 39.27 10.98 11.51
CA SER B 478 38.02 10.23 11.56
C SER B 478 37.50 9.90 10.16
N THR B 479 37.26 10.93 9.35
CA THR B 479 36.59 10.76 8.06
C THR B 479 37.55 10.75 6.88
N ILE B 480 38.86 10.68 7.12
CA ILE B 480 39.85 10.69 6.05
C ILE B 480 40.87 9.60 6.33
N LEU B 481 41.06 8.71 5.36
CA LEU B 481 42.11 7.70 5.40
C LEU B 481 43.19 8.06 4.37
N LYS B 482 44.44 7.90 4.77
CA LYS B 482 45.57 8.39 3.98
C LYS B 482 46.24 7.24 3.23
N GLU B 483 46.37 7.41 1.91
CA GLU B 483 47.16 6.52 1.07
C GLU B 483 48.11 7.37 0.22
N TYR B 484 49.30 6.84 -0.01
CA TYR B 484 50.39 7.59 -0.63
C TYR B 484 50.70 7.05 -2.01
N TYR B 485 51.02 7.96 -2.93
CA TYR B 485 51.35 7.66 -4.30
C TYR B 485 52.63 8.37 -4.68
N PRO B 486 53.40 7.83 -5.63
CA PRO B 486 54.73 8.39 -5.91
C PRO B 486 54.73 9.55 -6.89
N ASP B 487 53.70 9.64 -7.72
CA ASP B 487 53.69 10.63 -8.79
C ASP B 487 52.35 11.34 -8.83
N PRO B 488 52.34 12.63 -9.20
CA PRO B 488 51.05 13.34 -9.31
C PRO B 488 50.12 12.74 -10.35
N GLU B 489 50.64 12.18 -11.44
CA GLU B 489 49.78 11.53 -12.42
C GLU B 489 49.30 10.17 -11.93
N SER B 490 50.11 9.46 -11.14
CA SER B 490 49.68 8.18 -10.60
C SER B 490 48.63 8.32 -9.52
N ALA B 491 48.47 9.52 -8.94
CA ALA B 491 47.45 9.76 -7.93
C ALA B 491 46.20 10.42 -8.51
N VAL B 492 46.25 10.92 -9.74
CA VAL B 492 45.08 11.51 -10.38
C VAL B 492 44.27 10.44 -11.11
N ASP B 493 44.92 9.53 -11.81
CA ASP B 493 44.21 8.42 -12.43
C ASP B 493 43.63 7.47 -11.40
N ALA B 494 44.16 7.47 -10.17
CA ALA B 494 43.53 6.71 -9.09
C ALA B 494 42.16 7.26 -8.78
N VAL B 495 42.01 8.59 -8.80
CA VAL B 495 40.69 9.20 -8.63
C VAL B 495 39.77 8.80 -9.77
N LYS B 496 40.29 8.80 -10.99
CA LYS B 496 39.49 8.44 -12.16
C LYS B 496 39.07 6.98 -12.17
N GLN B 497 39.69 6.13 -11.35
CA GLN B 497 39.34 4.72 -11.29
C GLN B 497 38.52 4.36 -10.06
N GLY B 498 38.08 5.37 -9.29
CA GLY B 498 37.27 5.12 -8.12
C GLY B 498 38.00 4.57 -6.92
N HIS B 499 39.34 4.60 -6.92
CA HIS B 499 40.12 4.08 -5.81
C HIS B 499 40.42 5.13 -4.74
N ALA B 500 40.01 6.38 -4.96
CA ALA B 500 40.27 7.45 -4.01
C ALA B 500 39.25 8.56 -4.24
N TRP B 501 39.37 9.64 -3.46
CA TRP B 501 38.49 10.78 -3.59
C TRP B 501 39.21 12.09 -3.85
N GLY B 502 40.53 12.12 -3.81
CA GLY B 502 41.24 13.37 -4.05
C GLY B 502 42.74 13.16 -4.01
N ALA B 503 43.45 14.25 -4.29
CA ALA B 503 44.91 14.28 -4.27
C ALA B 503 45.37 15.58 -3.63
N LEU B 504 46.59 15.57 -3.10
CA LEU B 504 47.13 16.72 -2.40
C LEU B 504 48.35 17.31 -3.08
N TYR B 505 49.36 16.50 -3.40
CA TYR B 505 50.53 16.91 -4.19
C TYR B 505 51.26 18.10 -3.56
N PHE B 506 51.85 17.83 -2.39
CA PHE B 506 52.79 18.77 -1.82
C PHE B 506 54.06 18.78 -2.67
N THR B 507 54.45 19.97 -3.14
CA THR B 507 55.56 20.09 -4.07
C THR B 507 56.88 19.79 -3.35
N GLU B 508 57.97 19.79 -4.14
CA GLU B 508 59.27 19.38 -3.60
C GLU B 508 59.87 20.46 -2.71
N ASN B 509 59.57 21.72 -2.95
CA ASN B 509 60.10 22.83 -2.18
C ASN B 509 58.98 23.57 -1.45
N PHE B 510 58.05 22.81 -0.89
CA PHE B 510 56.93 23.41 -0.17
C PHE B 510 57.40 24.16 1.08
N THR B 511 58.33 23.57 1.83
CA THR B 511 58.77 24.16 3.08
C THR B 511 59.49 25.49 2.86
N ASP B 512 60.43 25.52 1.91
CA ASP B 512 61.20 26.74 1.66
C ASP B 512 60.31 27.86 1.13
N ALA B 513 59.38 27.53 0.23
CA ALA B 513 58.54 28.55 -0.37
C ALA B 513 57.45 29.02 0.59
N LEU B 514 56.96 28.16 1.47
CA LEU B 514 55.93 28.56 2.43
C LEU B 514 56.50 29.55 3.45
N VAL B 515 57.67 29.23 4.03
CA VAL B 515 58.27 30.11 5.02
C VAL B 515 58.74 31.42 4.39
N ALA B 516 58.94 31.44 3.07
CA ALA B 516 59.30 32.66 2.36
C ALA B 516 58.09 33.44 1.87
N ARG B 517 56.89 32.89 2.00
CA ARG B 517 55.67 33.58 1.60
C ARG B 517 55.06 34.38 2.75
N MET B 518 54.97 33.77 3.93
CA MET B 518 54.44 34.47 5.10
C MET B 518 55.45 35.42 5.73
N ALA B 519 56.72 35.35 5.33
CA ALA B 519 57.72 36.26 5.87
C ALA B 519 57.70 37.61 5.16
N LEU B 520 57.79 37.60 3.83
CA LEU B 520 57.72 38.84 3.07
C LEU B 520 56.36 39.51 3.23
N GLY B 521 55.29 38.73 3.12
CA GLY B 521 53.96 39.26 3.31
C GLY B 521 53.24 39.67 2.04
N LYS B 522 53.00 40.96 1.89
CA LYS B 522 52.21 41.48 0.78
C LYS B 522 53.05 41.88 -0.43
N ASP B 523 54.37 41.65 -0.39
CA ASP B 523 55.25 41.94 -1.51
C ASP B 523 55.92 40.66 -2.01
N ALA B 524 55.16 39.58 -2.08
CA ALA B 524 55.71 38.28 -2.50
C ALA B 524 55.75 38.19 -4.02
N ASP B 525 56.89 37.74 -4.54
CA ASP B 525 57.03 37.51 -5.96
C ASP B 525 56.14 36.34 -6.38
N PRO B 526 55.53 36.42 -7.57
CA PRO B 526 54.52 35.41 -7.94
C PRO B 526 55.06 33.98 -8.02
N GLU B 527 56.37 33.79 -8.20
CA GLU B 527 56.90 32.43 -8.24
C GLU B 527 56.73 31.73 -6.89
N THR B 528 56.95 32.45 -5.79
CA THR B 528 56.78 31.84 -4.47
C THR B 528 55.32 31.53 -4.17
N LEU B 529 54.40 32.35 -4.68
CA LEU B 529 52.98 32.08 -4.48
C LEU B 529 52.55 30.79 -5.16
N ASP B 530 53.08 30.53 -6.36
CA ASP B 530 52.74 29.34 -7.12
C ASP B 530 53.57 28.12 -6.70
N GLN B 531 54.42 28.23 -5.70
CA GLN B 531 55.22 27.02 -5.36
C GLN B 531 55.01 26.65 -3.91
N SER B 532 54.17 27.38 -3.21
CA SER B 532 53.87 27.07 -1.82
C SER B 532 52.37 26.88 -1.61
N GLU B 533 51.73 26.16 -2.52
CA GLU B 533 50.30 25.89 -2.42
C GLU B 533 50.04 24.41 -2.62
N VAL B 534 49.01 23.91 -1.95
CA VAL B 534 48.59 22.52 -2.07
C VAL B 534 47.51 22.43 -3.13
N ARG B 535 47.80 21.73 -4.22
CA ARG B 535 46.88 21.62 -5.35
C ARG B 535 46.00 20.39 -5.13
N VAL B 536 44.71 20.61 -4.93
CA VAL B 536 43.77 19.55 -4.59
C VAL B 536 42.84 19.33 -5.77
N TRP B 537 42.83 18.11 -6.30
CA TRP B 537 41.86 17.67 -7.29
C TRP B 537 40.81 16.84 -6.58
N LEU B 538 39.54 17.23 -6.70
CA LEU B 538 38.48 16.62 -5.93
C LEU B 538 37.47 15.93 -6.85
N ASP B 539 36.87 14.85 -6.34
CA ASP B 539 35.80 14.14 -7.03
C ASP B 539 34.49 14.71 -6.52
N MET B 540 33.96 15.70 -7.25
CA MET B 540 32.79 16.46 -6.81
C MET B 540 31.49 15.94 -7.43
N SER B 541 31.44 14.65 -7.79
CA SER B 541 30.20 14.09 -8.32
C SER B 541 29.14 13.95 -7.24
N ASN B 542 29.54 13.80 -5.99
CA ASN B 542 28.62 13.68 -4.87
C ASN B 542 28.58 15.00 -4.11
N GLN B 543 27.38 15.55 -3.96
CA GLN B 543 27.25 16.84 -3.28
C GLN B 543 27.56 16.72 -1.79
N GLN B 544 27.05 15.67 -1.14
CA GLN B 544 27.22 15.56 0.31
C GLN B 544 28.65 15.21 0.69
N ILE B 545 29.26 14.26 0.00
CA ILE B 545 30.64 13.90 0.31
C ILE B 545 31.61 15.01 -0.07
N GLY B 546 31.38 15.69 -1.19
CA GLY B 546 32.25 16.77 -1.61
C GLY B 546 32.26 17.96 -0.67
N ILE B 547 31.19 18.14 0.11
CA ILE B 547 31.16 19.24 1.07
C ILE B 547 32.13 18.99 2.21
N ILE B 548 32.16 17.75 2.72
CA ILE B 548 33.03 17.42 3.85
C ILE B 548 34.49 17.53 3.44
N LEU B 549 34.84 17.02 2.25
CA LEU B 549 36.22 17.10 1.79
C LEU B 549 36.66 18.55 1.62
N GLN B 550 35.77 19.39 1.08
CA GLN B 550 36.09 20.81 0.93
C GLN B 550 36.10 21.54 2.26
N ARG B 551 35.52 20.96 3.31
CA ARG B 551 35.48 21.58 4.64
C ARG B 551 36.56 21.05 5.57
N ASP B 552 36.75 19.73 5.62
CA ASP B 552 37.77 19.16 6.50
C ASP B 552 39.18 19.52 6.05
N LEU B 553 39.36 19.92 4.79
CA LEU B 553 40.68 20.32 4.33
C LEU B 553 40.97 21.79 4.66
N GLN B 554 39.97 22.65 4.49
CA GLN B 554 40.16 24.07 4.80
C GLN B 554 40.19 24.30 6.31
N LEU B 555 39.33 23.62 7.06
CA LEU B 555 39.31 23.77 8.50
C LEU B 555 40.59 23.22 9.13
N SER B 556 41.21 22.21 8.52
CA SER B 556 42.47 21.69 9.04
C SER B 556 43.60 22.70 8.87
N TYR B 557 43.52 23.55 7.85
CA TYR B 557 44.56 24.56 7.67
C TYR B 557 44.46 25.65 8.72
N GLN B 558 43.26 25.92 9.23
CA GLN B 558 43.12 26.90 10.31
C GLN B 558 43.85 26.44 11.56
N ASP B 559 43.74 25.16 11.90
CA ASP B 559 44.48 24.62 13.03
C ASP B 559 45.99 24.62 12.75
N PHE B 560 46.38 24.34 11.51
CA PHE B 560 47.79 24.38 11.15
C PHE B 560 48.37 25.78 11.29
N ALA B 561 47.64 26.79 10.81
CA ALA B 561 48.12 28.16 10.93
C ALA B 561 48.13 28.61 12.38
N LYS B 562 47.09 28.29 13.14
CA LYS B 562 47.03 28.64 14.55
C LYS B 562 48.04 27.88 15.39
N ASP B 563 48.63 26.81 14.85
CA ASP B 563 49.71 26.10 15.53
C ASP B 563 51.09 26.62 15.14
N LEU B 564 51.25 27.06 13.89
CA LEU B 564 52.50 27.67 13.46
C LEU B 564 52.79 28.92 14.28
N LEU B 565 51.93 29.93 14.18
CA LEU B 565 52.01 31.10 15.02
C LEU B 565 51.26 30.81 16.32
N GLY B 566 51.93 30.99 17.45
CA GLY B 566 51.44 30.55 18.73
C GLY B 566 52.51 29.71 19.42
N ALA B 567 53.23 28.93 18.63
CA ALA B 567 54.48 28.32 19.07
C ALA B 567 55.68 29.19 18.76
N CYS B 568 55.48 30.31 18.06
CA CYS B 568 56.51 31.28 17.76
C CYS B 568 56.25 32.61 18.45
N GLU B 569 55.51 32.58 19.56
CA GLU B 569 55.18 33.77 20.36
C GLU B 569 54.41 34.80 19.52
N GLN B 570 53.23 34.39 19.07
CA GLN B 570 52.32 35.28 18.36
C GLN B 570 50.89 34.96 18.78
N ASN B 571 50.02 35.96 18.66
CA ASN B 571 48.62 35.78 19.02
C ASN B 571 47.90 35.00 17.94
N PRO B 572 47.19 33.91 18.28
CA PRO B 572 46.48 33.14 17.26
C PRO B 572 45.42 33.93 16.51
N ASP B 573 44.93 35.04 17.08
CA ASP B 573 43.90 35.83 16.41
C ASP B 573 44.42 36.47 15.13
N LEU B 574 45.73 36.51 14.93
CA LEU B 574 46.28 37.11 13.72
C LEU B 574 45.90 36.31 12.47
N ALA B 575 45.77 34.99 12.59
CA ALA B 575 45.41 34.14 11.46
C ALA B 575 43.90 33.88 11.51
N GLU B 576 43.13 34.88 11.09
CA GLU B 576 41.68 34.78 11.08
C GLU B 576 41.11 35.69 10.02
N ILE B 577 40.14 35.18 9.27
CA ILE B 577 39.40 36.00 8.31
C ILE B 577 38.55 37.02 9.07
N PRO B 578 38.40 38.25 8.58
CA PRO B 578 37.60 39.23 9.33
C PRO B 578 36.17 38.81 9.60
N ILE B 579 35.60 37.93 8.77
CA ILE B 579 34.26 37.41 9.05
C ILE B 579 34.36 36.41 10.20
N SER B 580 34.04 36.87 11.41
CA SER B 580 34.13 36.05 12.60
C SER B 580 32.74 35.60 13.01
N PHE B 581 32.55 34.29 13.14
CA PHE B 581 31.26 33.72 13.52
C PHE B 581 31.22 33.53 15.03
N LYS B 582 30.30 34.23 15.69
CA LYS B 582 30.17 34.16 17.13
C LYS B 582 29.39 32.90 17.51
N GLU B 583 29.06 32.77 18.80
CA GLU B 583 28.32 31.60 19.26
C GLU B 583 26.92 31.61 18.67
N PRO B 584 26.50 30.54 17.99
CA PRO B 584 25.17 30.54 17.36
C PRO B 584 24.06 30.64 18.37
N ILE B 585 22.98 31.32 17.98
CA ILE B 585 21.81 31.40 18.86
C ILE B 585 21.13 30.04 18.99
N TYR B 586 21.03 29.31 17.89
CA TYR B 586 20.49 27.96 17.89
C TYR B 586 21.38 27.05 17.04
N GLY B 587 21.35 25.75 17.34
CA GLY B 587 22.01 24.75 16.53
C GLY B 587 23.26 24.15 17.15
N SER B 588 23.89 24.85 18.09
CA SER B 588 25.07 24.34 18.80
C SER B 588 26.25 24.07 17.87
N ASN B 589 26.29 24.78 16.73
CA ASN B 589 27.49 24.90 15.89
C ASN B 589 27.71 23.58 15.13
N LYS B 590 26.98 22.53 15.50
CA LYS B 590 27.16 21.20 14.90
C LYS B 590 25.81 20.66 14.46
N PRO B 591 25.29 21.15 13.34
CA PRO B 591 24.01 20.64 12.84
C PRO B 591 24.14 19.21 12.34
N SER B 592 23.03 18.48 12.46
CA SER B 592 22.94 17.10 11.97
C SER B 592 21.69 16.97 11.12
N PHE B 593 21.82 16.25 10.00
CA PHE B 593 20.68 16.06 9.11
C PHE B 593 19.62 15.18 9.77
N THR B 594 20.03 14.15 10.51
CA THR B 594 19.07 13.28 11.17
C THR B 594 18.23 14.01 12.21
N ASP B 595 18.72 15.14 12.72
CA ASP B 595 17.93 15.96 13.64
C ASP B 595 16.94 16.86 12.90
N PHE B 596 17.07 16.99 11.58
CA PHE B 596 16.16 17.78 10.78
C PHE B 596 15.04 16.93 10.17
N VAL B 597 15.30 15.65 9.92
CA VAL B 597 14.29 14.78 9.34
C VAL B 597 13.49 14.02 10.40
N ALA B 598 14.03 13.84 11.60
CA ALA B 598 13.29 13.13 12.64
C ALA B 598 11.98 13.81 12.99
N PRO B 599 11.93 15.14 13.21
CA PRO B 599 10.61 15.80 13.23
C PRO B 599 9.99 15.80 11.85
N GLY B 600 8.93 15.02 11.67
CA GLY B 600 8.35 14.79 10.37
C GLY B 600 8.30 13.33 9.96
N VAL B 601 9.01 12.46 10.68
CA VAL B 601 8.89 11.01 10.49
C VAL B 601 7.91 10.51 11.54
N ILE B 602 7.89 11.17 12.70
CA ILE B 602 6.90 10.85 13.73
C ILE B 602 5.50 11.08 13.20
N LEU B 603 5.28 12.23 12.56
CA LEU B 603 3.97 12.58 12.04
C LEU B 603 3.62 11.83 10.76
N THR B 604 4.60 11.20 10.11
CA THR B 604 4.35 10.40 8.92
C THR B 604 3.99 8.96 9.26
N ILE B 605 4.70 8.36 10.22
CA ILE B 605 4.38 7.00 10.63
C ILE B 605 3.01 6.94 11.27
N VAL B 606 2.69 7.91 12.14
CA VAL B 606 1.42 7.89 12.86
C VAL B 606 0.27 8.17 11.92
N PHE B 607 0.42 9.15 11.02
CA PHE B 607 -0.68 9.53 10.13
C PHE B 607 -1.04 8.39 9.18
N PHE B 608 -0.03 7.75 8.59
CA PHE B 608 -0.30 6.73 7.58
C PHE B 608 -0.88 5.46 8.21
N LEU B 609 -0.30 5.02 9.34
CA LEU B 609 -0.80 3.82 9.99
C LEU B 609 -2.22 3.98 10.51
N ALA B 610 -2.66 5.21 10.80
CA ALA B 610 -4.04 5.42 11.19
C ALA B 610 -4.98 5.31 9.99
N VAL B 611 -4.53 5.79 8.82
CA VAL B 611 -5.35 5.66 7.61
C VAL B 611 -5.52 4.20 7.22
N ALA B 612 -4.42 3.44 7.25
CA ALA B 612 -4.48 2.04 6.80
C ALA B 612 -5.34 1.19 7.74
N LEU B 613 -5.21 1.40 9.05
CA LEU B 613 -5.93 0.56 10.00
C LEU B 613 -7.43 0.88 10.00
N THR B 614 -7.78 2.16 9.95
CA THR B 614 -9.19 2.54 10.02
C THR B 614 -9.93 2.22 8.72
N SER B 615 -9.31 2.52 7.58
CA SER B 615 -9.99 2.32 6.30
C SER B 615 -10.18 0.83 6.00
N SER B 616 -9.20 0.00 6.36
CA SER B 616 -9.29 -1.42 6.08
C SER B 616 -10.12 -2.18 7.10
N ALA B 617 -10.55 -1.55 8.18
CA ALA B 617 -11.38 -2.21 9.17
C ALA B 617 -12.87 -1.97 8.94
N LEU B 618 -13.23 -0.77 8.48
CA LEU B 618 -14.63 -0.47 8.19
C LEU B 618 -15.09 -0.96 6.83
N ILE B 619 -14.16 -1.34 5.95
CA ILE B 619 -14.52 -1.86 4.64
C ILE B 619 -14.73 -3.36 4.67
N ILE B 620 -13.85 -4.10 5.36
CA ILE B 620 -14.01 -5.54 5.49
C ILE B 620 -15.26 -5.87 6.29
N GLU B 621 -15.49 -5.14 7.38
CA GLU B 621 -16.65 -5.40 8.22
C GLU B 621 -17.95 -5.13 7.49
N ARG B 622 -18.00 -4.04 6.71
CA ARG B 622 -19.24 -3.68 6.04
C ARG B 622 -19.53 -4.59 4.85
N MET B 623 -18.49 -4.93 4.07
CA MET B 623 -18.69 -5.75 2.88
C MET B 623 -19.02 -7.20 3.21
N GLU B 624 -18.74 -7.64 4.44
CA GLU B 624 -19.05 -9.00 4.87
C GLU B 624 -20.41 -9.12 5.54
N GLY B 625 -21.17 -8.02 5.62
CA GLY B 625 -22.45 -8.04 6.28
C GLY B 625 -22.40 -8.02 7.80
N LEU B 626 -21.22 -7.82 8.38
CA LEU B 626 -21.11 -7.83 9.84
C LEU B 626 -21.76 -6.60 10.46
N LEU B 627 -21.57 -5.43 9.85
CA LEU B 627 -22.15 -4.21 10.41
C LEU B 627 -23.67 -4.23 10.34
N ASP B 628 -24.22 -4.72 9.21
CA ASP B 628 -25.67 -4.74 9.06
C ASP B 628 -26.32 -5.73 10.03
N ARG B 629 -25.70 -6.90 10.24
CA ARG B 629 -26.28 -7.87 11.14
C ARG B 629 -26.24 -7.40 12.59
N SER B 630 -25.20 -6.66 12.97
CA SER B 630 -25.14 -6.12 14.33
C SER B 630 -26.11 -4.97 14.51
N TRP B 631 -26.43 -4.24 13.45
CA TRP B 631 -27.39 -3.16 13.54
C TRP B 631 -28.78 -3.69 13.89
N VAL B 632 -29.17 -4.81 13.30
CA VAL B 632 -30.46 -5.42 13.61
C VAL B 632 -30.52 -5.82 15.07
N ALA B 633 -29.39 -6.15 15.68
CA ALA B 633 -29.33 -6.49 17.10
C ALA B 633 -29.52 -5.29 18.00
N GLY B 634 -29.84 -4.11 17.46
CA GLY B 634 -30.08 -2.92 18.25
C GLY B 634 -28.89 -2.01 18.44
N VAL B 635 -27.71 -2.40 17.97
CA VAL B 635 -26.52 -1.58 18.14
C VAL B 635 -26.65 -0.37 17.22
N THR B 636 -26.81 0.81 17.82
CA THR B 636 -27.00 2.04 17.05
C THR B 636 -25.71 2.41 16.32
N PRO B 637 -25.82 3.16 15.22
CA PRO B 637 -24.61 3.60 14.52
C PRO B 637 -23.71 4.48 15.37
N GLY B 638 -24.26 5.16 16.39
CA GLY B 638 -23.43 5.96 17.27
C GLY B 638 -22.53 5.16 18.17
N GLU B 639 -22.88 3.91 18.45
CA GLU B 639 -22.04 3.04 19.25
C GLU B 639 -20.99 2.30 18.43
N ILE B 640 -21.25 2.10 17.13
CA ILE B 640 -20.22 1.54 16.26
C ILE B 640 -19.11 2.55 16.04
N LEU B 641 -19.47 3.82 15.85
CA LEU B 641 -18.46 4.86 15.63
C LEU B 641 -17.67 5.14 16.90
N PHE B 642 -18.35 5.22 18.04
CA PHE B 642 -17.66 5.53 19.30
C PHE B 642 -16.70 4.42 19.69
N SER B 643 -17.09 3.16 19.46
CA SER B 643 -16.22 2.04 19.83
C SER B 643 -14.99 1.96 18.94
N HIS B 644 -15.09 2.42 17.70
CA HIS B 644 -13.94 2.39 16.81
C HIS B 644 -12.95 3.50 17.14
N VAL B 645 -13.45 4.67 17.56
CA VAL B 645 -12.56 5.77 17.93
C VAL B 645 -11.74 5.42 19.16
N VAL B 646 -12.38 4.80 20.16
CA VAL B 646 -11.67 4.45 21.39
C VAL B 646 -10.58 3.43 21.10
N THR B 647 -10.89 2.41 20.29
CA THR B 647 -9.87 1.41 19.94
C THR B 647 -8.73 2.03 19.16
N GLN B 648 -9.05 2.92 18.20
CA GLN B 648 -8.00 3.58 17.43
C GLN B 648 -7.16 4.49 18.30
N PHE B 649 -7.79 5.19 19.24
CA PHE B 649 -7.05 6.10 20.12
C PHE B 649 -6.07 5.33 20.99
N VAL B 650 -6.46 4.17 21.51
CA VAL B 650 -5.57 3.37 22.33
C VAL B 650 -4.41 2.84 21.49
N VAL B 651 -4.69 2.41 20.26
CA VAL B 651 -3.63 1.91 19.39
C VAL B 651 -2.64 3.02 19.05
N MET B 652 -3.15 4.19 18.68
CA MET B 652 -2.27 5.31 18.34
C MET B 652 -1.55 5.86 19.57
N CYS B 653 -2.07 5.62 20.76
CA CYS B 653 -1.37 5.98 21.99
C CYS B 653 -0.33 4.95 22.39
N GLY B 654 -0.36 3.76 21.78
CA GLY B 654 0.61 2.73 22.08
C GLY B 654 1.76 2.72 21.10
N GLN B 655 1.49 3.14 19.86
CA GLN B 655 2.52 3.26 18.84
C GLN B 655 3.13 4.66 18.80
N THR B 656 2.69 5.57 19.65
CA THR B 656 3.32 6.87 19.80
C THR B 656 4.41 6.85 20.87
N ALA B 657 4.16 6.14 21.98
CA ALA B 657 5.17 5.99 23.01
C ALA B 657 6.33 5.09 22.58
N LEU B 658 6.20 4.40 21.45
CA LEU B 658 7.28 3.55 20.95
C LEU B 658 8.21 4.30 20.00
N VAL B 659 7.66 5.14 19.12
CA VAL B 659 8.48 5.95 18.23
C VAL B 659 9.12 7.13 18.95
N LEU B 660 8.68 7.44 20.16
CA LEU B 660 9.28 8.50 20.96
C LEU B 660 10.35 7.97 21.91
N ILE B 661 10.08 6.84 22.56
CA ILE B 661 11.08 6.25 23.45
C ILE B 661 12.29 5.79 22.66
N PHE B 662 12.08 5.15 21.51
CA PHE B 662 13.17 4.59 20.73
C PHE B 662 13.95 5.64 19.95
N MET B 663 13.47 6.87 19.87
CA MET B 663 14.18 7.90 19.12
C MET B 663 14.67 9.07 19.96
N ILE B 664 14.03 9.36 21.09
CA ILE B 664 14.46 10.44 21.97
C ILE B 664 15.31 9.93 23.12
N LEU B 665 14.96 8.77 23.67
CA LEU B 665 15.67 8.22 24.82
C LEU B 665 16.84 7.33 24.42
N VAL B 666 16.68 6.50 23.40
CA VAL B 666 17.71 5.52 23.04
C VAL B 666 18.77 6.13 22.13
N PHE B 667 18.35 6.72 21.01
CA PHE B 667 19.28 7.25 20.02
C PHE B 667 19.66 8.71 20.27
N GLY B 668 19.13 9.33 21.33
CA GLY B 668 19.57 10.65 21.75
C GLY B 668 19.27 11.78 20.79
N VAL B 669 18.07 11.82 20.22
CA VAL B 669 17.65 12.97 19.44
C VAL B 669 17.29 14.10 20.41
N GLN B 670 17.83 15.28 20.17
CA GLN B 670 17.68 16.38 21.12
C GLN B 670 16.23 16.84 21.18
N CYS B 671 15.76 17.11 22.39
CA CYS B 671 14.41 17.59 22.66
C CYS B 671 14.52 18.81 23.56
N LYS B 672 14.68 19.99 22.94
CA LYS B 672 14.84 21.23 23.71
C LYS B 672 13.53 21.80 24.22
N GLY B 673 12.40 21.33 23.68
CA GLY B 673 11.10 21.83 24.09
C GLY B 673 10.45 20.97 25.17
N ASP B 674 9.19 21.27 25.43
CA ASP B 674 8.42 20.52 26.42
C ASP B 674 7.87 19.25 25.79
N ILE B 675 8.10 18.12 26.46
CA ILE B 675 7.63 16.84 25.93
C ILE B 675 6.11 16.70 26.04
N GLY B 676 5.48 17.50 26.90
CA GLY B 676 4.03 17.42 27.02
C GLY B 676 3.30 17.87 25.78
N TRP B 677 3.76 18.96 25.17
CA TRP B 677 3.10 19.49 23.97
C TRP B 677 3.41 18.65 22.74
N VAL B 678 4.57 17.99 22.71
CA VAL B 678 4.90 17.15 21.57
C VAL B 678 3.96 15.95 21.50
N ILE B 679 3.62 15.37 22.66
CA ILE B 679 2.73 14.21 22.69
C ILE B 679 1.36 14.58 22.15
N VAL B 680 0.84 15.74 22.54
CA VAL B 680 -0.49 16.15 22.11
C VAL B 680 -0.53 16.37 20.60
N LEU B 681 0.51 17.01 20.05
CA LEU B 681 0.54 17.26 18.62
C LEU B 681 0.61 15.95 17.83
N THR B 682 1.41 14.99 18.30
CA THR B 682 1.49 13.70 17.63
C THR B 682 0.16 12.97 17.66
N ILE B 683 -0.53 13.02 18.80
CA ILE B 683 -1.83 12.37 18.91
C ILE B 683 -2.86 13.08 18.03
N LEU B 684 -2.81 14.42 17.98
CA LEU B 684 -3.73 15.17 17.14
C LEU B 684 -3.57 14.80 15.67
N GLN B 685 -2.35 14.45 15.25
CA GLN B 685 -2.14 14.00 13.88
C GLN B 685 -2.74 12.62 13.65
N GLY B 686 -2.74 11.76 14.67
CA GLY B 686 -3.37 10.46 14.53
C GLY B 686 -4.87 10.56 14.35
N LEU B 687 -5.52 11.46 15.10
CA LEU B 687 -6.95 11.68 14.90
C LEU B 687 -7.24 12.24 13.52
N CYS B 688 -6.39 13.15 13.05
CA CYS B 688 -6.55 13.68 11.69
C CYS B 688 -6.37 12.57 10.65
N GLY B 689 -5.42 11.66 10.89
CA GLY B 689 -5.25 10.53 10.00
C GLY B 689 -6.43 9.58 10.03
N MET B 690 -6.96 9.31 11.22
CA MET B 690 -8.12 8.42 11.33
C MET B 690 -9.34 9.01 10.63
N CYS B 691 -9.55 10.32 10.78
CA CYS B 691 -10.67 10.97 10.12
C CYS B 691 -10.53 10.93 8.60
N PHE B 692 -9.31 10.79 8.08
CA PHE B 692 -9.15 10.58 6.65
C PHE B 692 -9.53 9.16 6.26
N GLY B 693 -9.41 8.21 7.19
CA GLY B 693 -9.87 6.86 6.91
C GLY B 693 -11.36 6.77 6.69
N PHE B 694 -12.13 7.61 7.37
CA PHE B 694 -13.58 7.63 7.16
C PHE B 694 -13.93 8.08 5.75
N VAL B 695 -13.19 9.06 5.21
CA VAL B 695 -13.46 9.55 3.87
C VAL B 695 -13.19 8.46 2.84
N ILE B 696 -12.06 7.76 2.97
CA ILE B 696 -11.70 6.73 2.00
C ILE B 696 -12.70 5.58 2.04
N SER B 697 -13.06 5.13 3.24
CA SER B 697 -13.98 4.01 3.38
C SER B 697 -15.42 4.39 3.05
N ALA B 698 -15.72 5.67 2.87
CA ALA B 698 -17.06 6.11 2.50
C ALA B 698 -17.26 6.19 0.99
N ILE B 699 -16.18 6.18 0.22
CA ILE B 699 -16.27 6.24 -1.24
C ILE B 699 -15.73 4.99 -1.92
N CYS B 700 -15.04 4.12 -1.20
CA CYS B 700 -14.47 2.91 -1.78
C CYS B 700 -15.22 1.69 -1.25
N GLU B 701 -15.72 0.87 -2.17
CA GLU B 701 -16.44 -0.34 -1.80
C GLU B 701 -15.60 -1.60 -1.92
N LEU B 702 -14.58 -1.59 -2.77
CA LEU B 702 -13.67 -2.71 -2.94
C LEU B 702 -12.39 -2.48 -2.15
N GLU B 703 -11.81 -3.58 -1.66
CA GLU B 703 -10.58 -3.48 -0.87
C GLU B 703 -9.43 -2.93 -1.71
N ARG B 704 -9.31 -3.38 -2.97
CA ARG B 704 -8.21 -2.94 -3.82
C ARG B 704 -8.33 -1.47 -4.23
N ASN B 705 -9.54 -0.91 -4.22
CA ASN B 705 -9.72 0.48 -4.60
C ASN B 705 -9.27 1.44 -3.50
N ALA B 706 -9.44 1.05 -2.23
CA ALA B 706 -9.01 1.92 -1.15
C ALA B 706 -7.48 2.00 -1.06
N ILE B 707 -6.77 0.93 -1.44
CA ILE B 707 -5.33 0.94 -1.38
C ILE B 707 -4.76 1.94 -2.40
N GLN B 708 -5.30 1.95 -3.62
CA GLN B 708 -4.82 2.89 -4.63
C GLN B 708 -5.10 4.33 -4.22
N LEU B 709 -6.29 4.59 -3.67
CA LEU B 709 -6.64 5.95 -3.26
C LEU B 709 -5.77 6.43 -2.10
N ALA B 710 -5.53 5.56 -1.12
CA ALA B 710 -4.68 5.93 0.01
C ALA B 710 -3.25 6.17 -0.42
N LEU B 711 -2.71 5.30 -1.28
CA LEU B 711 -1.33 5.48 -1.75
C LEU B 711 -1.24 6.60 -2.76
N GLY B 712 -2.30 6.86 -3.52
CA GLY B 712 -2.30 7.90 -4.52
C GLY B 712 -2.43 9.31 -3.99
N SER B 713 -2.67 9.47 -2.69
CA SER B 713 -2.77 10.78 -2.07
C SER B 713 -1.72 11.02 -1.00
N PHE B 714 -1.23 9.96 -0.34
CA PHE B 714 -0.19 10.14 0.68
C PHE B 714 1.17 10.40 0.05
N TYR B 715 1.46 9.74 -1.08
CA TYR B 715 2.76 9.95 -1.73
C TYR B 715 2.97 11.39 -2.18
N PRO B 716 2.05 12.03 -2.90
CA PRO B 716 2.30 13.44 -3.29
C PRO B 716 2.41 14.37 -2.11
N THR B 717 1.63 14.13 -1.05
CA THR B 717 1.65 15.01 0.12
C THR B 717 3.00 14.92 0.84
N LEU B 718 3.52 13.70 1.00
CA LEU B 718 4.81 13.53 1.65
C LEU B 718 5.93 14.21 0.89
N LEU B 719 5.82 14.27 -0.44
CA LEU B 719 6.84 14.90 -1.28
C LEU B 719 6.66 16.41 -1.37
N LEU B 720 5.61 16.97 -0.78
CA LEU B 720 5.35 18.40 -0.83
C LEU B 720 5.28 19.05 0.54
N SER B 721 5.52 18.31 1.62
CA SER B 721 5.43 18.83 2.96
C SER B 721 6.78 19.22 3.55
N GLY B 722 7.86 19.11 2.78
CA GLY B 722 9.18 19.48 3.26
C GLY B 722 9.68 18.63 4.40
N VAL B 723 9.55 17.31 4.29
CA VAL B 723 10.04 16.41 5.32
C VAL B 723 11.54 16.16 5.17
N ILE B 724 12.00 15.88 3.95
CA ILE B 724 13.38 15.53 3.69
C ILE B 724 14.15 16.67 3.04
N TRP B 725 13.55 17.86 2.95
CA TRP B 725 14.24 19.02 2.38
C TRP B 725 13.54 20.27 2.87
N PRO B 726 14.28 21.36 3.09
CA PRO B 726 13.64 22.60 3.54
C PRO B 726 12.60 23.09 2.54
N ILE B 727 11.52 23.67 3.07
CA ILE B 727 10.45 24.19 2.24
C ILE B 727 10.90 25.41 1.45
N GLU B 728 11.98 26.08 1.89
CA GLU B 728 12.46 27.28 1.21
C GLU B 728 12.97 27.00 -0.20
N GLY B 729 13.29 25.75 -0.52
CA GLY B 729 13.79 25.42 -1.84
C GLY B 729 12.73 25.40 -2.92
N MET B 730 11.47 25.30 -2.54
CA MET B 730 10.38 25.23 -3.50
C MET B 730 10.18 26.58 -4.20
N PRO B 731 9.61 26.58 -5.40
CA PRO B 731 9.22 27.84 -6.03
C PRO B 731 8.16 28.56 -5.22
N THR B 732 8.12 29.89 -5.36
CA THR B 732 7.23 30.71 -4.55
C THR B 732 5.76 30.35 -4.78
N VAL B 733 5.38 30.06 -6.02
CA VAL B 733 3.99 29.70 -6.31
C VAL B 733 3.66 28.35 -5.70
N LEU B 734 4.54 27.36 -5.85
CA LEU B 734 4.30 26.04 -5.29
C LEU B 734 4.43 26.05 -3.77
N ARG B 735 5.19 26.98 -3.20
CA ARG B 735 5.31 27.07 -1.75
C ARG B 735 4.00 27.51 -1.11
N TYR B 736 3.27 28.42 -1.75
CA TYR B 736 2.01 28.88 -1.21
C TYR B 736 0.98 27.76 -1.12
N VAL B 737 0.88 26.95 -2.17
CA VAL B 737 -0.06 25.83 -2.17
C VAL B 737 0.33 24.78 -1.14
N SER B 738 1.64 24.57 -0.96
CA SER B 738 2.12 23.51 -0.09
C SER B 738 1.67 23.73 1.35
N THR B 739 1.60 24.98 1.80
CA THR B 739 1.28 25.27 3.20
C THR B 739 -0.12 24.82 3.59
N PHE B 740 -1.00 24.60 2.61
CA PHE B 740 -2.37 24.17 2.89
C PHE B 740 -2.50 22.66 3.05
N LEU B 741 -1.41 21.91 2.85
CA LEU B 741 -1.45 20.46 2.99
C LEU B 741 -1.56 20.09 4.46
N PRO B 742 -2.04 18.87 4.76
CA PRO B 742 -2.22 18.49 6.18
C PRO B 742 -0.94 18.51 6.99
N LEU B 743 0.13 17.88 6.51
CA LEU B 743 1.34 17.71 7.30
C LEU B 743 2.35 18.84 7.12
N THR B 744 2.12 19.76 6.18
CA THR B 744 3.12 20.80 5.92
C THR B 744 3.28 21.75 7.09
N LEU B 745 2.16 22.20 7.67
CA LEU B 745 2.23 23.14 8.78
C LEU B 745 2.48 22.45 10.12
N ALA B 746 2.08 21.18 10.25
CA ALA B 746 2.30 20.47 11.49
C ALA B 746 3.75 20.06 11.66
N THR B 747 4.41 19.70 10.55
CA THR B 747 5.82 19.31 10.62
C THR B 747 6.70 20.47 11.05
N THR B 748 6.43 21.67 10.53
CA THR B 748 7.22 22.84 10.90
C THR B 748 7.06 23.16 12.38
N SER B 749 5.84 23.03 12.91
CA SER B 749 5.61 23.31 14.33
C SER B 749 6.38 22.34 15.21
N LEU B 750 6.39 21.05 14.85
CA LEU B 750 7.12 20.07 15.64
C LEU B 750 8.63 20.28 15.55
N ARG B 751 9.12 20.67 14.38
CA ARG B 751 10.55 20.90 14.21
C ARG B 751 11.03 22.06 15.08
N ALA B 752 10.25 23.14 15.13
CA ALA B 752 10.62 24.28 15.95
C ALA B 752 10.46 24.02 17.44
N MET B 753 9.70 22.99 17.81
CA MET B 753 9.50 22.64 19.21
C MET B 753 10.54 21.65 19.73
N LEU B 754 11.39 21.11 18.86
CA LEU B 754 12.43 20.17 19.25
C LEU B 754 13.84 20.69 19.05
N THR B 755 14.09 21.36 17.93
CA THR B 755 15.41 21.90 17.63
C THR B 755 15.61 23.32 18.14
N ARG B 756 14.57 23.96 18.66
CA ARG B 756 14.67 25.33 19.17
C ARG B 756 14.09 25.52 20.55
N GLY B 757 13.20 24.64 21.02
CA GLY B 757 12.63 24.80 22.34
C GLY B 757 11.58 25.87 22.47
N TRP B 758 10.94 26.26 21.37
CA TRP B 758 9.90 27.29 21.43
C TRP B 758 8.67 26.77 22.16
N SER B 759 7.90 27.71 22.71
CA SER B 759 6.73 27.38 23.50
C SER B 759 5.48 27.41 22.62
N ILE B 760 4.32 27.14 23.24
CA ILE B 760 3.07 27.14 22.51
C ILE B 760 2.70 28.54 22.06
N ALA B 761 2.99 29.55 22.88
CA ALA B 761 2.64 30.94 22.58
C ALA B 761 3.65 31.56 21.62
N GLU B 762 3.75 30.96 20.43
CA GLU B 762 4.62 31.45 19.38
C GLU B 762 3.91 31.23 18.05
N PRO B 763 3.86 32.25 17.18
CA PRO B 763 3.14 32.09 15.90
C PRO B 763 3.64 30.94 15.05
N ALA B 764 4.91 30.57 15.17
CA ALA B 764 5.43 29.46 14.38
C ALA B 764 5.09 28.09 14.97
N VAL B 765 4.49 28.05 16.15
CA VAL B 765 4.20 26.79 16.84
C VAL B 765 2.71 26.49 16.85
N TYR B 766 1.89 27.42 17.36
CA TYR B 766 0.46 27.15 17.47
C TYR B 766 -0.25 27.18 16.14
N TYR B 767 0.41 27.64 15.07
CA TYR B 767 -0.19 27.55 13.74
C TYR B 767 -0.34 26.10 13.29
N GLY B 768 0.49 25.20 13.82
CA GLY B 768 0.37 23.80 13.49
C GLY B 768 -0.79 23.10 14.17
N PHE B 769 -1.28 23.64 15.29
CA PHE B 769 -2.43 23.06 15.95
C PHE B 769 -3.73 23.47 15.26
N LEU B 770 -3.83 24.73 14.84
CA LEU B 770 -5.02 25.17 14.11
C LEU B 770 -5.11 24.49 12.75
N ALA B 771 -3.98 24.31 12.07
CA ALA B 771 -4.00 23.66 10.76
C ALA B 771 -4.44 22.21 10.87
N THR B 772 -3.98 21.50 11.91
CA THR B 772 -4.34 20.10 12.07
C THR B 772 -5.72 19.89 12.68
N ILE B 773 -6.33 20.94 13.25
CA ILE B 773 -7.68 20.84 13.77
C ILE B 773 -8.72 21.14 12.69
N ILE B 774 -8.42 22.12 11.82
CA ILE B 774 -9.32 22.43 10.71
C ILE B 774 -9.47 21.23 9.80
N TRP B 775 -8.37 20.49 9.58
CA TRP B 775 -8.44 19.31 8.72
C TRP B 775 -9.27 18.20 9.33
N ILE B 776 -9.27 18.09 10.67
CA ILE B 776 -10.15 17.12 11.32
C ILE B 776 -11.61 17.46 11.04
N VAL B 777 -11.97 18.75 11.17
CA VAL B 777 -13.34 19.16 10.87
C VAL B 777 -13.64 19.00 9.39
N ALA B 778 -12.68 19.38 8.53
CA ALA B 778 -12.91 19.28 7.09
C ALA B 778 -13.09 17.83 6.65
N PHE B 779 -12.28 16.92 7.20
CA PHE B 779 -12.42 15.51 6.84
C PHE B 779 -13.72 14.92 7.38
N LEU B 780 -14.20 15.42 8.52
CA LEU B 780 -15.47 14.96 9.06
C LEU B 780 -16.67 15.58 8.36
N THR B 781 -16.46 16.58 7.51
CA THR B 781 -17.54 17.18 6.73
C THR B 781 -17.71 16.49 5.39
N ILE B 782 -16.60 16.19 4.71
CA ILE B 782 -16.68 15.50 3.42
C ILE B 782 -17.29 14.12 3.58
N SER B 783 -16.94 13.42 4.66
CA SER B 783 -17.48 12.08 4.88
C SER B 783 -18.99 12.11 5.06
N MET B 784 -19.50 13.08 5.82
CA MET B 784 -20.95 13.22 5.97
C MET B 784 -21.61 13.61 4.65
N LEU B 785 -20.97 14.49 3.88
CA LEU B 785 -21.52 14.88 2.59
C LEU B 785 -21.52 13.69 1.63
N VAL B 786 -20.50 12.86 1.69
CA VAL B 786 -20.44 11.68 0.82
C VAL B 786 -21.59 10.73 1.13
N LEU B 787 -21.84 10.48 2.42
CA LEU B 787 -22.92 9.59 2.82
C LEU B 787 -24.30 10.20 2.60
N ARG B 788 -24.38 11.50 2.30
CA ARG B 788 -25.68 12.11 2.02
C ARG B 788 -26.31 11.51 0.77
N PHE B 789 -25.51 11.28 -0.27
CA PHE B 789 -25.97 10.64 -1.50
C PHE B 789 -25.09 9.43 -1.77
N LYS B 790 -25.45 8.31 -1.16
CA LYS B 790 -24.70 7.07 -1.32
C LYS B 790 -25.51 5.89 -0.77
C10 A1D7U C . -4.01 -3.47 -6.76
C13 A1D7U C . -2.14 -1.40 -6.62
C15 A1D7U C . -5.61 -5.30 -12.95
C17 A1D7U C . 0.20 -1.85 -3.09
C20 A1D7U C . 1.26 -2.59 -2.55
C21 A1D7U C . 1.28 -3.97 -2.65
C22 A1D7U C . -3.97 -7.01 -15.78
O01 A1D7U C . -4.30 -3.11 -9.12
O02 A1D7U C . -1.88 -1.78 -4.29
O03 A1D7U C . -4.94 -5.43 -14.13
O04 A1D7U C . -6.84 -5.35 -12.98
N05 A1D7U C . -4.91 -5.14 -11.76
C06 A1D7U C . -4.61 -4.51 -9.29
C07 A1D7U C . -5.64 -4.77 -10.46
C08 A1D7U C . -3.70 -2.78 -7.91
C09 A1D7U C . -2.48 -2.11 -5.49
C11 A1D7U C . -2.77 -1.74 -7.85
C12 A1D7U C . -3.40 -3.13 -5.52
C14 A1D7U C . -0.82 -2.50 -3.74
C16 A1D7U C . -0.81 -3.89 -3.85
C18 A1D7U C . -4.08 -6.58 -14.31
C19 A1D7U C . 0.24 -4.62 -3.30
C10 A1D7S D . 8.73 -15.72 3.27
C13 A1D7S D . 5.96 -13.90 5.23
C15 A1D7S D . 3.87 -15.40 5.15
C17 A1D7S D . 2.25 -17.38 5.53
C21 A1D7S D . 0.09 -15.17 4.93
C22 A1D7S D . 0.08 -14.34 6.23
C24 A1D7S D . 1.44 -12.64 5.32
C26 A1D7S D . 2.12 -11.43 7.45
C28 A1D7S D . 3.11 -9.11 7.50
C01 A1D7S D . 13.08 -7.51 -0.67
C02 A1D7S D . 13.60 -8.50 0.39
C03 A1D7S D . 13.32 -9.96 0.01
C04 A1D7S D . 12.38 -10.67 1.02
C05 A1D7S D . 12.71 -12.19 1.15
C06 A1D7S D . 11.43 -13.07 1.24
C07 A1D7S D . 10.29 -12.36 2.03
C08 A1D7S D . 9.13 -13.34 2.36
C09 A1D7S D . 9.59 -14.82 2.33
C11 A1D7S D . 8.20 -14.95 4.50
C12 A1D7S D . 6.68 -15.19 4.74
C14 A1D7S D . 4.58 -14.23 5.89
C16 A1D7S D . 3.36 -16.48 6.16
C18 A1D7S D . 0.85 -17.06 6.10
C25 A1D7S D . 1.43 -11.29 6.08
C27 A1D7S D . 3.42 -10.61 7.51
C29 A1D7S D . 4.23 -8.40 7.59
C30 A1D7S D . 5.02 -7.08 7.65
C31 A1D7S D . 6.47 -7.31 8.09
C32 A1D7S D . 6.70 -6.75 9.27
C33 A1D7S D . 7.61 -6.40 10.46
C34 A1D7S D . 9.09 -6.23 10.01
C35 A1D7S D . 10.09 -6.84 10.69
C36 A1D7S D . 9.16 -7.52 11.74
C37 A1D7S D . 9.98 -8.16 12.87
C38 A1D7S D . 10.36 -7.26 13.78
C39 A1D7S D . 10.44 -5.82 14.34
C40 A1D7S D . 11.85 -5.23 14.19
C41 A1D7S D . 12.60 -5.01 15.26
C42 A1D7S D . 12.04 -5.35 16.66
C43 A1D7S D . 12.77 -4.57 17.77
C44 A1D7S D . -1.03 -14.68 4.01
C50 A1D7S D . -5.18 -17.84 4.40
C51 A1D7S D . -6.51 -17.66 5.16
N52 A1D7S D . -7.54 -17.10 4.28
O19 A1D7S D . 0.60 -17.29 7.24
O20 A1D7S D . -0.14 -16.50 5.27
O23 A1D7S D . 1.33 -13.67 6.29
O45 A1D7S D . -2.28 -15.06 4.56
O47 A1D7S D . -3.57 -16.05 2.53
O48 A1D7S D . -2.14 -17.47 3.57
O49 A1D7S D . -4.29 -16.85 4.88
P46 A1D7S D . -3.06 -16.37 3.88
C10 A1D7S E . -3.89 9.25 -9.01
C13 A1D7S E . -6.15 8.12 -8.12
C15 A1D7S E . -7.17 5.80 -7.80
C17 A1D7S E . -9.74 5.68 -7.51
C21 A1D7S E . -13.09 4.97 -7.94
C22 A1D7S E . -13.84 6.30 -8.12
C24 A1D7S E . -14.36 7.90 -6.44
C26 A1D7S E . -12.74 9.71 -7.19
C28 A1D7S E . -13.55 11.29 -5.36
C01 A1D7S E . 0.01 16.11 -12.89
C02 A1D7S E . -0.22 14.71 -13.50
C03 A1D7S E . -1.73 14.44 -13.80
C04 A1D7S E . -2.54 14.20 -12.49
C05 A1D7S E . -3.93 13.54 -12.78
C06 A1D7S E . -4.39 12.62 -11.62
C07 A1D7S E . -3.30 11.57 -11.22
C08 A1D7S E . -3.03 11.58 -9.69
C09 A1D7S E . -2.64 10.17 -9.16
C11 A1D7S E . -3.60 8.04 -8.08
C12 A1D7S E . -4.91 7.28 -7.73
C14 A1D7S E . -7.39 7.23 -8.38
C16 A1D7S E . -8.45 4.91 -7.95
C18 A1D7S E . -10.88 4.68 -7.26
C25 A1D7S E . -12.88 8.28 -6.61
C27 A1D7S E . -13.89 10.60 -6.71
C29 A1D7S E . -12.24 11.37 -5.18
C30 A1D7S E . -10.99 11.77 -4.37
C31 A1D7S E . -11.34 12.57 -3.10
C32 A1D7S E . -10.28 12.75 -2.32
C33 A1D7S E . -9.58 13.28 -1.05
C34 A1D7S E . -10.31 14.54 -0.50
C35 A1D7S E . -9.62 15.63 -0.09
C36 A1D7S E . -8.22 15.04 -0.41
C37 A1D7S E . -7.33 16.09 -1.10
C38 A1D7S E . -6.07 16.02 -0.67
C39 A1D7S E . -4.95 15.39 0.19
C40 A1D7S E . -5.36 15.34 1.67
C41 A1D7S E . -4.85 14.39 2.43
C42 A1D7S E . -3.87 13.38 1.81
C43 A1D7S E . -2.42 13.62 2.30
C44 A1D7S E . -14.08 3.85 -7.59
C50 A1D7S E . -16.30 1.50 -10.54
C51 A1D7S E . -15.77 0.65 -9.39
N52 A1D7S E . -14.71 -0.26 -9.86
O19 A1D7S E . -10.67 3.53 -7.39
O20 A1D7S E . -12.17 5.13 -6.90
O23 A1D7S E . -14.53 6.56 -6.90
O45 A1D7S E . -15.36 4.16 -8.13
O47 A1D7S E . -16.04 5.17 -10.40
O48 A1D7S E . -14.38 3.65 -10.47
O49 A1D7S E . -16.75 2.73 -10.02
P46 A1D7S E . -15.63 3.92 -9.77
C10 A1D7U F . -5.49 -3.68 6.38
C13 A1D7U F . -2.89 -2.93 5.72
C15 A1D7U F . -8.02 -6.11 11.15
C17 A1D7U F . -3.21 0.27 3.09
C20 A1D7U F . -3.69 1.55 2.78
C21 A1D7U F . -5.05 1.82 2.77
C22 A1D7U F . -9.59 -3.76 13.52
O01 A1D7U F . -4.73 -4.61 8.46
O02 A1D7U F . -3.65 -2.00 3.67
O03 A1D7U F . -8.21 -4.91 11.77
O04 A1D7U F . -8.61 -7.10 11.63
N05 A1D7U F . -7.20 -6.23 10.04
C06 A1D7U F . -5.90 -4.19 9.17
C07 A1D7U F . -7.15 -5.16 8.96
C08 A1D7U F . -4.47 -3.96 7.26
C09 A1D7U F . -3.93 -2.65 4.85
C11 A1D7U F . -3.17 -3.59 6.94
C12 A1D7U F . -5.22 -3.02 5.16
C14 A1D7U F . -4.11 -0.73 3.37
C16 A1D7U F . -5.47 -0.48 3.36
C18 A1D7U F . -8.62 -4.89 13.16
C19 A1D7U F . -5.95 0.80 3.06
#